data_8E1B
# 
_entry.id   8E1B 
# 
_audit_conform.dict_name       mmcif_pdbx.dic 
_audit_conform.dict_version    5.398 
_audit_conform.dict_location   http://mmcif.pdb.org/dictionaries/ascii/mmcif_pdbx.dic 
# 
loop_
_database_2.database_id 
_database_2.database_code 
_database_2.pdbx_database_accession 
_database_2.pdbx_DOI 
PDB   8E1B         pdb_00008e1b 10.2210/pdb8e1b/pdb 
WWPDB D_1000267502 ?            ?                   
# 
loop_
_pdbx_audit_revision_history.ordinal 
_pdbx_audit_revision_history.data_content_type 
_pdbx_audit_revision_history.major_revision 
_pdbx_audit_revision_history.minor_revision 
_pdbx_audit_revision_history.revision_date 
1 'Structure model' 1 0 2023-10-04 
2 'Structure model' 1 1 2024-11-13 
# 
_pdbx_audit_revision_details.ordinal             1 
_pdbx_audit_revision_details.revision_ordinal    1 
_pdbx_audit_revision_details.data_content_type   'Structure model' 
_pdbx_audit_revision_details.provider            repository 
_pdbx_audit_revision_details.type                'Initial release' 
_pdbx_audit_revision_details.description         ? 
_pdbx_audit_revision_details.details             ? 
# 
_pdbx_audit_revision_group.ordinal             1 
_pdbx_audit_revision_group.revision_ordinal    2 
_pdbx_audit_revision_group.data_content_type   'Structure model' 
_pdbx_audit_revision_group.group               'Structure summary' 
# 
loop_
_pdbx_audit_revision_category.ordinal 
_pdbx_audit_revision_category.revision_ordinal 
_pdbx_audit_revision_category.data_content_type 
_pdbx_audit_revision_category.category 
1 2 'Structure model' pdbx_entry_details        
2 2 'Structure model' pdbx_modification_feature 
# 
_pdbx_database_status.status_code                     REL 
_pdbx_database_status.status_code_sf                  REL 
_pdbx_database_status.status_code_mr                  ? 
_pdbx_database_status.entry_id                        8E1B 
_pdbx_database_status.recvd_initial_deposition_date   2022-08-10 
_pdbx_database_status.SG_entry                        N 
_pdbx_database_status.deposit_site                    RCSB 
_pdbx_database_status.process_site                    RCSB 
_pdbx_database_status.status_code_cs                  ? 
_pdbx_database_status.status_code_nmr_data            ? 
_pdbx_database_status.methods_development_category    ? 
_pdbx_database_status.pdb_format_compatible           Y 
# 
_pdbx_contact_author.id                 2 
_pdbx_contact_author.email              dean.r.madden@dartmouth.edu 
_pdbx_contact_author.name_first         Dean 
_pdbx_contact_author.name_last          Madden 
_pdbx_contact_author.name_mi            R 
_pdbx_contact_author.role               'principal investigator/group leader' 
_pdbx_contact_author.identifier_ORCID   0000-0002-1810-6984 
# 
loop_
_audit_author.name 
_audit_author.pdbx_ordinal 
_audit_author.identifier_ORCID 
'Simard, A.R.' 1 0000-0001-8175-1196 
'Taher, N.M.'  2 0000-0001-8783-120X 
'Mishra, A.K.' 3 0000-0002-5964-7525 
'Madden, D.R.' 4 0000-0002-1810-6984 
# 
loop_
_citation.abstract 
_citation.abstract_id_CAS 
_citation.book_id_ISBN 
_citation.book_publisher 
_citation.book_publisher_city 
_citation.book_title 
_citation.coordinate_linkage 
_citation.country 
_citation.database_id_Medline 
_citation.details 
_citation.id 
_citation.journal_abbrev 
_citation.journal_id_ASTM 
_citation.journal_id_CSD 
_citation.journal_id_ISSN 
_citation.journal_full 
_citation.journal_issue 
_citation.journal_volume 
_citation.language 
_citation.page_first 
_citation.page_last 
_citation.title 
_citation.year 
_citation.database_id_CSD 
_citation.pdbx_database_id_DOI 
_citation.pdbx_database_id_PubMed 
_citation.pdbx_database_id_patent 
_citation.unpublished_flag 
? ? ? ? ? ? ? ? ? ? primary 'To Be Published' ? 0353 ?         ? ? ?    ? ?   ?   
'Crystal Structure of Nanobody VHH108 Specific for PA14 Cif'                                           ?    ? ? ?        ? ? 
? ? ? ? ? ? ? ? ? ? 1       'Anal Chim Acta'  ? ?    1873-4324 ? ? 1057 ? 106 113 
'Nanobody-based binding assay for the discovery of potent inhibitors of CFTR inhibitory factor (Cif).' 2019 ? 
10.1016/j.aca.2018.12.060 30832908 ? ? 
# 
loop_
_citation_author.citation_id 
_citation_author.name 
_citation_author.ordinal 
_citation_author.identifier_ORCID 
primary 'Simard, A.R.'   1  0000-0001-8175-1196 
primary 'Madden, D.R.'   2  0000-0002-1810-6984 
1       'Vasylieva, N.'  3  ?                   
1       'Kitamura, S.'   4  ?                   
1       'Dong, J.'       5  ?                   
1       'Barnych, B.'    6  ?                   
1       'Hvorecny, K.L.' 7  ?                   
1       'Madden, D.R.'   8  ?                   
1       'Gee, S.J.'      9  ?                   
1       'Wolan, D.W.'    10 ?                   
1       'Morisseau, C.'  11 ?                   
1       'Hammock, B.D.'  12 ?                   
# 
loop_
_entity.id 
_entity.type 
_entity.src_method 
_entity.pdbx_description 
_entity.formula_weight 
_entity.pdbx_number_of_molecules 
_entity.pdbx_ec 
_entity.pdbx_mutation 
_entity.pdbx_fragment 
_entity.details 
1 polymer man 'Nanobody VHH108' 16293.013 1  ? ? ? ? 
2 water   nat water             18.015    53 ? ? ? ? 
# 
_entity_poly.entity_id                      1 
_entity_poly.type                           'polypeptide(L)' 
_entity_poly.nstd_linkage                   no 
_entity_poly.nstd_monomer                   no 
_entity_poly.pdbx_seq_one_letter_code       
;MAEVQLVESGGGLVQPGGSLRLSCEATGNFDDRGIGWFRQAPGKEREGIACITTRGRTHYAESVEGRFTISTDIANNAVY
LQMNSLKPEDTAVYYCAKAIRLTTDRTQCVAFPGVSWGRGTQVTVSSGQAGQHHHHHHGAYPYDVPDYAS
;
_entity_poly.pdbx_seq_one_letter_code_can   
;MAEVQLVESGGGLVQPGGSLRLSCEATGNFDDRGIGWFRQAPGKEREGIACITTRGRTHYAESVEGRFTISTDIANNAVY
LQMNSLKPEDTAVYYCAKAIRLTTDRTQCVAFPGVSWGRGTQVTVSSGQAGQHHHHHHGAYPYDVPDYAS
;
_entity_poly.pdbx_strand_id                 A 
_entity_poly.pdbx_target_identifier         ? 
# 
_pdbx_entity_nonpoly.entity_id   2 
_pdbx_entity_nonpoly.name        water 
_pdbx_entity_nonpoly.comp_id     HOH 
# 
loop_
_entity_poly_seq.entity_id 
_entity_poly_seq.num 
_entity_poly_seq.mon_id 
_entity_poly_seq.hetero 
1 1   MET n 
1 2   ALA n 
1 3   GLU n 
1 4   VAL n 
1 5   GLN n 
1 6   LEU n 
1 7   VAL n 
1 8   GLU n 
1 9   SER n 
1 10  GLY n 
1 11  GLY n 
1 12  GLY n 
1 13  LEU n 
1 14  VAL n 
1 15  GLN n 
1 16  PRO n 
1 17  GLY n 
1 18  GLY n 
1 19  SER n 
1 20  LEU n 
1 21  ARG n 
1 22  LEU n 
1 23  SER n 
1 24  CYS n 
1 25  GLU n 
1 26  ALA n 
1 27  THR n 
1 28  GLY n 
1 29  ASN n 
1 30  PHE n 
1 31  ASP n 
1 32  ASP n 
1 33  ARG n 
1 34  GLY n 
1 35  ILE n 
1 36  GLY n 
1 37  TRP n 
1 38  PHE n 
1 39  ARG n 
1 40  GLN n 
1 41  ALA n 
1 42  PRO n 
1 43  GLY n 
1 44  LYS n 
1 45  GLU n 
1 46  ARG n 
1 47  GLU n 
1 48  GLY n 
1 49  ILE n 
1 50  ALA n 
1 51  CYS n 
1 52  ILE n 
1 53  THR n 
1 54  THR n 
1 55  ARG n 
1 56  GLY n 
1 57  ARG n 
1 58  THR n 
1 59  HIS n 
1 60  TYR n 
1 61  ALA n 
1 62  GLU n 
1 63  SER n 
1 64  VAL n 
1 65  GLU n 
1 66  GLY n 
1 67  ARG n 
1 68  PHE n 
1 69  THR n 
1 70  ILE n 
1 71  SER n 
1 72  THR n 
1 73  ASP n 
1 74  ILE n 
1 75  ALA n 
1 76  ASN n 
1 77  ASN n 
1 78  ALA n 
1 79  VAL n 
1 80  TYR n 
1 81  LEU n 
1 82  GLN n 
1 83  MET n 
1 84  ASN n 
1 85  SER n 
1 86  LEU n 
1 87  LYS n 
1 88  PRO n 
1 89  GLU n 
1 90  ASP n 
1 91  THR n 
1 92  ALA n 
1 93  VAL n 
1 94  TYR n 
1 95  TYR n 
1 96  CYS n 
1 97  ALA n 
1 98  LYS n 
1 99  ALA n 
1 100 ILE n 
1 101 ARG n 
1 102 LEU n 
1 103 THR n 
1 104 THR n 
1 105 ASP n 
1 106 ARG n 
1 107 THR n 
1 108 GLN n 
1 109 CYS n 
1 110 VAL n 
1 111 ALA n 
1 112 PHE n 
1 113 PRO n 
1 114 GLY n 
1 115 VAL n 
1 116 SER n 
1 117 TRP n 
1 118 GLY n 
1 119 ARG n 
1 120 GLY n 
1 121 THR n 
1 122 GLN n 
1 123 VAL n 
1 124 THR n 
1 125 VAL n 
1 126 SER n 
1 127 SER n 
1 128 GLY n 
1 129 GLN n 
1 130 ALA n 
1 131 GLY n 
1 132 GLN n 
1 133 HIS n 
1 134 HIS n 
1 135 HIS n 
1 136 HIS n 
1 137 HIS n 
1 138 HIS n 
1 139 GLY n 
1 140 ALA n 
1 141 TYR n 
1 142 PRO n 
1 143 TYR n 
1 144 ASP n 
1 145 VAL n 
1 146 PRO n 
1 147 ASP n 
1 148 TYR n 
1 149 ALA n 
1 150 SER n 
# 
_entity_src_gen.entity_id                          1 
_entity_src_gen.pdbx_src_id                        1 
_entity_src_gen.pdbx_alt_source_flag               sample 
_entity_src_gen.pdbx_seq_type                      'Biological sequence' 
_entity_src_gen.pdbx_beg_seq_num                   1 
_entity_src_gen.pdbx_end_seq_num                   150 
_entity_src_gen.gene_src_common_name               ? 
_entity_src_gen.gene_src_genus                     ? 
_entity_src_gen.pdbx_gene_src_gene                 ? 
_entity_src_gen.gene_src_species                   ? 
_entity_src_gen.gene_src_strain                    ? 
_entity_src_gen.gene_src_tissue                    ? 
_entity_src_gen.gene_src_tissue_fraction           ? 
_entity_src_gen.gene_src_details                   ? 
_entity_src_gen.pdbx_gene_src_fragment             ? 
_entity_src_gen.pdbx_gene_src_scientific_name      'Vicugna pacos' 
_entity_src_gen.pdbx_gene_src_ncbi_taxonomy_id     30538 
_entity_src_gen.pdbx_gene_src_variant              ? 
_entity_src_gen.pdbx_gene_src_cell_line            ? 
_entity_src_gen.pdbx_gene_src_atcc                 ? 
_entity_src_gen.pdbx_gene_src_organ                ? 
_entity_src_gen.pdbx_gene_src_organelle            ? 
_entity_src_gen.pdbx_gene_src_cell                 ? 
_entity_src_gen.pdbx_gene_src_cellular_location    ? 
_entity_src_gen.host_org_common_name               ? 
_entity_src_gen.pdbx_host_org_scientific_name      'Escherichia coli BL21' 
_entity_src_gen.pdbx_host_org_ncbi_taxonomy_id     511693 
_entity_src_gen.host_org_genus                     ? 
_entity_src_gen.pdbx_host_org_gene                 ? 
_entity_src_gen.pdbx_host_org_organ                ? 
_entity_src_gen.host_org_species                   ? 
_entity_src_gen.pdbx_host_org_tissue               ? 
_entity_src_gen.pdbx_host_org_tissue_fraction      ? 
_entity_src_gen.pdbx_host_org_strain               ? 
_entity_src_gen.pdbx_host_org_variant              ? 
_entity_src_gen.pdbx_host_org_cell_line            ? 
_entity_src_gen.pdbx_host_org_atcc                 '(DE3) RIL' 
_entity_src_gen.pdbx_host_org_culture_collection   ? 
_entity_src_gen.pdbx_host_org_cell                 ? 
_entity_src_gen.pdbx_host_org_organelle            ? 
_entity_src_gen.pdbx_host_org_cellular_location    ? 
_entity_src_gen.pdbx_host_org_vector_type          plasmid 
_entity_src_gen.pdbx_host_org_vector               ? 
_entity_src_gen.host_org_details                   ? 
_entity_src_gen.expression_system_id               ? 
_entity_src_gen.plasmid_name                       pComb3X 
_entity_src_gen.plasmid_details                    ? 
_entity_src_gen.pdbx_description                   ? 
# 
loop_
_chem_comp.id 
_chem_comp.type 
_chem_comp.mon_nstd_flag 
_chem_comp.name 
_chem_comp.pdbx_synonyms 
_chem_comp.formula 
_chem_comp.formula_weight 
ALA 'L-peptide linking' y ALANINE         ? 'C3 H7 N O2'     89.093  
ARG 'L-peptide linking' y ARGININE        ? 'C6 H15 N4 O2 1' 175.209 
ASN 'L-peptide linking' y ASPARAGINE      ? 'C4 H8 N2 O3'    132.118 
ASP 'L-peptide linking' y 'ASPARTIC ACID' ? 'C4 H7 N O4'     133.103 
CYS 'L-peptide linking' y CYSTEINE        ? 'C3 H7 N O2 S'   121.158 
GLN 'L-peptide linking' y GLUTAMINE       ? 'C5 H10 N2 O3'   146.144 
GLU 'L-peptide linking' y 'GLUTAMIC ACID' ? 'C5 H9 N O4'     147.129 
GLY 'peptide linking'   y GLYCINE         ? 'C2 H5 N O2'     75.067  
HIS 'L-peptide linking' y HISTIDINE       ? 'C6 H10 N3 O2 1' 156.162 
HOH non-polymer         . WATER           ? 'H2 O'           18.015  
ILE 'L-peptide linking' y ISOLEUCINE      ? 'C6 H13 N O2'    131.173 
LEU 'L-peptide linking' y LEUCINE         ? 'C6 H13 N O2'    131.173 
LYS 'L-peptide linking' y LYSINE          ? 'C6 H15 N2 O2 1' 147.195 
MET 'L-peptide linking' y METHIONINE      ? 'C5 H11 N O2 S'  149.211 
PHE 'L-peptide linking' y PHENYLALANINE   ? 'C9 H11 N O2'    165.189 
PRO 'L-peptide linking' y PROLINE         ? 'C5 H9 N O2'     115.130 
SER 'L-peptide linking' y SERINE          ? 'C3 H7 N O3'     105.093 
THR 'L-peptide linking' y THREONINE       ? 'C4 H9 N O3'     119.119 
TRP 'L-peptide linking' y TRYPTOPHAN      ? 'C11 H12 N2 O2'  204.225 
TYR 'L-peptide linking' y TYROSINE        ? 'C9 H11 N O3'    181.189 
VAL 'L-peptide linking' y VALINE          ? 'C5 H11 N O2'    117.146 
# 
loop_
_pdbx_poly_seq_scheme.asym_id 
_pdbx_poly_seq_scheme.entity_id 
_pdbx_poly_seq_scheme.seq_id 
_pdbx_poly_seq_scheme.mon_id 
_pdbx_poly_seq_scheme.ndb_seq_num 
_pdbx_poly_seq_scheme.pdb_seq_num 
_pdbx_poly_seq_scheme.auth_seq_num 
_pdbx_poly_seq_scheme.pdb_mon_id 
_pdbx_poly_seq_scheme.auth_mon_id 
_pdbx_poly_seq_scheme.pdb_strand_id 
_pdbx_poly_seq_scheme.pdb_ins_code 
_pdbx_poly_seq_scheme.hetero 
A 1 1   MET 1   1   ?   ?   ?   A . n 
A 1 2   ALA 2   2   ?   ?   ?   A . n 
A 1 3   GLU 3   3   ?   ?   ?   A . n 
A 1 4   VAL 4   4   ?   ?   ?   A . n 
A 1 5   GLN 5   5   5   GLN GLN A . n 
A 1 6   LEU 6   6   6   LEU LEU A . n 
A 1 7   VAL 7   7   7   VAL VAL A . n 
A 1 8   GLU 8   8   8   GLU GLU A . n 
A 1 9   SER 9   9   9   SER SER A . n 
A 1 10  GLY 10  10  10  GLY GLY A . n 
A 1 11  GLY 11  11  11  GLY GLY A . n 
A 1 12  GLY 12  12  12  GLY GLY A . n 
A 1 13  LEU 13  13  13  LEU LEU A . n 
A 1 14  VAL 14  14  14  VAL VAL A . n 
A 1 15  GLN 15  15  15  GLN GLN A . n 
A 1 16  PRO 16  16  16  PRO PRO A . n 
A 1 17  GLY 17  17  17  GLY GLY A . n 
A 1 18  GLY 18  18  18  GLY GLY A . n 
A 1 19  SER 19  19  19  SER SER A . n 
A 1 20  LEU 20  20  20  LEU LEU A . n 
A 1 21  ARG 21  21  21  ARG ARG A . n 
A 1 22  LEU 22  22  22  LEU LEU A . n 
A 1 23  SER 23  23  23  SER SER A . n 
A 1 24  CYS 24  24  24  CYS CYS A . n 
A 1 25  GLU 25  25  25  GLU GLU A . n 
A 1 26  ALA 26  26  26  ALA ALA A . n 
A 1 27  THR 27  27  27  THR THR A . n 
A 1 28  GLY 28  28  28  GLY GLY A . n 
A 1 29  ASN 29  29  29  ASN ASN A . n 
A 1 30  PHE 30  30  30  PHE PHE A . n 
A 1 31  ASP 31  31  ?   ?   ?   A . n 
A 1 32  ASP 32  32  ?   ?   ?   A . n 
A 1 33  ARG 33  33  ?   ?   ?   A . n 
A 1 34  GLY 34  34  34  GLY GLY A . n 
A 1 35  ILE 35  35  35  ILE ILE A . n 
A 1 36  GLY 36  36  36  GLY GLY A . n 
A 1 37  TRP 37  37  37  TRP TRP A . n 
A 1 38  PHE 38  38  38  PHE PHE A . n 
A 1 39  ARG 39  39  39  ARG ARG A . n 
A 1 40  GLN 40  40  40  GLN GLN A . n 
A 1 41  ALA 41  41  41  ALA ALA A . n 
A 1 42  PRO 42  42  42  PRO PRO A . n 
A 1 43  GLY 43  43  43  GLY GLY A . n 
A 1 44  LYS 44  44  44  LYS LYS A . n 
A 1 45  GLU 45  45  45  GLU GLU A . n 
A 1 46  ARG 46  46  46  ARG ARG A . n 
A 1 47  GLU 47  47  47  GLU GLU A . n 
A 1 48  GLY 48  48  48  GLY GLY A . n 
A 1 49  ILE 49  49  49  ILE ILE A . n 
A 1 50  ALA 50  50  50  ALA ALA A . n 
A 1 51  CYS 51  51  51  CYS CYS A . n 
A 1 52  ILE 52  52  52  ILE ILE A . n 
A 1 53  THR 53  53  53  THR THR A . n 
A 1 54  THR 54  54  54  THR THR A . n 
A 1 55  ARG 55  55  55  ARG ARG A . n 
A 1 56  GLY 56  56  56  GLY GLY A . n 
A 1 57  ARG 57  57  57  ARG ARG A . n 
A 1 58  THR 58  58  58  THR THR A . n 
A 1 59  HIS 59  59  59  HIS HIS A . n 
A 1 60  TYR 60  60  60  TYR TYR A . n 
A 1 61  ALA 61  61  61  ALA ALA A . n 
A 1 62  GLU 62  62  62  GLU GLU A . n 
A 1 63  SER 63  63  63  SER SER A . n 
A 1 64  VAL 64  64  64  VAL VAL A . n 
A 1 65  GLU 65  65  65  GLU GLU A . n 
A 1 66  GLY 66  66  66  GLY GLY A . n 
A 1 67  ARG 67  67  67  ARG ARG A . n 
A 1 68  PHE 68  68  68  PHE PHE A . n 
A 1 69  THR 69  69  69  THR THR A . n 
A 1 70  ILE 70  70  70  ILE ILE A . n 
A 1 71  SER 71  71  71  SER SER A . n 
A 1 72  THR 72  72  72  THR THR A . n 
A 1 73  ASP 73  73  73  ASP ASP A . n 
A 1 74  ILE 74  74  ?   ?   ?   A . n 
A 1 75  ALA 75  75  ?   ?   ?   A . n 
A 1 76  ASN 76  76  ?   ?   ?   A . n 
A 1 77  ASN 77  77  77  ASN ASN A . n 
A 1 78  ALA 78  78  78  ALA ALA A . n 
A 1 79  VAL 79  79  79  VAL VAL A . n 
A 1 80  TYR 80  80  80  TYR TYR A . n 
A 1 81  LEU 81  81  81  LEU LEU A . n 
A 1 82  GLN 82  82  82  GLN GLN A . n 
A 1 83  MET 83  83  83  MET MET A . n 
A 1 84  ASN 84  84  84  ASN ASN A . n 
A 1 85  SER 85  85  85  SER SER A . n 
A 1 86  LEU 86  86  86  LEU LEU A . n 
A 1 87  LYS 87  87  87  LYS LYS A . n 
A 1 88  PRO 88  88  88  PRO PRO A . n 
A 1 89  GLU 89  89  89  GLU GLU A . n 
A 1 90  ASP 90  90  90  ASP ASP A . n 
A 1 91  THR 91  91  91  THR THR A . n 
A 1 92  ALA 92  92  92  ALA ALA A . n 
A 1 93  VAL 93  93  93  VAL VAL A . n 
A 1 94  TYR 94  94  94  TYR TYR A . n 
A 1 95  TYR 95  95  95  TYR TYR A . n 
A 1 96  CYS 96  96  96  CYS CYS A . n 
A 1 97  ALA 97  97  97  ALA ALA A . n 
A 1 98  LYS 98  98  98  LYS LYS A . n 
A 1 99  ALA 99  99  99  ALA ALA A . n 
A 1 100 ILE 100 100 100 ILE ILE A . n 
A 1 101 ARG 101 101 101 ARG ARG A . n 
A 1 102 LEU 102 102 102 LEU LEU A . n 
A 1 103 THR 103 103 103 THR THR A . n 
A 1 104 THR 104 104 104 THR THR A . n 
A 1 105 ASP 105 105 ?   ?   ?   A . n 
A 1 106 ARG 106 106 ?   ?   ?   A . n 
A 1 107 THR 107 107 107 THR THR A . n 
A 1 108 GLN 108 108 108 GLN GLN A . n 
A 1 109 CYS 109 109 109 CYS CYS A . n 
A 1 110 VAL 110 110 110 VAL VAL A . n 
A 1 111 ALA 111 111 111 ALA ALA A . n 
A 1 112 PHE 112 112 112 PHE PHE A . n 
A 1 113 PRO 113 113 113 PRO PRO A . n 
A 1 114 GLY 114 114 114 GLY GLY A . n 
A 1 115 VAL 115 115 115 VAL VAL A . n 
A 1 116 SER 116 116 116 SER SER A . n 
A 1 117 TRP 117 117 117 TRP TRP A . n 
A 1 118 GLY 118 118 118 GLY GLY A . n 
A 1 119 ARG 119 119 119 ARG ARG A . n 
A 1 120 GLY 120 120 120 GLY GLY A . n 
A 1 121 THR 121 121 121 THR THR A . n 
A 1 122 GLN 122 122 122 GLN GLN A . n 
A 1 123 VAL 123 123 123 VAL VAL A . n 
A 1 124 THR 124 124 124 THR THR A . n 
A 1 125 VAL 125 125 125 VAL VAL A . n 
A 1 126 SER 126 126 126 SER SER A . n 
A 1 127 SER 127 127 127 SER SER A . n 
A 1 128 GLY 128 128 ?   ?   ?   A . n 
A 1 129 GLN 129 129 ?   ?   ?   A . n 
A 1 130 ALA 130 130 ?   ?   ?   A . n 
A 1 131 GLY 131 131 ?   ?   ?   A . n 
A 1 132 GLN 132 132 ?   ?   ?   A . n 
A 1 133 HIS 133 133 ?   ?   ?   A . n 
A 1 134 HIS 134 134 ?   ?   ?   A . n 
A 1 135 HIS 135 135 ?   ?   ?   A . n 
A 1 136 HIS 136 136 ?   ?   ?   A . n 
A 1 137 HIS 137 137 ?   ?   ?   A . n 
A 1 138 HIS 138 138 ?   ?   ?   A . n 
A 1 139 GLY 139 139 ?   ?   ?   A . n 
A 1 140 ALA 140 140 ?   ?   ?   A . n 
A 1 141 TYR 141 141 ?   ?   ?   A . n 
A 1 142 PRO 142 142 ?   ?   ?   A . n 
A 1 143 TYR 143 143 ?   ?   ?   A . n 
A 1 144 ASP 144 144 ?   ?   ?   A . n 
A 1 145 VAL 145 145 ?   ?   ?   A . n 
A 1 146 PRO 146 146 ?   ?   ?   A . n 
A 1 147 ASP 147 147 ?   ?   ?   A . n 
A 1 148 TYR 148 148 ?   ?   ?   A . n 
A 1 149 ALA 149 149 ?   ?   ?   A . n 
A 1 150 SER 150 150 ?   ?   ?   A . n 
# 
loop_
_pdbx_nonpoly_scheme.asym_id 
_pdbx_nonpoly_scheme.entity_id 
_pdbx_nonpoly_scheme.mon_id 
_pdbx_nonpoly_scheme.ndb_seq_num 
_pdbx_nonpoly_scheme.pdb_seq_num 
_pdbx_nonpoly_scheme.auth_seq_num 
_pdbx_nonpoly_scheme.pdb_mon_id 
_pdbx_nonpoly_scheme.auth_mon_id 
_pdbx_nonpoly_scheme.pdb_strand_id 
_pdbx_nonpoly_scheme.pdb_ins_code 
B 2 HOH 1  201 28 HOH HOH A . 
B 2 HOH 2  202 42 HOH HOH A . 
B 2 HOH 3  203 36 HOH HOH A . 
B 2 HOH 4  204 16 HOH HOH A . 
B 2 HOH 5  205 25 HOH HOH A . 
B 2 HOH 6  206 39 HOH HOH A . 
B 2 HOH 7  207 41 HOH HOH A . 
B 2 HOH 8  208 33 HOH HOH A . 
B 2 HOH 9  209 4  HOH HOH A . 
B 2 HOH 10 210 37 HOH HOH A . 
B 2 HOH 11 211 6  HOH HOH A . 
B 2 HOH 12 212 11 HOH HOH A . 
B 2 HOH 13 213 40 HOH HOH A . 
B 2 HOH 14 214 18 HOH HOH A . 
B 2 HOH 15 215 22 HOH HOH A . 
B 2 HOH 16 216 2  HOH HOH A . 
B 2 HOH 17 217 3  HOH HOH A . 
B 2 HOH 18 218 35 HOH HOH A . 
B 2 HOH 19 219 10 HOH HOH A . 
B 2 HOH 20 220 8  HOH HOH A . 
B 2 HOH 21 221 15 HOH HOH A . 
B 2 HOH 22 222 7  HOH HOH A . 
B 2 HOH 23 223 17 HOH HOH A . 
B 2 HOH 24 224 48 HOH HOH A . 
B 2 HOH 25 225 14 HOH HOH A . 
B 2 HOH 26 226 9  HOH HOH A . 
B 2 HOH 27 227 30 HOH HOH A . 
B 2 HOH 28 228 23 HOH HOH A . 
B 2 HOH 29 229 5  HOH HOH A . 
B 2 HOH 30 230 34 HOH HOH A . 
B 2 HOH 31 231 43 HOH HOH A . 
B 2 HOH 32 232 29 HOH HOH A . 
B 2 HOH 33 233 1  HOH HOH A . 
B 2 HOH 34 234 44 HOH HOH A . 
B 2 HOH 35 235 19 HOH HOH A . 
B 2 HOH 36 236 52 HOH HOH A . 
B 2 HOH 37 237 27 HOH HOH A . 
B 2 HOH 38 238 13 HOH HOH A . 
B 2 HOH 39 239 47 HOH HOH A . 
B 2 HOH 40 240 53 HOH HOH A . 
B 2 HOH 41 241 26 HOH HOH A . 
B 2 HOH 42 242 46 HOH HOH A . 
B 2 HOH 43 243 12 HOH HOH A . 
B 2 HOH 44 244 20 HOH HOH A . 
B 2 HOH 45 245 50 HOH HOH A . 
B 2 HOH 46 246 31 HOH HOH A . 
B 2 HOH 47 247 54 HOH HOH A . 
B 2 HOH 48 248 24 HOH HOH A . 
B 2 HOH 49 249 38 HOH HOH A . 
B 2 HOH 50 250 51 HOH HOH A . 
B 2 HOH 51 251 32 HOH HOH A . 
B 2 HOH 52 252 45 HOH HOH A . 
B 2 HOH 53 253 49 HOH HOH A . 
# 
loop_
_pdbx_unobs_or_zero_occ_atoms.id 
_pdbx_unobs_or_zero_occ_atoms.PDB_model_num 
_pdbx_unobs_or_zero_occ_atoms.polymer_flag 
_pdbx_unobs_or_zero_occ_atoms.occupancy_flag 
_pdbx_unobs_or_zero_occ_atoms.auth_asym_id 
_pdbx_unobs_or_zero_occ_atoms.auth_comp_id 
_pdbx_unobs_or_zero_occ_atoms.auth_seq_id 
_pdbx_unobs_or_zero_occ_atoms.PDB_ins_code 
_pdbx_unobs_or_zero_occ_atoms.auth_atom_id 
_pdbx_unobs_or_zero_occ_atoms.label_alt_id 
_pdbx_unobs_or_zero_occ_atoms.label_asym_id 
_pdbx_unobs_or_zero_occ_atoms.label_comp_id 
_pdbx_unobs_or_zero_occ_atoms.label_seq_id 
_pdbx_unobs_or_zero_occ_atoms.label_atom_id 
1 1 Y 0 A ASN 29 ? OD1 ? A ASN 29 OD1 
2 1 Y 0 A ASN 29 ? ND2 ? A ASN 29 ND2 
3 1 Y 0 A ARG 55 ? CD  ? A ARG 55 CD  
4 1 Y 0 A ARG 55 ? NE  ? A ARG 55 NE  
5 1 Y 0 A ARG 55 ? CZ  ? A ARG 55 CZ  
6 1 Y 0 A ARG 55 ? NH1 ? A ARG 55 NH1 
7 1 Y 0 A ARG 55 ? NH2 ? A ARG 55 NH2 
# 
loop_
_software.citation_id 
_software.classification 
_software.compiler_name 
_software.compiler_version 
_software.contact_author 
_software.contact_author_email 
_software.date 
_software.description 
_software.dependencies 
_software.hardware 
_software.language 
_software.location 
_software.mods 
_software.name 
_software.os 
_software.os_version 
_software.type 
_software.version 
_software.pdbx_ordinal 
? 'data reduction' ? ? ? ? ? ? ? ? ? ? ? XDS    ? ? ? .           1 
? 'data scaling'   ? ? ? ? ? ? ? ? ? ? ? XSCALE ? ? ? .           2 
? phasing          ? ? ? ? ? ? ? ? ? ? ? PHASER ? ? ? .           3 
? 'model building' ? ? ? ? ? ? ? ? ? ? ? Coot   ? ? ? .           4 
? refinement       ? ? ? ? ? ? ? ? ? ? ? PHENIX ? ? ? 1.20.1_4487 5 
# 
_cell.angle_alpha                  90.000 
_cell.angle_alpha_esd              ? 
_cell.angle_beta                   90.000 
_cell.angle_beta_esd               ? 
_cell.angle_gamma                  90.000 
_cell.angle_gamma_esd              ? 
_cell.entry_id                     8E1B 
_cell.details                      ? 
_cell.formula_units_Z              ? 
_cell.length_a                     30.871 
_cell.length_a_esd                 ? 
_cell.length_b                     112.147 
_cell.length_b_esd                 ? 
_cell.length_c                     33.198 
_cell.length_c_esd                 ? 
_cell.volume                       114934.465 
_cell.volume_esd                   ? 
_cell.Z_PDB                        4 
_cell.reciprocal_angle_alpha       ? 
_cell.reciprocal_angle_beta        ? 
_cell.reciprocal_angle_gamma       ? 
_cell.reciprocal_angle_alpha_esd   ? 
_cell.reciprocal_angle_beta_esd    ? 
_cell.reciprocal_angle_gamma_esd   ? 
_cell.reciprocal_length_a          ? 
_cell.reciprocal_length_b          ? 
_cell.reciprocal_length_c          ? 
_cell.reciprocal_length_a_esd      ? 
_cell.reciprocal_length_b_esd      ? 
_cell.reciprocal_length_c_esd      ? 
_cell.pdbx_unique_axis             ? 
_cell.pdbx_esd_method              ? 
# 
_symmetry.entry_id                         8E1B 
_symmetry.cell_setting                     ? 
_symmetry.Int_Tables_number                18 
_symmetry.space_group_name_Hall            'P 2 2ab' 
_symmetry.space_group_name_H-M             'P 21 21 2' 
_symmetry.pdbx_full_space_group_name_H-M   ? 
# 
_exptl.absorpt_coefficient_mu     ? 
_exptl.absorpt_correction_T_max   ? 
_exptl.absorpt_correction_T_min   ? 
_exptl.absorpt_correction_type    ? 
_exptl.absorpt_process_details    ? 
_exptl.entry_id                   8E1B 
_exptl.crystals_number            1 
_exptl.details                    ? 
_exptl.method                     'X-RAY DIFFRACTION' 
_exptl.method_details             ? 
# 
_exptl_crystal.colour                       ? 
_exptl_crystal.density_diffrn               ? 
_exptl_crystal.density_Matthews             1.77 
_exptl_crystal.density_method               ? 
_exptl_crystal.density_percent_sol          30.38 
_exptl_crystal.description                  ? 
_exptl_crystal.F_000                        ? 
_exptl_crystal.id                           1 
_exptl_crystal.preparation                  ? 
_exptl_crystal.size_max                     ? 
_exptl_crystal.size_mid                     ? 
_exptl_crystal.size_min                     ? 
_exptl_crystal.size_rad                     ? 
_exptl_crystal.colour_lustre                ? 
_exptl_crystal.colour_modifier              ? 
_exptl_crystal.colour_primary               ? 
_exptl_crystal.density_meas                 ? 
_exptl_crystal.density_meas_esd             ? 
_exptl_crystal.density_meas_gt              ? 
_exptl_crystal.density_meas_lt              ? 
_exptl_crystal.density_meas_temp            ? 
_exptl_crystal.density_meas_temp_esd        ? 
_exptl_crystal.density_meas_temp_gt         ? 
_exptl_crystal.density_meas_temp_lt         ? 
_exptl_crystal.pdbx_crystal_image_url       ? 
_exptl_crystal.pdbx_crystal_image_format    ? 
_exptl_crystal.pdbx_mosaicity               ? 
_exptl_crystal.pdbx_mosaicity_esd           ? 
_exptl_crystal.pdbx_mosaic_method           ? 
_exptl_crystal.pdbx_mosaic_block_size       ? 
_exptl_crystal.pdbx_mosaic_block_size_esd   ? 
# 
_exptl_crystal_grow.apparatus       ? 
_exptl_crystal_grow.atmosphere      ? 
_exptl_crystal_grow.crystal_id      1 
_exptl_crystal_grow.details         ? 
_exptl_crystal_grow.method          'VAPOR DIFFUSION, SITTING DROP' 
_exptl_crystal_grow.method_ref      ? 
_exptl_crystal_grow.pH              ? 
_exptl_crystal_grow.pressure        ? 
_exptl_crystal_grow.pressure_esd    ? 
_exptl_crystal_grow.seeding         ? 
_exptl_crystal_grow.seeding_ref     ? 
_exptl_crystal_grow.temp            292.8 
_exptl_crystal_grow.temp_details    ? 
_exptl_crystal_grow.temp_esd        ? 
_exptl_crystal_grow.time            ? 
_exptl_crystal_grow.pdbx_details    '200 mM sodium thiocyanate, 20% (w/v) PEG3350' 
_exptl_crystal_grow.pdbx_pH_range   ? 
# 
_diffrn.ambient_environment              ? 
_diffrn.ambient_temp                     100 
_diffrn.ambient_temp_details             ? 
_diffrn.ambient_temp_esd                 ? 
_diffrn.crystal_id                       1 
_diffrn.crystal_support                  ? 
_diffrn.crystal_treatment                ? 
_diffrn.details                          ? 
_diffrn.id                               1 
_diffrn.ambient_pressure                 ? 
_diffrn.ambient_pressure_esd             ? 
_diffrn.ambient_pressure_gt              ? 
_diffrn.ambient_pressure_lt              ? 
_diffrn.ambient_temp_gt                  ? 
_diffrn.ambient_temp_lt                  ? 
_diffrn.pdbx_serial_crystal_experiment   N 
# 
_diffrn_detector.details                      ? 
_diffrn_detector.detector                     PIXEL 
_diffrn_detector.diffrn_id                    1 
_diffrn_detector.type                         'DECTRIS EIGER X 9M' 
_diffrn_detector.area_resol_mean              ? 
_diffrn_detector.dtime                        ? 
_diffrn_detector.pdbx_frames_total            ? 
_diffrn_detector.pdbx_collection_time_total   ? 
_diffrn_detector.pdbx_collection_date         2020-01-22 
_diffrn_detector.pdbx_frequency               ? 
# 
_diffrn_radiation.collimation                      ? 
_diffrn_radiation.diffrn_id                        1 
_diffrn_radiation.filter_edge                      ? 
_diffrn_radiation.inhomogeneity                    ? 
_diffrn_radiation.monochromator                    ? 
_diffrn_radiation.polarisn_norm                    ? 
_diffrn_radiation.polarisn_ratio                   ? 
_diffrn_radiation.probe                            ? 
_diffrn_radiation.type                             ? 
_diffrn_radiation.xray_symbol                      ? 
_diffrn_radiation.wavelength_id                    1 
_diffrn_radiation.pdbx_monochromatic_or_laue_m_l   M 
_diffrn_radiation.pdbx_wavelength_list             ? 
_diffrn_radiation.pdbx_wavelength                  ? 
_diffrn_radiation.pdbx_diffrn_protocol             'SINGLE WAVELENGTH' 
_diffrn_radiation.pdbx_analyzer                    ? 
_diffrn_radiation.pdbx_scattering_type             x-ray 
# 
_diffrn_radiation_wavelength.id           1 
_diffrn_radiation_wavelength.wavelength   0.920099 
_diffrn_radiation_wavelength.wt           1.0 
# 
_diffrn_source.current                     ? 
_diffrn_source.details                     ? 
_diffrn_source.diffrn_id                   1 
_diffrn_source.power                       ? 
_diffrn_source.size                        ? 
_diffrn_source.source                      SYNCHROTRON 
_diffrn_source.target                      ? 
_diffrn_source.type                        'NSLS-II BEAMLINE 17-ID-1' 
_diffrn_source.voltage                     ? 
_diffrn_source.take-off_angle              ? 
_diffrn_source.pdbx_wavelength_list        0.920099 
_diffrn_source.pdbx_wavelength             ? 
_diffrn_source.pdbx_synchrotron_beamline   17-ID-1 
_diffrn_source.pdbx_synchrotron_site       NSLS-II 
# 
_reflns.B_iso_Wilson_estimate                          30.80 
_reflns.entry_id                                       8E1B 
_reflns.data_reduction_details                         ? 
_reflns.data_reduction_method                          ? 
_reflns.d_resolution_high                              1.65 
_reflns.d_resolution_low                               33.2 
_reflns.details                                        ? 
_reflns.limit_h_max                                    ? 
_reflns.limit_h_min                                    ? 
_reflns.limit_k_max                                    ? 
_reflns.limit_k_min                                    ? 
_reflns.limit_l_max                                    ? 
_reflns.limit_l_min                                    ? 
_reflns.number_all                                     ? 
_reflns.number_obs                                     14566 
_reflns.observed_criterion                             ? 
_reflns.observed_criterion_F_max                       ? 
_reflns.observed_criterion_F_min                       ? 
_reflns.observed_criterion_I_max                       ? 
_reflns.observed_criterion_I_min                       ? 
_reflns.observed_criterion_sigma_F                     ? 
_reflns.observed_criterion_sigma_I                     ? 
_reflns.percent_possible_obs                           99.92 
_reflns.R_free_details                                 ? 
_reflns.Rmerge_F_all                                   ? 
_reflns.Rmerge_F_obs                                   ? 
_reflns.Friedel_coverage                               ? 
_reflns.number_gt                                      ? 
_reflns.threshold_expression                           ? 
_reflns.pdbx_redundancy                                6.3 
_reflns.pdbx_Rmerge_I_obs                              0.05386 
_reflns.pdbx_Rmerge_I_all                              ? 
_reflns.pdbx_Rsym_value                                ? 
_reflns.pdbx_netI_over_av_sigmaI                       ? 
_reflns.pdbx_netI_over_sigmaI                          15.12 
_reflns.pdbx_res_netI_over_av_sigmaI_2                 ? 
_reflns.pdbx_res_netI_over_sigmaI_2                    ? 
_reflns.pdbx_chi_squared                               ? 
_reflns.pdbx_scaling_rejects                           ? 
_reflns.pdbx_d_res_high_opt                            ? 
_reflns.pdbx_d_res_low_opt                             ? 
_reflns.pdbx_d_res_opt_method                          ? 
_reflns.phase_calculation_details                      ? 
_reflns.pdbx_Rrim_I_all                                0.05892 
_reflns.pdbx_Rpim_I_all                                0.02353 
_reflns.pdbx_d_opt                                     ? 
_reflns.pdbx_number_measured_all                       ? 
_reflns.pdbx_diffrn_id                                 1 
_reflns.pdbx_ordinal                                   1 
_reflns.pdbx_CC_half                                   0.999 
_reflns.pdbx_CC_star                                   1 
_reflns.pdbx_R_split                                   ? 
_reflns.pdbx_aniso_diffraction_limit_axis_1_ortho[1]   ? 
_reflns.pdbx_aniso_diffraction_limit_axis_1_ortho[2]   ? 
_reflns.pdbx_aniso_diffraction_limit_axis_1_ortho[3]   ? 
_reflns.pdbx_aniso_diffraction_limit_axis_2_ortho[1]   ? 
_reflns.pdbx_aniso_diffraction_limit_axis_2_ortho[2]   ? 
_reflns.pdbx_aniso_diffraction_limit_axis_2_ortho[3]   ? 
_reflns.pdbx_aniso_diffraction_limit_axis_3_ortho[1]   ? 
_reflns.pdbx_aniso_diffraction_limit_axis_3_ortho[2]   ? 
_reflns.pdbx_aniso_diffraction_limit_axis_3_ortho[3]   ? 
_reflns.pdbx_aniso_diffraction_limit_1                 ? 
_reflns.pdbx_aniso_diffraction_limit_2                 ? 
_reflns.pdbx_aniso_diffraction_limit_3                 ? 
_reflns.pdbx_aniso_B_tensor_eigenvector_1_ortho[1]     ? 
_reflns.pdbx_aniso_B_tensor_eigenvector_1_ortho[2]     ? 
_reflns.pdbx_aniso_B_tensor_eigenvector_1_ortho[3]     ? 
_reflns.pdbx_aniso_B_tensor_eigenvector_2_ortho[1]     ? 
_reflns.pdbx_aniso_B_tensor_eigenvector_2_ortho[2]     ? 
_reflns.pdbx_aniso_B_tensor_eigenvector_2_ortho[3]     ? 
_reflns.pdbx_aniso_B_tensor_eigenvector_3_ortho[1]     ? 
_reflns.pdbx_aniso_B_tensor_eigenvector_3_ortho[2]     ? 
_reflns.pdbx_aniso_B_tensor_eigenvector_3_ortho[3]     ? 
_reflns.pdbx_aniso_B_tensor_eigenvalue_1               ? 
_reflns.pdbx_aniso_B_tensor_eigenvalue_2               ? 
_reflns.pdbx_aniso_B_tensor_eigenvalue_3               ? 
_reflns.pdbx_orthogonalization_convention              ? 
_reflns.pdbx_percent_possible_ellipsoidal              ? 
_reflns.pdbx_percent_possible_spherical                ? 
_reflns.pdbx_percent_possible_ellipsoidal_anomalous    ? 
_reflns.pdbx_percent_possible_spherical_anomalous      ? 
_reflns.pdbx_redundancy_anomalous                      ? 
_reflns.pdbx_CC_half_anomalous                         ? 
_reflns.pdbx_absDiff_over_sigma_anomalous              ? 
_reflns.pdbx_percent_possible_anomalous                ? 
_reflns.pdbx_observed_signal_threshold                 ? 
_reflns.pdbx_signal_type                               ? 
_reflns.pdbx_signal_details                            ? 
_reflns.pdbx_signal_software_id                        ? 
_reflns.pdbx_CC_split_method                           ? 
# 
_reflns_shell.d_res_high                                    1.65 
_reflns_shell.d_res_low                                     1.709 
_reflns_shell.meanI_over_sigI_all                           ? 
_reflns_shell.meanI_over_sigI_obs                           1.14 
_reflns_shell.number_measured_all                           ? 
_reflns_shell.number_measured_obs                           ? 
_reflns_shell.number_possible                               ? 
_reflns_shell.number_unique_all                             ? 
_reflns_shell.number_unique_obs                             1430 
_reflns_shell.percent_possible_all                          99.93 
_reflns_shell.percent_possible_obs                          ? 
_reflns_shell.Rmerge_F_all                                  ? 
_reflns_shell.Rmerge_F_obs                                  ? 
_reflns_shell.Rmerge_I_all                                  ? 
_reflns_shell.Rmerge_I_obs                                  1.192 
_reflns_shell.meanI_over_sigI_gt                            ? 
_reflns_shell.meanI_over_uI_all                             ? 
_reflns_shell.meanI_over_uI_gt                              ? 
_reflns_shell.number_measured_gt                            ? 
_reflns_shell.number_unique_gt                              ? 
_reflns_shell.percent_possible_gt                           ? 
_reflns_shell.Rmerge_F_gt                                   ? 
_reflns_shell.Rmerge_I_gt                                   ? 
_reflns_shell.pdbx_redundancy                               5.4 
_reflns_shell.pdbx_Rsym_value                               ? 
_reflns_shell.pdbx_chi_squared                              ? 
_reflns_shell.pdbx_netI_over_sigmaI_all                     ? 
_reflns_shell.pdbx_netI_over_sigmaI_obs                     ? 
_reflns_shell.pdbx_Rrim_I_all                               1.319 
_reflns_shell.pdbx_Rpim_I_all                               0.5613 
_reflns_shell.pdbx_rejects                                  ? 
_reflns_shell.pdbx_ordinal                                  1 
_reflns_shell.pdbx_diffrn_id                                1 
_reflns_shell.pdbx_CC_half                                  0.623 
_reflns_shell.pdbx_CC_star                                  0.876 
_reflns_shell.pdbx_R_split                                  ? 
_reflns_shell.pdbx_percent_possible_ellipsoidal             ? 
_reflns_shell.pdbx_percent_possible_spherical               ? 
_reflns_shell.pdbx_percent_possible_ellipsoidal_anomalous   ? 
_reflns_shell.pdbx_percent_possible_spherical_anomalous     ? 
_reflns_shell.pdbx_redundancy_anomalous                     ? 
_reflns_shell.pdbx_CC_half_anomalous                        ? 
_reflns_shell.pdbx_absDiff_over_sigma_anomalous             ? 
_reflns_shell.pdbx_percent_possible_anomalous               ? 
# 
_refine.aniso_B[1][1]                            ? 
_refine.aniso_B[1][2]                            ? 
_refine.aniso_B[1][3]                            ? 
_refine.aniso_B[2][2]                            ? 
_refine.aniso_B[2][3]                            ? 
_refine.aniso_B[3][3]                            ? 
_refine.B_iso_max                                ? 
_refine.B_iso_mean                               37.05 
_refine.B_iso_min                                ? 
_refine.correlation_coeff_Fo_to_Fc               ? 
_refine.correlation_coeff_Fo_to_Fc_free          ? 
_refine.details                                  
;The boundaries for stretches of missing residues were determined using a composite omit map with a one-sigma cutoff unless otherwise stated. Positive electron-density peaks are observed where residues 74:76 of Chain A would be located, but the placement of main-chain atoms could not be resolved. 

Atoms modeled with zero occupancy could not be placed with confidence and were selected for zero-occupancy flagging after manual inspection of the 2Fo-Fc map at a 0.5-sigma cutoff.

Although the correlation is low, residues 30 and 103 in Chain A have reasonable concordance with the 2Fo-Fc map, are not rotamer outliers, and are devoid of clashes with neighboring atoms.
;
_refine.diff_density_max                         ? 
_refine.diff_density_max_esd                     ? 
_refine.diff_density_min                         ? 
_refine.diff_density_min_esd                     ? 
_refine.diff_density_rms                         ? 
_refine.diff_density_rms_esd                     ? 
_refine.entry_id                                 8E1B 
_refine.pdbx_refine_id                           'X-RAY DIFFRACTION' 
_refine.ls_abs_structure_details                 ? 
_refine.ls_abs_structure_Flack                   ? 
_refine.ls_abs_structure_Flack_esd               ? 
_refine.ls_abs_structure_Rogers                  ? 
_refine.ls_abs_structure_Rogers_esd              ? 
_refine.ls_d_res_high                            1.65 
_refine.ls_d_res_low                             33.20 
_refine.ls_extinction_coef                       ? 
_refine.ls_extinction_coef_esd                   ? 
_refine.ls_extinction_expression                 ? 
_refine.ls_extinction_method                     ? 
_refine.ls_goodness_of_fit_all                   ? 
_refine.ls_goodness_of_fit_all_esd               ? 
_refine.ls_goodness_of_fit_obs                   ? 
_refine.ls_goodness_of_fit_obs_esd               ? 
_refine.ls_hydrogen_treatment                    ? 
_refine.ls_matrix_type                           ? 
_refine.ls_number_constraints                    ? 
_refine.ls_number_parameters                     ? 
_refine.ls_number_reflns_all                     ? 
_refine.ls_number_reflns_obs                     14564 
_refine.ls_number_reflns_R_free                  691 
_refine.ls_number_reflns_R_work                  13873 
_refine.ls_number_restraints                     ? 
_refine.ls_percent_reflns_obs                    99.92 
_refine.ls_percent_reflns_R_free                 4.74 
_refine.ls_R_factor_all                          ? 
_refine.ls_R_factor_obs                          0.2117 
_refine.ls_R_factor_R_free                       0.2148 
_refine.ls_R_factor_R_free_error                 ? 
_refine.ls_R_factor_R_free_error_details         ? 
_refine.ls_R_factor_R_work                       0.2115 
_refine.ls_R_Fsqd_factor_obs                     ? 
_refine.ls_R_I_factor_obs                        ? 
_refine.ls_redundancy_reflns_all                 ? 
_refine.ls_redundancy_reflns_obs                 ? 
_refine.ls_restrained_S_all                      ? 
_refine.ls_restrained_S_obs                      ? 
_refine.ls_shift_over_esd_max                    ? 
_refine.ls_shift_over_esd_mean                   ? 
_refine.ls_structure_factor_coef                 ? 
_refine.ls_weighting_details                     ? 
_refine.ls_weighting_scheme                      ? 
_refine.ls_wR_factor_all                         ? 
_refine.ls_wR_factor_obs                         ? 
_refine.ls_wR_factor_R_free                      ? 
_refine.ls_wR_factor_R_work                      ? 
_refine.occupancy_max                            ? 
_refine.occupancy_min                            ? 
_refine.solvent_model_details                    'FLAT BULK SOLVENT MODEL' 
_refine.solvent_model_param_bsol                 ? 
_refine.solvent_model_param_ksol                 ? 
_refine.pdbx_R_complete                          ? 
_refine.ls_R_factor_gt                           ? 
_refine.ls_goodness_of_fit_gt                    ? 
_refine.ls_goodness_of_fit_ref                   ? 
_refine.ls_shift_over_su_max                     ? 
_refine.ls_shift_over_su_max_lt                  ? 
_refine.ls_shift_over_su_mean                    ? 
_refine.ls_shift_over_su_mean_lt                 ? 
_refine.pdbx_ls_sigma_I                          ? 
_refine.pdbx_ls_sigma_F                          1.36 
_refine.pdbx_ls_sigma_Fsqd                       ? 
_refine.pdbx_data_cutoff_high_absF               ? 
_refine.pdbx_data_cutoff_high_rms_absF           ? 
_refine.pdbx_data_cutoff_low_absF                ? 
_refine.pdbx_isotropic_thermal_model             ? 
_refine.pdbx_ls_cross_valid_method               'FREE R-VALUE' 
_refine.pdbx_method_to_determine_struct          'MOLECULAR REPLACEMENT' 
_refine.pdbx_starting_model                      4jvp 
_refine.pdbx_stereochemistry_target_values       'GeoStd + Monomer Library + CDL v1.2' 
_refine.pdbx_R_Free_selection_details            ? 
_refine.pdbx_stereochem_target_val_spec_case     ? 
_refine.pdbx_overall_ESU_R                       ? 
_refine.pdbx_overall_ESU_R_Free                  ? 
_refine.pdbx_solvent_vdw_probe_radii             1.1000 
_refine.pdbx_solvent_ion_probe_radii             ? 
_refine.pdbx_solvent_shrinkage_radii             0.9000 
_refine.pdbx_real_space_R                        ? 
_refine.pdbx_density_correlation                 ? 
_refine.pdbx_pd_number_of_powder_patterns        ? 
_refine.pdbx_pd_number_of_points                 ? 
_refine.pdbx_pd_meas_number_of_points            ? 
_refine.pdbx_pd_proc_ls_prof_R_factor            ? 
_refine.pdbx_pd_proc_ls_prof_wR_factor           ? 
_refine.pdbx_pd_Marquardt_correlation_coeff      ? 
_refine.pdbx_pd_Fsqrd_R_factor                   ? 
_refine.pdbx_pd_ls_matrix_band_width             ? 
_refine.pdbx_overall_phase_error                 26.8562 
_refine.pdbx_overall_SU_R_free_Cruickshank_DPI   ? 
_refine.pdbx_overall_SU_R_free_Blow_DPI          ? 
_refine.pdbx_overall_SU_R_Blow_DPI               ? 
_refine.pdbx_TLS_residual_ADP_flag               ? 
_refine.pdbx_diffrn_id                           1 
_refine.overall_SU_B                             ? 
_refine.overall_SU_ML                            0.2750 
_refine.overall_SU_R_Cruickshank_DPI             ? 
_refine.overall_SU_R_free                        ? 
_refine.overall_FOM_free_R_set                   ? 
_refine.overall_FOM_work_R_set                   ? 
_refine.pdbx_average_fsc_overall                 ? 
_refine.pdbx_average_fsc_work                    ? 
_refine.pdbx_average_fsc_free                    ? 
# 
_refine_hist.pdbx_refine_id                   'X-RAY DIFFRACTION' 
_refine_hist.cycle_id                         LAST 
_refine_hist.details                          ? 
_refine_hist.d_res_high                       1.65 
_refine_hist.d_res_low                        33.20 
_refine_hist.number_atoms_solvent             53 
_refine_hist.number_atoms_total               917 
_refine_hist.number_reflns_all                ? 
_refine_hist.number_reflns_obs                ? 
_refine_hist.number_reflns_R_free             ? 
_refine_hist.number_reflns_R_work             ? 
_refine_hist.R_factor_all                     ? 
_refine_hist.R_factor_obs                     ? 
_refine_hist.R_factor_R_free                  ? 
_refine_hist.R_factor_R_work                  ? 
_refine_hist.pdbx_number_residues_total       ? 
_refine_hist.pdbx_B_iso_mean_ligand           ? 
_refine_hist.pdbx_B_iso_mean_solvent          ? 
_refine_hist.pdbx_number_atoms_protein        864 
_refine_hist.pdbx_number_atoms_nucleic_acid   0 
_refine_hist.pdbx_number_atoms_ligand         0 
_refine_hist.pdbx_number_atoms_lipid          ? 
_refine_hist.pdbx_number_atoms_carb           ? 
_refine_hist.pdbx_pseudo_atom_details         ? 
# 
loop_
_refine_ls_restr.pdbx_refine_id 
_refine_ls_restr.criterion 
_refine_ls_restr.dev_ideal 
_refine_ls_restr.dev_ideal_target 
_refine_ls_restr.number 
_refine_ls_restr.rejects 
_refine_ls_restr.type 
_refine_ls_restr.weight 
_refine_ls_restr.pdbx_restraint_function 
'X-RAY DIFFRACTION' ? 0.0069  ? 908  ? f_bond_d           ? ? 
'X-RAY DIFFRACTION' ? 0.8363  ? 1229 ? f_angle_d          ? ? 
'X-RAY DIFFRACTION' ? 0.0587  ? 137  ? f_chiral_restr     ? ? 
'X-RAY DIFFRACTION' ? 0.0073  ? 160  ? f_plane_restr      ? ? 
'X-RAY DIFFRACTION' ? 14.1380 ? 327  ? f_dihedral_angle_d ? ? 
# 
loop_
_refine_ls_shell.pdbx_refine_id 
_refine_ls_shell.d_res_high 
_refine_ls_shell.d_res_low 
_refine_ls_shell.number_reflns_all 
_refine_ls_shell.number_reflns_obs 
_refine_ls_shell.number_reflns_R_free 
_refine_ls_shell.number_reflns_R_work 
_refine_ls_shell.percent_reflns_obs 
_refine_ls_shell.percent_reflns_R_free 
_refine_ls_shell.R_factor_all 
_refine_ls_shell.R_factor_obs 
_refine_ls_shell.R_factor_R_free 
_refine_ls_shell.R_factor_R_free_error 
_refine_ls_shell.R_factor_R_work 
_refine_ls_shell.redundancy_reflns_all 
_refine_ls_shell.redundancy_reflns_obs 
_refine_ls_shell.wR_factor_all 
_refine_ls_shell.wR_factor_obs 
_refine_ls_shell.wR_factor_R_free 
_refine_ls_shell.wR_factor_R_work 
_refine_ls_shell.pdbx_R_complete 
_refine_ls_shell.pdbx_total_number_of_bins_used 
_refine_ls_shell.pdbx_phase_error 
_refine_ls_shell.pdbx_fsc_work 
_refine_ls_shell.pdbx_fsc_free 
'X-RAY DIFFRACTION' 1.65 1.78  . . 131 2713 99.93  . . . 0.3934 . 0.3575 . . . . . . . . . . . 
'X-RAY DIFFRACTION' 1.78 1.96  . . 138 2736 100.00 . . . 0.2791 . 0.2318 . . . . . . . . . . . 
'X-RAY DIFFRACTION' 1.96 2.24  . . 139 2733 100.00 . . . 0.2365 . 0.2192 . . . . . . . . . . . 
'X-RAY DIFFRACTION' 2.24 2.82  . . 141 2771 99.93  . . . 0.2592 . 0.2259 . . . . . . . . . . . 
'X-RAY DIFFRACTION' 2.82 33.20 . . 142 2920 99.77  . . . 0.1765 . 0.1934 . . . . . . . . . . . 
# 
_struct.entry_id                     8E1B 
_struct.title                        'Crystal Structure of Nanobody VHH108 Specific for PA14 Cif' 
_struct.pdbx_model_details           ? 
_struct.pdbx_formula_weight          ? 
_struct.pdbx_formula_weight_method   ? 
_struct.pdbx_model_type_details      ? 
_struct.pdbx_CASP_flag               N 
# 
_struct_keywords.entry_id        8E1B 
_struct_keywords.text            
'Pseudomonas aeruginosa, nanobody VHH, immunoglobulin domain, CFTR inhibitory factor (Cif), IMMUNE SYSTEM' 
_struct_keywords.pdbx_keywords   'IMMUNE SYSTEM' 
# 
loop_
_struct_asym.id 
_struct_asym.pdbx_blank_PDB_chainid_flag 
_struct_asym.pdbx_modified 
_struct_asym.entity_id 
_struct_asym.details 
A N N 1 ? 
B N N 2 ? 
# 
_struct_ref.id                         1 
_struct_ref.db_name                    PDB 
_struct_ref.db_code                    8E1B 
_struct_ref.pdbx_db_accession          8E1B 
_struct_ref.pdbx_db_isoform            ? 
_struct_ref.entity_id                  1 
_struct_ref.pdbx_seq_one_letter_code   ? 
_struct_ref.pdbx_align_begin           1 
# 
_struct_ref_seq.align_id                      1 
_struct_ref_seq.ref_id                        1 
_struct_ref_seq.pdbx_PDB_id_code              8E1B 
_struct_ref_seq.pdbx_strand_id                A 
_struct_ref_seq.seq_align_beg                 1 
_struct_ref_seq.pdbx_seq_align_beg_ins_code   ? 
_struct_ref_seq.seq_align_end                 150 
_struct_ref_seq.pdbx_seq_align_end_ins_code   ? 
_struct_ref_seq.pdbx_db_accession             8E1B 
_struct_ref_seq.db_align_beg                  1 
_struct_ref_seq.pdbx_db_align_beg_ins_code    ? 
_struct_ref_seq.db_align_end                  150 
_struct_ref_seq.pdbx_db_align_end_ins_code    ? 
_struct_ref_seq.pdbx_auth_seq_align_beg       1 
_struct_ref_seq.pdbx_auth_seq_align_end       150 
# 
_pdbx_struct_assembly.id                   1 
_pdbx_struct_assembly.details              author_and_software_defined_assembly 
_pdbx_struct_assembly.method_details       PISA 
_pdbx_struct_assembly.oligomeric_details   monomeric 
_pdbx_struct_assembly.oligomeric_count     1 
# 
_pdbx_struct_assembly_gen.assembly_id       1 
_pdbx_struct_assembly_gen.oper_expression   1 
_pdbx_struct_assembly_gen.asym_id_list      A,B 
# 
_pdbx_struct_assembly_auth_evidence.id                     1 
_pdbx_struct_assembly_auth_evidence.assembly_id            1 
_pdbx_struct_assembly_auth_evidence.experimental_support   'gel filtration' 
_pdbx_struct_assembly_auth_evidence.details                ? 
# 
_pdbx_struct_oper_list.id                   1 
_pdbx_struct_oper_list.type                 'identity operation' 
_pdbx_struct_oper_list.name                 1_555 
_pdbx_struct_oper_list.symmetry_operation   x,y,z 
_pdbx_struct_oper_list.matrix[1][1]         1.0000000000 
_pdbx_struct_oper_list.matrix[1][2]         0.0000000000 
_pdbx_struct_oper_list.matrix[1][3]         0.0000000000 
_pdbx_struct_oper_list.vector[1]            0.0000000000 
_pdbx_struct_oper_list.matrix[2][1]         0.0000000000 
_pdbx_struct_oper_list.matrix[2][2]         1.0000000000 
_pdbx_struct_oper_list.matrix[2][3]         0.0000000000 
_pdbx_struct_oper_list.vector[2]            0.0000000000 
_pdbx_struct_oper_list.matrix[3][1]         0.0000000000 
_pdbx_struct_oper_list.matrix[3][2]         0.0000000000 
_pdbx_struct_oper_list.matrix[3][3]         1.0000000000 
_pdbx_struct_oper_list.vector[3]            0.0000000000 
# 
_struct_conf.conf_type_id            HELX_P 
_struct_conf.id                      HELX_P1 
_struct_conf.pdbx_PDB_helix_id       AA1 
_struct_conf.beg_label_comp_id       LYS 
_struct_conf.beg_label_asym_id       A 
_struct_conf.beg_label_seq_id        87 
_struct_conf.pdbx_beg_PDB_ins_code   ? 
_struct_conf.end_label_comp_id       THR 
_struct_conf.end_label_asym_id       A 
_struct_conf.end_label_seq_id        91 
_struct_conf.pdbx_end_PDB_ins_code   ? 
_struct_conf.beg_auth_comp_id        LYS 
_struct_conf.beg_auth_asym_id        A 
_struct_conf.beg_auth_seq_id         87 
_struct_conf.end_auth_comp_id        THR 
_struct_conf.end_auth_asym_id        A 
_struct_conf.end_auth_seq_id         91 
_struct_conf.pdbx_PDB_helix_class    5 
_struct_conf.details                 ? 
_struct_conf.pdbx_PDB_helix_length   5 
# 
_struct_conf_type.id          HELX_P 
_struct_conf_type.criteria    ? 
_struct_conf_type.reference   ? 
# 
loop_
_struct_conn.id 
_struct_conn.conn_type_id 
_struct_conn.pdbx_leaving_atom_flag 
_struct_conn.pdbx_PDB_id 
_struct_conn.ptnr1_label_asym_id 
_struct_conn.ptnr1_label_comp_id 
_struct_conn.ptnr1_label_seq_id 
_struct_conn.ptnr1_label_atom_id 
_struct_conn.pdbx_ptnr1_label_alt_id 
_struct_conn.pdbx_ptnr1_PDB_ins_code 
_struct_conn.pdbx_ptnr1_standard_comp_id 
_struct_conn.ptnr1_symmetry 
_struct_conn.ptnr2_label_asym_id 
_struct_conn.ptnr2_label_comp_id 
_struct_conn.ptnr2_label_seq_id 
_struct_conn.ptnr2_label_atom_id 
_struct_conn.pdbx_ptnr2_label_alt_id 
_struct_conn.pdbx_ptnr2_PDB_ins_code 
_struct_conn.ptnr1_auth_asym_id 
_struct_conn.ptnr1_auth_comp_id 
_struct_conn.ptnr1_auth_seq_id 
_struct_conn.ptnr2_auth_asym_id 
_struct_conn.ptnr2_auth_comp_id 
_struct_conn.ptnr2_auth_seq_id 
_struct_conn.ptnr2_symmetry 
_struct_conn.pdbx_ptnr3_label_atom_id 
_struct_conn.pdbx_ptnr3_label_seq_id 
_struct_conn.pdbx_ptnr3_label_comp_id 
_struct_conn.pdbx_ptnr3_label_asym_id 
_struct_conn.pdbx_ptnr3_label_alt_id 
_struct_conn.pdbx_ptnr3_PDB_ins_code 
_struct_conn.details 
_struct_conn.pdbx_dist_value 
_struct_conn.pdbx_value_order 
_struct_conn.pdbx_role 
disulf1 disulf ? ? A CYS 24 SG ? ? ? 1_555 A CYS 96  SG ? ? A CYS 24 A CYS 96  1_555 ? ? ? ? ? ? ? 2.029 ? ? 
disulf2 disulf ? ? A CYS 51 SG ? ? ? 1_555 A CYS 109 SG ? ? A CYS 51 A CYS 109 1_555 ? ? ? ? ? ? ? 2.039 ? ? 
# 
_struct_conn_type.id          disulf 
_struct_conn_type.criteria    ? 
_struct_conn_type.reference   ? 
# 
loop_
_pdbx_modification_feature.ordinal 
_pdbx_modification_feature.label_comp_id 
_pdbx_modification_feature.label_asym_id 
_pdbx_modification_feature.label_seq_id 
_pdbx_modification_feature.label_alt_id 
_pdbx_modification_feature.modified_residue_label_comp_id 
_pdbx_modification_feature.modified_residue_label_asym_id 
_pdbx_modification_feature.modified_residue_label_seq_id 
_pdbx_modification_feature.modified_residue_label_alt_id 
_pdbx_modification_feature.auth_comp_id 
_pdbx_modification_feature.auth_asym_id 
_pdbx_modification_feature.auth_seq_id 
_pdbx_modification_feature.PDB_ins_code 
_pdbx_modification_feature.symmetry 
_pdbx_modification_feature.modified_residue_auth_comp_id 
_pdbx_modification_feature.modified_residue_auth_asym_id 
_pdbx_modification_feature.modified_residue_auth_seq_id 
_pdbx_modification_feature.modified_residue_PDB_ins_code 
_pdbx_modification_feature.modified_residue_symmetry 
_pdbx_modification_feature.comp_id_linking_atom 
_pdbx_modification_feature.modified_residue_id_linking_atom 
_pdbx_modification_feature.modified_residue_id 
_pdbx_modification_feature.ref_pcm_id 
_pdbx_modification_feature.ref_comp_id 
_pdbx_modification_feature.type 
_pdbx_modification_feature.category 
1 CYS A 24 ? CYS A 96  ? CYS A 24 ? 1_555 CYS A 96  ? 1_555 SG SG . . . None 'Disulfide bridge' 
2 CYS A 51 ? CYS A 109 ? CYS A 51 ? 1_555 CYS A 109 ? 1_555 SG SG . . . None 'Disulfide bridge' 
# 
loop_
_struct_sheet.id 
_struct_sheet.type 
_struct_sheet.number_strands 
_struct_sheet.details 
AA1 ? 4 ? 
AA2 ? 6 ? 
AA3 ? 4 ? 
# 
loop_
_struct_sheet_order.sheet_id 
_struct_sheet_order.range_id_1 
_struct_sheet_order.range_id_2 
_struct_sheet_order.offset 
_struct_sheet_order.sense 
AA1 1 2 ? anti-parallel 
AA1 2 3 ? anti-parallel 
AA1 3 4 ? anti-parallel 
AA2 1 2 ? parallel      
AA2 2 3 ? anti-parallel 
AA2 3 4 ? anti-parallel 
AA2 4 5 ? anti-parallel 
AA2 5 6 ? anti-parallel 
AA3 1 2 ? parallel      
AA3 2 3 ? anti-parallel 
AA3 3 4 ? anti-parallel 
# 
loop_
_struct_sheet_range.sheet_id 
_struct_sheet_range.id 
_struct_sheet_range.beg_label_comp_id 
_struct_sheet_range.beg_label_asym_id 
_struct_sheet_range.beg_label_seq_id 
_struct_sheet_range.pdbx_beg_PDB_ins_code 
_struct_sheet_range.end_label_comp_id 
_struct_sheet_range.end_label_asym_id 
_struct_sheet_range.end_label_seq_id 
_struct_sheet_range.pdbx_end_PDB_ins_code 
_struct_sheet_range.beg_auth_comp_id 
_struct_sheet_range.beg_auth_asym_id 
_struct_sheet_range.beg_auth_seq_id 
_struct_sheet_range.end_auth_comp_id 
_struct_sheet_range.end_auth_asym_id 
_struct_sheet_range.end_auth_seq_id 
AA1 1 LEU A 6   ? SER A 9   ? LEU A 6   SER A 9   
AA1 2 LEU A 20  ? ALA A 26  ? LEU A 20  ALA A 26  
AA1 3 ALA A 78  ? MET A 83  ? ALA A 78  MET A 83  
AA1 4 PHE A 68  ? THR A 72  ? PHE A 68  THR A 72  
AA2 1 GLY A 12  ? VAL A 14  ? GLY A 12  VAL A 14  
AA2 2 THR A 121 ? VAL A 125 ? THR A 121 VAL A 125 
AA2 3 ALA A 92  ? LEU A 102 ? ALA A 92  LEU A 102 
AA2 4 ILE A 35  ? GLN A 40  ? ILE A 35  GLN A 40  
AA2 5 GLU A 47  ? ILE A 52  ? GLU A 47  ILE A 52  
AA2 6 THR A 58  ? TYR A 60  ? THR A 58  TYR A 60  
AA3 1 GLY A 12  ? VAL A 14  ? GLY A 12  VAL A 14  
AA3 2 THR A 121 ? VAL A 125 ? THR A 121 VAL A 125 
AA3 3 ALA A 92  ? LEU A 102 ? ALA A 92  LEU A 102 
AA3 4 GLN A 108 ? ALA A 111 ? GLN A 108 ALA A 111 
# 
loop_
_pdbx_struct_sheet_hbond.sheet_id 
_pdbx_struct_sheet_hbond.range_id_1 
_pdbx_struct_sheet_hbond.range_id_2 
_pdbx_struct_sheet_hbond.range_1_label_atom_id 
_pdbx_struct_sheet_hbond.range_1_label_comp_id 
_pdbx_struct_sheet_hbond.range_1_label_asym_id 
_pdbx_struct_sheet_hbond.range_1_label_seq_id 
_pdbx_struct_sheet_hbond.range_1_PDB_ins_code 
_pdbx_struct_sheet_hbond.range_1_auth_atom_id 
_pdbx_struct_sheet_hbond.range_1_auth_comp_id 
_pdbx_struct_sheet_hbond.range_1_auth_asym_id 
_pdbx_struct_sheet_hbond.range_1_auth_seq_id 
_pdbx_struct_sheet_hbond.range_2_label_atom_id 
_pdbx_struct_sheet_hbond.range_2_label_comp_id 
_pdbx_struct_sheet_hbond.range_2_label_asym_id 
_pdbx_struct_sheet_hbond.range_2_label_seq_id 
_pdbx_struct_sheet_hbond.range_2_PDB_ins_code 
_pdbx_struct_sheet_hbond.range_2_auth_atom_id 
_pdbx_struct_sheet_hbond.range_2_auth_comp_id 
_pdbx_struct_sheet_hbond.range_2_auth_asym_id 
_pdbx_struct_sheet_hbond.range_2_auth_seq_id 
AA1 1 2 N VAL A 7   ? N VAL A 7   O GLU A 25  ? O GLU A 25  
AA1 2 3 N LEU A 20  ? N LEU A 20  O MET A 83  ? O MET A 83  
AA1 3 4 O TYR A 80  ? O TYR A 80  N SER A 71  ? N SER A 71  
AA2 1 2 N GLY A 12  ? N GLY A 12  O THR A 124 ? O THR A 124 
AA2 2 3 O THR A 121 ? O THR A 121 N TYR A 94  ? N TYR A 94  
AA2 3 4 O TYR A 95  ? O TYR A 95  N PHE A 38  ? N PHE A 38  
AA2 4 5 N TRP A 37  ? N TRP A 37  O ALA A 50  ? O ALA A 50  
AA2 5 6 N CYS A 51  ? N CYS A 51  O HIS A 59  ? O HIS A 59  
AA3 1 2 N GLY A 12  ? N GLY A 12  O THR A 124 ? O THR A 124 
AA3 2 3 O THR A 121 ? O THR A 121 N TYR A 94  ? N TYR A 94  
AA3 3 4 N ILE A 100 ? N ILE A 100 O VAL A 110 ? O VAL A 110 
# 
_pdbx_entry_details.entry_id                   8E1B 
_pdbx_entry_details.compound_details           ? 
_pdbx_entry_details.source_details             ? 
_pdbx_entry_details.nonpolymer_details         ? 
_pdbx_entry_details.sequence_details           ? 
_pdbx_entry_details.has_ligand_of_interest     ? 
_pdbx_entry_details.has_protein_modification   Y 
# 
_pdbx_validate_torsion.id              1 
_pdbx_validate_torsion.PDB_model_num   1 
_pdbx_validate_torsion.auth_comp_id    ALA 
_pdbx_validate_torsion.auth_asym_id    A 
_pdbx_validate_torsion.auth_seq_id     92 
_pdbx_validate_torsion.PDB_ins_code    ? 
_pdbx_validate_torsion.label_alt_id    ? 
_pdbx_validate_torsion.phi             179.68 
_pdbx_validate_torsion.psi             166.75 
# 
loop_
_space_group_symop.id 
_space_group_symop.operation_xyz 
1 x,y,z           
2 x+1/2,-y+1/2,-z 
3 -x+1/2,y+1/2,-z 
4 -x,-y,z         
# 
loop_
_pdbx_unobs_or_zero_occ_residues.id 
_pdbx_unobs_or_zero_occ_residues.PDB_model_num 
_pdbx_unobs_or_zero_occ_residues.polymer_flag 
_pdbx_unobs_or_zero_occ_residues.occupancy_flag 
_pdbx_unobs_or_zero_occ_residues.auth_asym_id 
_pdbx_unobs_or_zero_occ_residues.auth_comp_id 
_pdbx_unobs_or_zero_occ_residues.auth_seq_id 
_pdbx_unobs_or_zero_occ_residues.PDB_ins_code 
_pdbx_unobs_or_zero_occ_residues.label_asym_id 
_pdbx_unobs_or_zero_occ_residues.label_comp_id 
_pdbx_unobs_or_zero_occ_residues.label_seq_id 
1  1 Y 1 A MET 1   ? A MET 1   
2  1 Y 1 A ALA 2   ? A ALA 2   
3  1 Y 1 A GLU 3   ? A GLU 3   
4  1 Y 1 A VAL 4   ? A VAL 4   
5  1 Y 1 A ASP 31  ? A ASP 31  
6  1 Y 1 A ASP 32  ? A ASP 32  
7  1 Y 1 A ARG 33  ? A ARG 33  
8  1 Y 1 A ILE 74  ? A ILE 74  
9  1 Y 1 A ALA 75  ? A ALA 75  
10 1 Y 1 A ASN 76  ? A ASN 76  
11 1 Y 1 A ASP 105 ? A ASP 105 
12 1 Y 1 A ARG 106 ? A ARG 106 
13 1 Y 1 A GLY 128 ? A GLY 128 
14 1 Y 1 A GLN 129 ? A GLN 129 
15 1 Y 1 A ALA 130 ? A ALA 130 
16 1 Y 1 A GLY 131 ? A GLY 131 
17 1 Y 1 A GLN 132 ? A GLN 132 
18 1 Y 1 A HIS 133 ? A HIS 133 
19 1 Y 1 A HIS 134 ? A HIS 134 
20 1 Y 1 A HIS 135 ? A HIS 135 
21 1 Y 1 A HIS 136 ? A HIS 136 
22 1 Y 1 A HIS 137 ? A HIS 137 
23 1 Y 1 A HIS 138 ? A HIS 138 
24 1 Y 1 A GLY 139 ? A GLY 139 
25 1 Y 1 A ALA 140 ? A ALA 140 
26 1 Y 1 A TYR 141 ? A TYR 141 
27 1 Y 1 A PRO 142 ? A PRO 142 
28 1 Y 1 A TYR 143 ? A TYR 143 
29 1 Y 1 A ASP 144 ? A ASP 144 
30 1 Y 1 A VAL 145 ? A VAL 145 
31 1 Y 1 A PRO 146 ? A PRO 146 
32 1 Y 1 A ASP 147 ? A ASP 147 
33 1 Y 1 A TYR 148 ? A TYR 148 
34 1 Y 1 A ALA 149 ? A ALA 149 
35 1 Y 1 A SER 150 ? A SER 150 
# 
loop_
_chem_comp_atom.comp_id 
_chem_comp_atom.atom_id 
_chem_comp_atom.type_symbol 
_chem_comp_atom.pdbx_aromatic_flag 
_chem_comp_atom.pdbx_stereo_config 
_chem_comp_atom.pdbx_ordinal 
ALA N    N N N 1   
ALA CA   C N S 2   
ALA C    C N N 3   
ALA O    O N N 4   
ALA CB   C N N 5   
ALA OXT  O N N 6   
ALA H    H N N 7   
ALA H2   H N N 8   
ALA HA   H N N 9   
ALA HB1  H N N 10  
ALA HB2  H N N 11  
ALA HB3  H N N 12  
ALA HXT  H N N 13  
ARG N    N N N 14  
ARG CA   C N S 15  
ARG C    C N N 16  
ARG O    O N N 17  
ARG CB   C N N 18  
ARG CG   C N N 19  
ARG CD   C N N 20  
ARG NE   N N N 21  
ARG CZ   C N N 22  
ARG NH1  N N N 23  
ARG NH2  N N N 24  
ARG OXT  O N N 25  
ARG H    H N N 26  
ARG H2   H N N 27  
ARG HA   H N N 28  
ARG HB2  H N N 29  
ARG HB3  H N N 30  
ARG HG2  H N N 31  
ARG HG3  H N N 32  
ARG HD2  H N N 33  
ARG HD3  H N N 34  
ARG HE   H N N 35  
ARG HH11 H N N 36  
ARG HH12 H N N 37  
ARG HH21 H N N 38  
ARG HH22 H N N 39  
ARG HXT  H N N 40  
ASN N    N N N 41  
ASN CA   C N S 42  
ASN C    C N N 43  
ASN O    O N N 44  
ASN CB   C N N 45  
ASN CG   C N N 46  
ASN OD1  O N N 47  
ASN ND2  N N N 48  
ASN OXT  O N N 49  
ASN H    H N N 50  
ASN H2   H N N 51  
ASN HA   H N N 52  
ASN HB2  H N N 53  
ASN HB3  H N N 54  
ASN HD21 H N N 55  
ASN HD22 H N N 56  
ASN HXT  H N N 57  
ASP N    N N N 58  
ASP CA   C N S 59  
ASP C    C N N 60  
ASP O    O N N 61  
ASP CB   C N N 62  
ASP CG   C N N 63  
ASP OD1  O N N 64  
ASP OD2  O N N 65  
ASP OXT  O N N 66  
ASP H    H N N 67  
ASP H2   H N N 68  
ASP HA   H N N 69  
ASP HB2  H N N 70  
ASP HB3  H N N 71  
ASP HD2  H N N 72  
ASP HXT  H N N 73  
CYS N    N N N 74  
CYS CA   C N R 75  
CYS C    C N N 76  
CYS O    O N N 77  
CYS CB   C N N 78  
CYS SG   S N N 79  
CYS OXT  O N N 80  
CYS H    H N N 81  
CYS H2   H N N 82  
CYS HA   H N N 83  
CYS HB2  H N N 84  
CYS HB3  H N N 85  
CYS HG   H N N 86  
CYS HXT  H N N 87  
GLN N    N N N 88  
GLN CA   C N S 89  
GLN C    C N N 90  
GLN O    O N N 91  
GLN CB   C N N 92  
GLN CG   C N N 93  
GLN CD   C N N 94  
GLN OE1  O N N 95  
GLN NE2  N N N 96  
GLN OXT  O N N 97  
GLN H    H N N 98  
GLN H2   H N N 99  
GLN HA   H N N 100 
GLN HB2  H N N 101 
GLN HB3  H N N 102 
GLN HG2  H N N 103 
GLN HG3  H N N 104 
GLN HE21 H N N 105 
GLN HE22 H N N 106 
GLN HXT  H N N 107 
GLU N    N N N 108 
GLU CA   C N S 109 
GLU C    C N N 110 
GLU O    O N N 111 
GLU CB   C N N 112 
GLU CG   C N N 113 
GLU CD   C N N 114 
GLU OE1  O N N 115 
GLU OE2  O N N 116 
GLU OXT  O N N 117 
GLU H    H N N 118 
GLU H2   H N N 119 
GLU HA   H N N 120 
GLU HB2  H N N 121 
GLU HB3  H N N 122 
GLU HG2  H N N 123 
GLU HG3  H N N 124 
GLU HE2  H N N 125 
GLU HXT  H N N 126 
GLY N    N N N 127 
GLY CA   C N N 128 
GLY C    C N N 129 
GLY O    O N N 130 
GLY OXT  O N N 131 
GLY H    H N N 132 
GLY H2   H N N 133 
GLY HA2  H N N 134 
GLY HA3  H N N 135 
GLY HXT  H N N 136 
HIS N    N N N 137 
HIS CA   C N S 138 
HIS C    C N N 139 
HIS O    O N N 140 
HIS CB   C N N 141 
HIS CG   C Y N 142 
HIS ND1  N Y N 143 
HIS CD2  C Y N 144 
HIS CE1  C Y N 145 
HIS NE2  N Y N 146 
HIS OXT  O N N 147 
HIS H    H N N 148 
HIS H2   H N N 149 
HIS HA   H N N 150 
HIS HB2  H N N 151 
HIS HB3  H N N 152 
HIS HD1  H N N 153 
HIS HD2  H N N 154 
HIS HE1  H N N 155 
HIS HE2  H N N 156 
HIS HXT  H N N 157 
HOH O    O N N 158 
HOH H1   H N N 159 
HOH H2   H N N 160 
ILE N    N N N 161 
ILE CA   C N S 162 
ILE C    C N N 163 
ILE O    O N N 164 
ILE CB   C N S 165 
ILE CG1  C N N 166 
ILE CG2  C N N 167 
ILE CD1  C N N 168 
ILE OXT  O N N 169 
ILE H    H N N 170 
ILE H2   H N N 171 
ILE HA   H N N 172 
ILE HB   H N N 173 
ILE HG12 H N N 174 
ILE HG13 H N N 175 
ILE HG21 H N N 176 
ILE HG22 H N N 177 
ILE HG23 H N N 178 
ILE HD11 H N N 179 
ILE HD12 H N N 180 
ILE HD13 H N N 181 
ILE HXT  H N N 182 
LEU N    N N N 183 
LEU CA   C N S 184 
LEU C    C N N 185 
LEU O    O N N 186 
LEU CB   C N N 187 
LEU CG   C N N 188 
LEU CD1  C N N 189 
LEU CD2  C N N 190 
LEU OXT  O N N 191 
LEU H    H N N 192 
LEU H2   H N N 193 
LEU HA   H N N 194 
LEU HB2  H N N 195 
LEU HB3  H N N 196 
LEU HG   H N N 197 
LEU HD11 H N N 198 
LEU HD12 H N N 199 
LEU HD13 H N N 200 
LEU HD21 H N N 201 
LEU HD22 H N N 202 
LEU HD23 H N N 203 
LEU HXT  H N N 204 
LYS N    N N N 205 
LYS CA   C N S 206 
LYS C    C N N 207 
LYS O    O N N 208 
LYS CB   C N N 209 
LYS CG   C N N 210 
LYS CD   C N N 211 
LYS CE   C N N 212 
LYS NZ   N N N 213 
LYS OXT  O N N 214 
LYS H    H N N 215 
LYS H2   H N N 216 
LYS HA   H N N 217 
LYS HB2  H N N 218 
LYS HB3  H N N 219 
LYS HG2  H N N 220 
LYS HG3  H N N 221 
LYS HD2  H N N 222 
LYS HD3  H N N 223 
LYS HE2  H N N 224 
LYS HE3  H N N 225 
LYS HZ1  H N N 226 
LYS HZ2  H N N 227 
LYS HZ3  H N N 228 
LYS HXT  H N N 229 
MET N    N N N 230 
MET CA   C N S 231 
MET C    C N N 232 
MET O    O N N 233 
MET CB   C N N 234 
MET CG   C N N 235 
MET SD   S N N 236 
MET CE   C N N 237 
MET OXT  O N N 238 
MET H    H N N 239 
MET H2   H N N 240 
MET HA   H N N 241 
MET HB2  H N N 242 
MET HB3  H N N 243 
MET HG2  H N N 244 
MET HG3  H N N 245 
MET HE1  H N N 246 
MET HE2  H N N 247 
MET HE3  H N N 248 
MET HXT  H N N 249 
PHE N    N N N 250 
PHE CA   C N S 251 
PHE C    C N N 252 
PHE O    O N N 253 
PHE CB   C N N 254 
PHE CG   C Y N 255 
PHE CD1  C Y N 256 
PHE CD2  C Y N 257 
PHE CE1  C Y N 258 
PHE CE2  C Y N 259 
PHE CZ   C Y N 260 
PHE OXT  O N N 261 
PHE H    H N N 262 
PHE H2   H N N 263 
PHE HA   H N N 264 
PHE HB2  H N N 265 
PHE HB3  H N N 266 
PHE HD1  H N N 267 
PHE HD2  H N N 268 
PHE HE1  H N N 269 
PHE HE2  H N N 270 
PHE HZ   H N N 271 
PHE HXT  H N N 272 
PRO N    N N N 273 
PRO CA   C N S 274 
PRO C    C N N 275 
PRO O    O N N 276 
PRO CB   C N N 277 
PRO CG   C N N 278 
PRO CD   C N N 279 
PRO OXT  O N N 280 
PRO H    H N N 281 
PRO HA   H N N 282 
PRO HB2  H N N 283 
PRO HB3  H N N 284 
PRO HG2  H N N 285 
PRO HG3  H N N 286 
PRO HD2  H N N 287 
PRO HD3  H N N 288 
PRO HXT  H N N 289 
SER N    N N N 290 
SER CA   C N S 291 
SER C    C N N 292 
SER O    O N N 293 
SER CB   C N N 294 
SER OG   O N N 295 
SER OXT  O N N 296 
SER H    H N N 297 
SER H2   H N N 298 
SER HA   H N N 299 
SER HB2  H N N 300 
SER HB3  H N N 301 
SER HG   H N N 302 
SER HXT  H N N 303 
THR N    N N N 304 
THR CA   C N S 305 
THR C    C N N 306 
THR O    O N N 307 
THR CB   C N R 308 
THR OG1  O N N 309 
THR CG2  C N N 310 
THR OXT  O N N 311 
THR H    H N N 312 
THR H2   H N N 313 
THR HA   H N N 314 
THR HB   H N N 315 
THR HG1  H N N 316 
THR HG21 H N N 317 
THR HG22 H N N 318 
THR HG23 H N N 319 
THR HXT  H N N 320 
TRP N    N N N 321 
TRP CA   C N S 322 
TRP C    C N N 323 
TRP O    O N N 324 
TRP CB   C N N 325 
TRP CG   C Y N 326 
TRP CD1  C Y N 327 
TRP CD2  C Y N 328 
TRP NE1  N Y N 329 
TRP CE2  C Y N 330 
TRP CE3  C Y N 331 
TRP CZ2  C Y N 332 
TRP CZ3  C Y N 333 
TRP CH2  C Y N 334 
TRP OXT  O N N 335 
TRP H    H N N 336 
TRP H2   H N N 337 
TRP HA   H N N 338 
TRP HB2  H N N 339 
TRP HB3  H N N 340 
TRP HD1  H N N 341 
TRP HE1  H N N 342 
TRP HE3  H N N 343 
TRP HZ2  H N N 344 
TRP HZ3  H N N 345 
TRP HH2  H N N 346 
TRP HXT  H N N 347 
TYR N    N N N 348 
TYR CA   C N S 349 
TYR C    C N N 350 
TYR O    O N N 351 
TYR CB   C N N 352 
TYR CG   C Y N 353 
TYR CD1  C Y N 354 
TYR CD2  C Y N 355 
TYR CE1  C Y N 356 
TYR CE2  C Y N 357 
TYR CZ   C Y N 358 
TYR OH   O N N 359 
TYR OXT  O N N 360 
TYR H    H N N 361 
TYR H2   H N N 362 
TYR HA   H N N 363 
TYR HB2  H N N 364 
TYR HB3  H N N 365 
TYR HD1  H N N 366 
TYR HD2  H N N 367 
TYR HE1  H N N 368 
TYR HE2  H N N 369 
TYR HH   H N N 370 
TYR HXT  H N N 371 
VAL N    N N N 372 
VAL CA   C N S 373 
VAL C    C N N 374 
VAL O    O N N 375 
VAL CB   C N N 376 
VAL CG1  C N N 377 
VAL CG2  C N N 378 
VAL OXT  O N N 379 
VAL H    H N N 380 
VAL H2   H N N 381 
VAL HA   H N N 382 
VAL HB   H N N 383 
VAL HG11 H N N 384 
VAL HG12 H N N 385 
VAL HG13 H N N 386 
VAL HG21 H N N 387 
VAL HG22 H N N 388 
VAL HG23 H N N 389 
VAL HXT  H N N 390 
# 
loop_
_chem_comp_bond.comp_id 
_chem_comp_bond.atom_id_1 
_chem_comp_bond.atom_id_2 
_chem_comp_bond.value_order 
_chem_comp_bond.pdbx_aromatic_flag 
_chem_comp_bond.pdbx_stereo_config 
_chem_comp_bond.pdbx_ordinal 
ALA N   CA   sing N N 1   
ALA N   H    sing N N 2   
ALA N   H2   sing N N 3   
ALA CA  C    sing N N 4   
ALA CA  CB   sing N N 5   
ALA CA  HA   sing N N 6   
ALA C   O    doub N N 7   
ALA C   OXT  sing N N 8   
ALA CB  HB1  sing N N 9   
ALA CB  HB2  sing N N 10  
ALA CB  HB3  sing N N 11  
ALA OXT HXT  sing N N 12  
ARG N   CA   sing N N 13  
ARG N   H    sing N N 14  
ARG N   H2   sing N N 15  
ARG CA  C    sing N N 16  
ARG CA  CB   sing N N 17  
ARG CA  HA   sing N N 18  
ARG C   O    doub N N 19  
ARG C   OXT  sing N N 20  
ARG CB  CG   sing N N 21  
ARG CB  HB2  sing N N 22  
ARG CB  HB3  sing N N 23  
ARG CG  CD   sing N N 24  
ARG CG  HG2  sing N N 25  
ARG CG  HG3  sing N N 26  
ARG CD  NE   sing N N 27  
ARG CD  HD2  sing N N 28  
ARG CD  HD3  sing N N 29  
ARG NE  CZ   sing N N 30  
ARG NE  HE   sing N N 31  
ARG CZ  NH1  sing N N 32  
ARG CZ  NH2  doub N N 33  
ARG NH1 HH11 sing N N 34  
ARG NH1 HH12 sing N N 35  
ARG NH2 HH21 sing N N 36  
ARG NH2 HH22 sing N N 37  
ARG OXT HXT  sing N N 38  
ASN N   CA   sing N N 39  
ASN N   H    sing N N 40  
ASN N   H2   sing N N 41  
ASN CA  C    sing N N 42  
ASN CA  CB   sing N N 43  
ASN CA  HA   sing N N 44  
ASN C   O    doub N N 45  
ASN C   OXT  sing N N 46  
ASN CB  CG   sing N N 47  
ASN CB  HB2  sing N N 48  
ASN CB  HB3  sing N N 49  
ASN CG  OD1  doub N N 50  
ASN CG  ND2  sing N N 51  
ASN ND2 HD21 sing N N 52  
ASN ND2 HD22 sing N N 53  
ASN OXT HXT  sing N N 54  
ASP N   CA   sing N N 55  
ASP N   H    sing N N 56  
ASP N   H2   sing N N 57  
ASP CA  C    sing N N 58  
ASP CA  CB   sing N N 59  
ASP CA  HA   sing N N 60  
ASP C   O    doub N N 61  
ASP C   OXT  sing N N 62  
ASP CB  CG   sing N N 63  
ASP CB  HB2  sing N N 64  
ASP CB  HB3  sing N N 65  
ASP CG  OD1  doub N N 66  
ASP CG  OD2  sing N N 67  
ASP OD2 HD2  sing N N 68  
ASP OXT HXT  sing N N 69  
CYS N   CA   sing N N 70  
CYS N   H    sing N N 71  
CYS N   H2   sing N N 72  
CYS CA  C    sing N N 73  
CYS CA  CB   sing N N 74  
CYS CA  HA   sing N N 75  
CYS C   O    doub N N 76  
CYS C   OXT  sing N N 77  
CYS CB  SG   sing N N 78  
CYS CB  HB2  sing N N 79  
CYS CB  HB3  sing N N 80  
CYS SG  HG   sing N N 81  
CYS OXT HXT  sing N N 82  
GLN N   CA   sing N N 83  
GLN N   H    sing N N 84  
GLN N   H2   sing N N 85  
GLN CA  C    sing N N 86  
GLN CA  CB   sing N N 87  
GLN CA  HA   sing N N 88  
GLN C   O    doub N N 89  
GLN C   OXT  sing N N 90  
GLN CB  CG   sing N N 91  
GLN CB  HB2  sing N N 92  
GLN CB  HB3  sing N N 93  
GLN CG  CD   sing N N 94  
GLN CG  HG2  sing N N 95  
GLN CG  HG3  sing N N 96  
GLN CD  OE1  doub N N 97  
GLN CD  NE2  sing N N 98  
GLN NE2 HE21 sing N N 99  
GLN NE2 HE22 sing N N 100 
GLN OXT HXT  sing N N 101 
GLU N   CA   sing N N 102 
GLU N   H    sing N N 103 
GLU N   H2   sing N N 104 
GLU CA  C    sing N N 105 
GLU CA  CB   sing N N 106 
GLU CA  HA   sing N N 107 
GLU C   O    doub N N 108 
GLU C   OXT  sing N N 109 
GLU CB  CG   sing N N 110 
GLU CB  HB2  sing N N 111 
GLU CB  HB3  sing N N 112 
GLU CG  CD   sing N N 113 
GLU CG  HG2  sing N N 114 
GLU CG  HG3  sing N N 115 
GLU CD  OE1  doub N N 116 
GLU CD  OE2  sing N N 117 
GLU OE2 HE2  sing N N 118 
GLU OXT HXT  sing N N 119 
GLY N   CA   sing N N 120 
GLY N   H    sing N N 121 
GLY N   H2   sing N N 122 
GLY CA  C    sing N N 123 
GLY CA  HA2  sing N N 124 
GLY CA  HA3  sing N N 125 
GLY C   O    doub N N 126 
GLY C   OXT  sing N N 127 
GLY OXT HXT  sing N N 128 
HIS N   CA   sing N N 129 
HIS N   H    sing N N 130 
HIS N   H2   sing N N 131 
HIS CA  C    sing N N 132 
HIS CA  CB   sing N N 133 
HIS CA  HA   sing N N 134 
HIS C   O    doub N N 135 
HIS C   OXT  sing N N 136 
HIS CB  CG   sing N N 137 
HIS CB  HB2  sing N N 138 
HIS CB  HB3  sing N N 139 
HIS CG  ND1  sing Y N 140 
HIS CG  CD2  doub Y N 141 
HIS ND1 CE1  doub Y N 142 
HIS ND1 HD1  sing N N 143 
HIS CD2 NE2  sing Y N 144 
HIS CD2 HD2  sing N N 145 
HIS CE1 NE2  sing Y N 146 
HIS CE1 HE1  sing N N 147 
HIS NE2 HE2  sing N N 148 
HIS OXT HXT  sing N N 149 
HOH O   H1   sing N N 150 
HOH O   H2   sing N N 151 
ILE N   CA   sing N N 152 
ILE N   H    sing N N 153 
ILE N   H2   sing N N 154 
ILE CA  C    sing N N 155 
ILE CA  CB   sing N N 156 
ILE CA  HA   sing N N 157 
ILE C   O    doub N N 158 
ILE C   OXT  sing N N 159 
ILE CB  CG1  sing N N 160 
ILE CB  CG2  sing N N 161 
ILE CB  HB   sing N N 162 
ILE CG1 CD1  sing N N 163 
ILE CG1 HG12 sing N N 164 
ILE CG1 HG13 sing N N 165 
ILE CG2 HG21 sing N N 166 
ILE CG2 HG22 sing N N 167 
ILE CG2 HG23 sing N N 168 
ILE CD1 HD11 sing N N 169 
ILE CD1 HD12 sing N N 170 
ILE CD1 HD13 sing N N 171 
ILE OXT HXT  sing N N 172 
LEU N   CA   sing N N 173 
LEU N   H    sing N N 174 
LEU N   H2   sing N N 175 
LEU CA  C    sing N N 176 
LEU CA  CB   sing N N 177 
LEU CA  HA   sing N N 178 
LEU C   O    doub N N 179 
LEU C   OXT  sing N N 180 
LEU CB  CG   sing N N 181 
LEU CB  HB2  sing N N 182 
LEU CB  HB3  sing N N 183 
LEU CG  CD1  sing N N 184 
LEU CG  CD2  sing N N 185 
LEU CG  HG   sing N N 186 
LEU CD1 HD11 sing N N 187 
LEU CD1 HD12 sing N N 188 
LEU CD1 HD13 sing N N 189 
LEU CD2 HD21 sing N N 190 
LEU CD2 HD22 sing N N 191 
LEU CD2 HD23 sing N N 192 
LEU OXT HXT  sing N N 193 
LYS N   CA   sing N N 194 
LYS N   H    sing N N 195 
LYS N   H2   sing N N 196 
LYS CA  C    sing N N 197 
LYS CA  CB   sing N N 198 
LYS CA  HA   sing N N 199 
LYS C   O    doub N N 200 
LYS C   OXT  sing N N 201 
LYS CB  CG   sing N N 202 
LYS CB  HB2  sing N N 203 
LYS CB  HB3  sing N N 204 
LYS CG  CD   sing N N 205 
LYS CG  HG2  sing N N 206 
LYS CG  HG3  sing N N 207 
LYS CD  CE   sing N N 208 
LYS CD  HD2  sing N N 209 
LYS CD  HD3  sing N N 210 
LYS CE  NZ   sing N N 211 
LYS CE  HE2  sing N N 212 
LYS CE  HE3  sing N N 213 
LYS NZ  HZ1  sing N N 214 
LYS NZ  HZ2  sing N N 215 
LYS NZ  HZ3  sing N N 216 
LYS OXT HXT  sing N N 217 
MET N   CA   sing N N 218 
MET N   H    sing N N 219 
MET N   H2   sing N N 220 
MET CA  C    sing N N 221 
MET CA  CB   sing N N 222 
MET CA  HA   sing N N 223 
MET C   O    doub N N 224 
MET C   OXT  sing N N 225 
MET CB  CG   sing N N 226 
MET CB  HB2  sing N N 227 
MET CB  HB3  sing N N 228 
MET CG  SD   sing N N 229 
MET CG  HG2  sing N N 230 
MET CG  HG3  sing N N 231 
MET SD  CE   sing N N 232 
MET CE  HE1  sing N N 233 
MET CE  HE2  sing N N 234 
MET CE  HE3  sing N N 235 
MET OXT HXT  sing N N 236 
PHE N   CA   sing N N 237 
PHE N   H    sing N N 238 
PHE N   H2   sing N N 239 
PHE CA  C    sing N N 240 
PHE CA  CB   sing N N 241 
PHE CA  HA   sing N N 242 
PHE C   O    doub N N 243 
PHE C   OXT  sing N N 244 
PHE CB  CG   sing N N 245 
PHE CB  HB2  sing N N 246 
PHE CB  HB3  sing N N 247 
PHE CG  CD1  doub Y N 248 
PHE CG  CD2  sing Y N 249 
PHE CD1 CE1  sing Y N 250 
PHE CD1 HD1  sing N N 251 
PHE CD2 CE2  doub Y N 252 
PHE CD2 HD2  sing N N 253 
PHE CE1 CZ   doub Y N 254 
PHE CE1 HE1  sing N N 255 
PHE CE2 CZ   sing Y N 256 
PHE CE2 HE2  sing N N 257 
PHE CZ  HZ   sing N N 258 
PHE OXT HXT  sing N N 259 
PRO N   CA   sing N N 260 
PRO N   CD   sing N N 261 
PRO N   H    sing N N 262 
PRO CA  C    sing N N 263 
PRO CA  CB   sing N N 264 
PRO CA  HA   sing N N 265 
PRO C   O    doub N N 266 
PRO C   OXT  sing N N 267 
PRO CB  CG   sing N N 268 
PRO CB  HB2  sing N N 269 
PRO CB  HB3  sing N N 270 
PRO CG  CD   sing N N 271 
PRO CG  HG2  sing N N 272 
PRO CG  HG3  sing N N 273 
PRO CD  HD2  sing N N 274 
PRO CD  HD3  sing N N 275 
PRO OXT HXT  sing N N 276 
SER N   CA   sing N N 277 
SER N   H    sing N N 278 
SER N   H2   sing N N 279 
SER CA  C    sing N N 280 
SER CA  CB   sing N N 281 
SER CA  HA   sing N N 282 
SER C   O    doub N N 283 
SER C   OXT  sing N N 284 
SER CB  OG   sing N N 285 
SER CB  HB2  sing N N 286 
SER CB  HB3  sing N N 287 
SER OG  HG   sing N N 288 
SER OXT HXT  sing N N 289 
THR N   CA   sing N N 290 
THR N   H    sing N N 291 
THR N   H2   sing N N 292 
THR CA  C    sing N N 293 
THR CA  CB   sing N N 294 
THR CA  HA   sing N N 295 
THR C   O    doub N N 296 
THR C   OXT  sing N N 297 
THR CB  OG1  sing N N 298 
THR CB  CG2  sing N N 299 
THR CB  HB   sing N N 300 
THR OG1 HG1  sing N N 301 
THR CG2 HG21 sing N N 302 
THR CG2 HG22 sing N N 303 
THR CG2 HG23 sing N N 304 
THR OXT HXT  sing N N 305 
TRP N   CA   sing N N 306 
TRP N   H    sing N N 307 
TRP N   H2   sing N N 308 
TRP CA  C    sing N N 309 
TRP CA  CB   sing N N 310 
TRP CA  HA   sing N N 311 
TRP C   O    doub N N 312 
TRP C   OXT  sing N N 313 
TRP CB  CG   sing N N 314 
TRP CB  HB2  sing N N 315 
TRP CB  HB3  sing N N 316 
TRP CG  CD1  doub Y N 317 
TRP CG  CD2  sing Y N 318 
TRP CD1 NE1  sing Y N 319 
TRP CD1 HD1  sing N N 320 
TRP CD2 CE2  doub Y N 321 
TRP CD2 CE3  sing Y N 322 
TRP NE1 CE2  sing Y N 323 
TRP NE1 HE1  sing N N 324 
TRP CE2 CZ2  sing Y N 325 
TRP CE3 CZ3  doub Y N 326 
TRP CE3 HE3  sing N N 327 
TRP CZ2 CH2  doub Y N 328 
TRP CZ2 HZ2  sing N N 329 
TRP CZ3 CH2  sing Y N 330 
TRP CZ3 HZ3  sing N N 331 
TRP CH2 HH2  sing N N 332 
TRP OXT HXT  sing N N 333 
TYR N   CA   sing N N 334 
TYR N   H    sing N N 335 
TYR N   H2   sing N N 336 
TYR CA  C    sing N N 337 
TYR CA  CB   sing N N 338 
TYR CA  HA   sing N N 339 
TYR C   O    doub N N 340 
TYR C   OXT  sing N N 341 
TYR CB  CG   sing N N 342 
TYR CB  HB2  sing N N 343 
TYR CB  HB3  sing N N 344 
TYR CG  CD1  doub Y N 345 
TYR CG  CD2  sing Y N 346 
TYR CD1 CE1  sing Y N 347 
TYR CD1 HD1  sing N N 348 
TYR CD2 CE2  doub Y N 349 
TYR CD2 HD2  sing N N 350 
TYR CE1 CZ   doub Y N 351 
TYR CE1 HE1  sing N N 352 
TYR CE2 CZ   sing Y N 353 
TYR CE2 HE2  sing N N 354 
TYR CZ  OH   sing N N 355 
TYR OH  HH   sing N N 356 
TYR OXT HXT  sing N N 357 
VAL N   CA   sing N N 358 
VAL N   H    sing N N 359 
VAL N   H2   sing N N 360 
VAL CA  C    sing N N 361 
VAL CA  CB   sing N N 362 
VAL CA  HA   sing N N 363 
VAL C   O    doub N N 364 
VAL C   OXT  sing N N 365 
VAL CB  CG1  sing N N 366 
VAL CB  CG2  sing N N 367 
VAL CB  HB   sing N N 368 
VAL CG1 HG11 sing N N 369 
VAL CG1 HG12 sing N N 370 
VAL CG1 HG13 sing N N 371 
VAL CG2 HG21 sing N N 372 
VAL CG2 HG22 sing N N 373 
VAL CG2 HG23 sing N N 374 
VAL OXT HXT  sing N N 375 
# 
loop_
_pdbx_audit_support.funding_organization 
_pdbx_audit_support.country 
_pdbx_audit_support.grant_number 
_pdbx_audit_support.ordinal 
'National Institutes of Health/National Institute Of Allergy and Infectious Diseases (NIH/NIAID)'           'United States' 
R01-AI091699 1 
'National Institutes of Health/National Institute of Diabetes and Digestive and Kidney Disease (NIH/NIDDK)' 'United States' 
P30-DK117469 2 
'National Institutes of Health/National Institute of General Medical Sciences (NIH/NIGMS)'                  'United States' 
P20-GM113132 3 
'National Institutes of Health/National Institute Of Allergy and Infectious Diseases (NIH/NIAID)'           'United States' 
T32AI007519  4 
'Cystic Fibrosis Foundation'                                                                                'United States' 
STANTO19R0   5 
# 
_space_group.name_H-M_alt     'P 21 21 2' 
_space_group.name_Hall        'P 2 2ab' 
_space_group.IT_number        18 
_space_group.crystal_system   orthorhombic 
_space_group.id               1 
# 
_atom_sites.entry_id                    8E1B 
_atom_sites.Cartn_transf_matrix[1][1]   ? 
_atom_sites.Cartn_transf_matrix[1][2]   ? 
_atom_sites.Cartn_transf_matrix[1][3]   ? 
_atom_sites.Cartn_transf_matrix[2][1]   ? 
_atom_sites.Cartn_transf_matrix[2][2]   ? 
_atom_sites.Cartn_transf_matrix[2][3]   ? 
_atom_sites.Cartn_transf_matrix[3][1]   ? 
_atom_sites.Cartn_transf_matrix[3][2]   ? 
_atom_sites.Cartn_transf_matrix[3][3]   ? 
_atom_sites.Cartn_transf_vector[1]      ? 
_atom_sites.Cartn_transf_vector[2]      ? 
_atom_sites.Cartn_transf_vector[3]      ? 
_atom_sites.fract_transf_matrix[1][1]   -0.01906435 
_atom_sites.fract_transf_matrix[1][2]   0.02187310 
_atom_sites.fract_transf_matrix[1][3]   0.01440224 
_atom_sites.fract_transf_matrix[2][1]   -0.00720051 
_atom_sites.fract_transf_matrix[2][2]   -0.00461794 
_atom_sites.fract_transf_matrix[2][3]   -0.00251797 
_atom_sites.fract_transf_matrix[3][1]   0.00119224 
_atom_sites.fract_transf_matrix[3][2]   -0.01582048 
_atom_sites.fract_transf_matrix[3][3]   0.02560519 
_atom_sites.fract_transf_vector[1]      0.457332 
_atom_sites.fract_transf_vector[2]      0.157633 
_atom_sites.fract_transf_vector[3]      0.087279 
_atom_sites.solution_primary            ? 
_atom_sites.solution_secondary          ? 
_atom_sites.solution_hydrogens          ? 
_atom_sites.special_details             ? 
# 
loop_
_atom_type.symbol 
_atom_type.scat_dispersion_real 
_atom_type.scat_dispersion_imag 
_atom_type.scat_Cromer_Mann_a1 
_atom_type.scat_Cromer_Mann_a2 
_atom_type.scat_Cromer_Mann_a3 
_atom_type.scat_Cromer_Mann_a4 
_atom_type.scat_Cromer_Mann_b1 
_atom_type.scat_Cromer_Mann_b2 
_atom_type.scat_Cromer_Mann_b3 
_atom_type.scat_Cromer_Mann_b4 
_atom_type.scat_Cromer_Mann_c 
_atom_type.scat_source 
_atom_type.scat_dispersion_source 
C ? ? 3.54356 2.42580 ? ? 25.62398 1.50364  ? ? 0.0 
;2-Gaussian fit: Grosse-Kunstleve RW, Sauter NK, Adams PD: Newsletter of the IUCr Commission on Crystallographic Computing 2004, 3, 22-31.
;
? 
N ? ? 4.01032 2.96436 ? ? 19.97189 1.75589  ? ? 0.0 
;2-Gaussian fit: Grosse-Kunstleve RW, Sauter NK, Adams PD: Newsletter of the IUCr Commission on Crystallographic Computing 2004, 3, 22-31.
;
? 
O ? ? 4.49882 3.47563 ? ? 15.80542 1.70748  ? ? 0.0 
;2-Gaussian fit: Grosse-Kunstleve RW, Sauter NK, Adams PD: Newsletter of the IUCr Commission on Crystallographic Computing 2004, 3, 22-31.
;
? 
S ? ? 9.55732 6.39887 ? ? 1.23737  29.19336 ? ? 0.0 
;2-Gaussian fit: Grosse-Kunstleve RW, Sauter NK, Adams PD: Newsletter of the IUCr Commission on Crystallographic Computing 2004, 3, 22-31.
;
? 
# 
loop_
_atom_site.group_PDB 
_atom_site.id 
_atom_site.type_symbol 
_atom_site.label_atom_id 
_atom_site.label_alt_id 
_atom_site.label_comp_id 
_atom_site.label_asym_id 
_atom_site.label_entity_id 
_atom_site.label_seq_id 
_atom_site.pdbx_PDB_ins_code 
_atom_site.Cartn_x 
_atom_site.Cartn_y 
_atom_site.Cartn_z 
_atom_site.occupancy 
_atom_site.B_iso_or_equiv 
_atom_site.pdbx_formal_charge 
_atom_site.auth_seq_id 
_atom_site.auth_comp_id 
_atom_site.auth_asym_id 
_atom_site.auth_atom_id 
_atom_site.pdbx_PDB_model_num 
ATOM   1   N N   . GLN A 1 5   ? -2.68151  15.24955  -3.52112  1.000 49.78053  ? 5   GLN A N   1 
ATOM   2   C CA  . GLN A 1 5   ? -1.88087  15.04493  -4.72359  1.000 45.80312  ? 5   GLN A CA  1 
ATOM   3   C C   . GLN A 1 5   ? -1.77167  13.55405  -5.09927  1.000 43.08871  ? 5   GLN A C   1 
ATOM   4   O O   . GLN A 1 5   ? -1.51417  13.22599  -6.25743  1.000 47.63149  ? 5   GLN A O   1 
ATOM   5   C CB  . GLN A 1 5   ? -0.48629  15.66272  -4.54680  1.000 55.36048  ? 5   GLN A CB  1 
ATOM   6   C CG  . GLN A 1 5   ? 0.47555   15.40279  -5.70154  1.000 56.01090  ? 5   GLN A CG  1 
ATOM   7   C CD  . GLN A 1 5   ? 1.32466   16.61046  -6.06308  1.000 72.59859  ? 5   GLN A CD  1 
ATOM   8   O OE1 . GLN A 1 5   ? 1.56572   17.49268  -5.23276  1.000 67.83185  ? 5   GLN A OE1 1 
ATOM   9   N NE2 . GLN A 1 5   ? 1.77760   16.65906  -7.31642  1.000 68.35493  ? 5   GLN A NE2 1 
ATOM   10  N N   . LEU A 1 6   ? -1.98429  12.65859  -4.13096  1.000 33.70391  ? 6   LEU A N   1 
ATOM   11  C CA  . LEU A 1 6   ? -1.99834  11.21442  -4.36735  1.000 35.61546  ? 6   LEU A CA  1 
ATOM   12  C C   . LEU A 1 6   ? -3.37257  10.65388  -4.02386  1.000 36.10392  ? 6   LEU A C   1 
ATOM   13  O O   . LEU A 1 6   ? -3.91366  10.94754  -2.95492  1.000 33.52782  ? 6   LEU A O   1 
ATOM   14  C CB  . LEU A 1 6   ? -0.93692  10.49824  -3.53230  1.000 29.76327  ? 6   LEU A CB  1 
ATOM   15  C CG  . LEU A 1 6   ? 0.53096   10.76242  -3.85504  1.000 34.05136  ? 6   LEU A CG  1 
ATOM   16  C CD1 . LEU A 1 6   ? 1.36936   9.78906   -3.04380  1.000 31.93557  ? 6   LEU A CD1 1 
ATOM   17  C CD2 . LEU A 1 6   ? 0.81068   10.61288  -5.34038  1.000 35.50013  ? 6   LEU A CD2 1 
ATOM   18  N N   . VAL A 1 7   ? -3.92340  9.83178   -4.92142  1.000 30.70847  ? 7   VAL A N   1 
ATOM   19  C CA  . VAL A 1 7   ? -5.31362  9.38587   -4.84516  1.000 27.66758  ? 7   VAL A CA  1 
ATOM   20  C C   . VAL A 1 7   ? -5.36027  7.85994   -4.96232  1.000 22.39796  ? 7   VAL A C   1 
ATOM   21  O O   . VAL A 1 7   ? -4.87029  7.30123   -5.95501  1.000 27.61046  ? 7   VAL A O   1 
ATOM   22  C CB  . VAL A 1 7   ? -6.15080  10.03897  -5.95785  1.000 29.67818  ? 7   VAL A CB  1 
ATOM   23  C CG1 . VAL A 1 7   ? -7.58054  9.61580   -5.84923  1.000 29.79752  ? 7   VAL A CG1 1 
ATOM   24  C CG2 . VAL A 1 7   ? -6.03061  11.57047  -5.89126  1.000 32.39023  ? 7   VAL A CG2 1 
ATOM   25  N N   . GLU A 1 8   ? -5.98494  7.19103   -3.97484  1.000 26.11620  ? 8   GLU A N   1 
ATOM   26  C CA  . GLU A 1 8   ? -6.05185  5.72945   -3.92190  1.000 25.26920  ? 8   GLU A CA  1 
ATOM   27  C C   . GLU A 1 8   ? -7.37678  5.19536   -4.43724  1.000 22.96734  ? 8   GLU A C   1 
ATOM   28  O O   . GLU A 1 8   ? -8.43945  5.76013   -4.16233  1.000 25.66402  ? 8   GLU A O   1 
ATOM   29  C CB  . GLU A 1 8   ? -5.88622  5.18513   -2.50485  1.000 23.39541  ? 8   GLU A CB  1 
ATOM   30  C CG  . GLU A 1 8   ? -4.63015  5.62911   -1.77963  1.000 25.07491  ? 8   GLU A CG  1 
ATOM   31  C CD  . GLU A 1 8   ? -4.84768  6.85855   -0.92988  1.000 32.42097  ? 8   GLU A CD  1 
ATOM   32  O OE1 . GLU A 1 8   ? -5.85873  7.56458   -1.11831  1.000 28.60971  ? 8   GLU A OE1 1 
ATOM   33  O OE2 . GLU A 1 8   ? -4.00106  7.12077   -0.05675  1.000 27.33647  ? 8   GLU A OE2 1 
ATOM   34  N N   . SER A 1 9   ? -7.30637  4.06167   -5.12334  1.000 22.69895  ? 9   SER A N   1 
ATOM   35  C CA  . SER A 1 9   ? -8.50883  3.35558   -5.54597  1.000 19.51033  ? 9   SER A CA  1 
ATOM   36  C C   . SER A 1 9   ? -8.17993  1.87205   -5.65324  1.000 25.98994  ? 9   SER A C   1 
ATOM   37  O O   . SER A 1 9   ? -7.02126  1.45555   -5.57867  1.000 23.63863  ? 9   SER A O   1 
ATOM   38  C CB  . SER A 1 9   ? -9.03317  3.94179   -6.86043  1.000 28.58364  ? 9   SER A CB  1 
ATOM   39  O OG  . SER A 1 9   ? -10.20516 3.28682   -7.32936  1.000 24.34373  ? 9   SER A OG  1 
ATOM   40  N N   . GLY A 1 10  ? -9.22004  1.06153   -5.81032  1.000 22.13566  ? 10  GLY A N   1 
ATOM   41  C CA  . GLY A 1 10  ? -9.04664  -0.34315  -6.12397  1.000 26.33285  ? 10  GLY A CA  1 
ATOM   42  C C   . GLY A 1 10  ? -9.45428  -1.30207  -5.03404  1.000 21.55982  ? 10  GLY A C   1 
ATOM   43  O O   . GLY A 1 10  ? -9.34791  -2.51575  -5.24068  1.000 29.28626  ? 10  GLY A O   1 
ATOM   44  N N   . GLY A 1 11  ? -9.91472  -0.80633  -3.88635  1.000 23.10600  ? 11  GLY A N   1 
ATOM   45  C CA  . GLY A 1 11  ? -10.28776 -1.64951  -2.77122  1.000 21.27210  ? 11  GLY A CA  1 
ATOM   46  C C   . GLY A 1 11  ? -11.56637 -2.41244  -3.06661  1.000 27.04948  ? 11  GLY A C   1 
ATOM   47  O O   . GLY A 1 11  ? -12.16365 -2.30991  -4.13891  1.000 26.67851  ? 11  GLY A O   1 
ATOM   48  N N   . GLY A 1 12  ? -12.00180 -3.18091  -2.08005  1.000 25.42131  ? 12  GLY A N   1 
ATOM   49  C CA  . GLY A 1 12  ? -13.18596 -3.99661  -2.25127  1.000 26.41180  ? 12  GLY A CA  1 
ATOM   50  C C   . GLY A 1 12  ? -13.21153 -5.10206  -1.22025  1.000 26.33035  ? 12  GLY A C   1 
ATOM   51  O O   . GLY A 1 12  ? -12.33956 -5.19503  -0.34542  1.000 25.71533  ? 12  GLY A O   1 
ATOM   52  N N   A LEU A 1 13  ? -14.25476 -5.92912  -1.32036  0.560 31.10016  ? 13  LEU A N   1 
ATOM   53  N N   B LEU A 1 13  ? -14.23574 -5.93989  -1.33731  0.440 31.09584  ? 13  LEU A N   1 
ATOM   54  C CA  A LEU A 1 13  ? -14.41746 -7.11095  -0.48308  0.560 27.19187  ? 13  LEU A CA  1 
ATOM   55  C CA  B LEU A 1 13  ? -14.40906 -7.10711  -0.48228  0.440 27.23316  ? 13  LEU A CA  1 
ATOM   56  C C   A LEU A 1 13  ? -14.07342 -8.34635  -1.30476  0.560 28.73341  ? 13  LEU A C   1 
ATOM   57  C C   B LEU A 1 13  ? -14.08465 -8.35655  -1.29289  0.440 28.76714  ? 13  LEU A C   1 
ATOM   58  O O   A LEU A 1 13  ? -14.55866 -8.50268  -2.43163  0.560 33.65573  ? 13  LEU A O   1 
ATOM   59  O O   B LEU A 1 13  ? -14.60751 -8.54044  -2.39622  0.440 33.64782  ? 13  LEU A O   1 
ATOM   60  C CB  A LEU A 1 13  ? -15.84518 -7.20488  0.05709   0.560 30.83137  ? 13  LEU A CB  1 
ATOM   61  C CB  B LEU A 1 13  ? -15.83723 -7.17117  0.06814   0.440 30.83303  ? 13  LEU A CB  1 
ATOM   62  C CG  A LEU A 1 13  ? -16.23869 -6.19332  1.15099   0.560 31.72640  ? 13  LEU A CG  1 
ATOM   63  C CG  B LEU A 1 13  ? -16.20593 -8.22240  1.12040   0.440 35.29150  ? 13  LEU A CG  1 
ATOM   64  C CD1 A LEU A 1 13  ? -16.87332 -4.92937  0.56627   0.560 33.87314  ? 13  LEU A CD1 1 
ATOM   65  C CD1 B LEU A 1 13  ? -17.34513 -7.70138  1.98122   0.440 39.71458  ? 13  LEU A CD1 1 
ATOM   66  C CD2 A LEU A 1 13  ? -17.14464 -6.81822  2.22110   0.560 41.25737  ? 13  LEU A CD2 1 
ATOM   67  C CD2 B LEU A 1 13  ? -16.60857 -9.53436  0.48147   0.440 40.60944  ? 13  LEU A CD2 1 
ATOM   68  N N   . VAL A 1 14  ? -13.20871 -9.20497  -0.75442  1.000 25.35954  ? 14  VAL A N   1 
ATOM   69  C CA  . VAL A 1 14  ? -12.68267 -10.36071 -1.47417  1.000 26.78118  ? 14  VAL A CA  1 
ATOM   70  C C   . VAL A 1 14  ? -12.64244 -11.54458 -0.51585  1.000 25.97389  ? 14  VAL A C   1 
ATOM   71  O O   . VAL A 1 14  ? -12.47580 -11.37167 0.69492   1.000 30.62717  ? 14  VAL A O   1 
ATOM   72  C CB  . VAL A 1 14  ? -11.26565 -10.08957 -2.05023  1.000 32.67190  ? 14  VAL A CB  1 
ATOM   73  C CG1 . VAL A 1 14  ? -10.69026 -11.32388 -2.68203  1.000 35.02079  ? 14  VAL A CG1 1 
ATOM   74  C CG2 . VAL A 1 14  ? -11.29652 -8.97088  -3.06809  1.000 41.23087  ? 14  VAL A CG2 1 
ATOM   75  N N   . GLN A 1 15  ? -12.79570 -12.76274 -1.06609  1.000 28.79195  ? 15  GLN A N   1 
ATOM   76  C CA  . GLN A 1 15  ? -12.65677 -13.97675 -0.27098  1.000 29.80152  ? 15  GLN A CA  1 
ATOM   77  C C   . GLN A 1 15  ? -11.18391 -14.28168 0.00730   1.000 26.73941  ? 15  GLN A C   1 
ATOM   78  O O   . GLN A 1 15  ? -10.29532 -13.83653 -0.72956  1.000 27.47976  ? 15  GLN A O   1 
ATOM   79  C CB  . GLN A 1 15  ? -13.28654 -15.16126 -0.99704  1.000 32.77410  ? 15  GLN A CB  1 
ATOM   80  C CG  . GLN A 1 15  ? -14.79983 -15.20207 -0.96120  1.000 35.64922  ? 15  GLN A CG  1 
ATOM   81  C CD  . GLN A 1 15  ? -15.35569 -16.18835 -1.96469  1.000 46.20185  ? 15  GLN A CD  1 
ATOM   82  O OE1 . GLN A 1 15  ? -15.08611 -17.39005 -1.88801  1.000 50.15696  ? 15  GLN A OE1 1 
ATOM   83  N NE2 . GLN A 1 15  ? -16.11796 -15.68489 -2.92863  1.000 56.03868  ? 15  GLN A NE2 1 
ATOM   84  N N   . PRO A 1 16  ? -10.90013 -15.06153 1.05451   1.000 29.11291  ? 16  PRO A N   1 
ATOM   85  C CA  . PRO A 1 16  ? -9.52006  -15.49924 1.28566   1.000 25.35501  ? 16  PRO A CA  1 
ATOM   86  C C   . PRO A 1 16  ? -8.95907  -16.19788 0.05968   1.000 27.89510  ? 16  PRO A C   1 
ATOM   87  O O   . PRO A 1 16  ? -9.61649  -17.04603 -0.55256  1.000 27.85415  ? 16  PRO A O   1 
ATOM   88  C CB  . PRO A 1 16  ? -9.63989  -16.46178 2.47642   1.000 30.62054  ? 16  PRO A CB  1 
ATOM   89  C CG  . PRO A 1 16  ? -10.88701 -16.06743 3.16636   1.000 34.03131  ? 16  PRO A CG  1 
ATOM   90  C CD  . PRO A 1 16  ? -11.81536 -15.52379 2.11497   1.000 29.20327  ? 16  PRO A CD  1 
ATOM   91  N N   . GLY A 1 17  ? -7.72175  -15.84837 -0.27725  1.000 26.24905  ? 17  GLY A N   1 
ATOM   92  C CA  . GLY A 1 17  ? -7.05148  -16.34655 -1.45386  1.000 24.90261  ? 17  GLY A CA  1 
ATOM   93  C C   . GLY A 1 17  ? -7.19080  -15.46509 -2.67559  1.000 25.00308  ? 17  GLY A C   1 
ATOM   94  O O   . GLY A 1 17  ? -6.50535  -15.71295 -3.67472  1.000 28.55534  ? 17  GLY A O   1 
ATOM   95  N N   . GLY A 1 18  ? -8.04909  -14.44751 -2.62216  1.000 25.66368  ? 18  GLY A N   1 
ATOM   96  C CA  . GLY A 1 18  ? -8.33621  -13.60914 -3.76716  1.000 24.76997  ? 18  GLY A CA  1 
ATOM   97  C C   . GLY A 1 18  ? -7.27032  -12.55692 -3.99250  1.000 23.19847  ? 18  GLY A C   1 
ATOM   98  O O   . GLY A 1 18  ? -6.21146  -12.54218 -3.36450  1.000 24.29839  ? 18  GLY A O   1 
ATOM   99  N N   . SER A 1 19  ? -7.58506  -11.64375 -4.90531  1.000 20.35495  ? 19  SER A N   1 
ATOM   100 C CA  . SER A 1 19  ? -6.60234  -10.75119 -5.50659  1.000 22.05688  ? 19  SER A CA  1 
ATOM   101 C C   . SER A 1 19  ? -7.24643  -9.39658  -5.77369  1.000 24.24766  ? 19  SER A C   1 
ATOM   102 O O   . SER A 1 19  ? -8.39348  -9.33210  -6.22041  1.000 22.08737  ? 19  SER A O   1 
ATOM   103 C CB  . SER A 1 19  ? -6.07883  -11.36850 -6.81350  1.000 28.79993  ? 19  SER A CB  1 
ATOM   104 O OG  . SER A 1 19  ? -5.15825  -10.52890 -7.47283  1.000 29.53614  ? 19  SER A OG  1 
ATOM   105 N N   . LEU A 1 20  ? -6.50855  -8.31449  -5.49121  1.000 22.56024  ? 20  LEU A N   1 
ATOM   106 C CA  . LEU A 1 20  ? -6.91283  -6.95828  -5.84142  1.000 21.16886  ? 20  LEU A CA  1 
ATOM   107 C C   . LEU A 1 20  ? -5.67668  -6.21367  -6.31886  1.000 20.44419  ? 20  LEU A C   1 
ATOM   108 O O   . LEU A 1 20  ? -4.55910  -6.56917  -5.94823  1.000 25.24522  ? 20  LEU A O   1 
ATOM   109 C CB  . LEU A 1 20  ? -7.48352  -6.17737  -4.64298  1.000 22.39886  ? 20  LEU A CB  1 
ATOM   110 C CG  . LEU A 1 20  ? -8.76989  -6.62700  -3.97153  1.000 25.07201  ? 20  LEU A CG  1 
ATOM   111 C CD1 . LEU A 1 20  ? -8.93606  -5.89450  -2.67244  1.000 27.92450  ? 20  LEU A CD1 1 
ATOM   112 C CD2 . LEU A 1 20  ? -9.89798  -6.24339  -4.89133  1.000 29.94893  ? 20  LEU A CD2 1 
ATOM   113 N N   A ARG A 1 21  ? -5.87878  -5.17982  -7.13764  0.500 23.66910  ? 21  ARG A N   1 
ATOM   114 N N   B ARG A 1 21  ? -5.88466  -5.19813  -7.15810  0.500 23.65270  ? 21  ARG A N   1 
ATOM   115 C CA  A ARG A 1 21  ? -4.80199  -4.25910  -7.49297  0.500 20.32375  ? 21  ARG A CA  1 
ATOM   116 C CA  B ARG A 1 21  ? -4.83013  -4.24898  -7.49835  0.500 20.32284  ? 21  ARG A CA  1 
ATOM   117 C C   A ARG A 1 21  ? -5.19327  -2.84268  -7.10545  0.500 25.25863  ? 21  ARG A C   1 
ATOM   118 C C   B ARG A 1 21  ? -5.25846  -2.86839  -7.03125  0.500 25.26637  ? 21  ARG A C   1 
ATOM   119 O O   A ARG A 1 21  ? -6.13066  -2.27599  -7.67750  0.500 24.85069  ? 21  ARG A O   1 
ATOM   120 O O   B ARG A 1 21  ? -6.30873  -2.36594  -7.44597  0.500 25.45495  ? 21  ARG A O   1 
ATOM   121 C CB  A ARG A 1 21  ? -4.46287  -4.29971  -8.97965  0.500 21.65499  ? 21  ARG A CB  1 
ATOM   122 C CB  B ARG A 1 21  ? -4.52648  -4.22971  -8.99697  0.500 21.67777  ? 21  ARG A CB  1 
ATOM   123 C CG  A ARG A 1 21  ? -3.41335  -3.24334  -9.32518  0.500 22.73209  ? 21  ARG A CG  1 
ATOM   124 C CG  B ARG A 1 21  ? -3.29716  -3.37700  -9.32377  0.500 22.73788  ? 21  ARG A CG  1 
ATOM   125 C CD  A ARG A 1 21  ? -3.08011  -3.23485  -10.79302 0.500 28.69718  ? 21  ARG A CD  1 
ATOM   126 C CD  B ARG A 1 21  ? -3.06710  -3.24451  -10.81959 0.500 28.70627  ? 21  ARG A CD  1 
ATOM   127 N NE  A ARG A 1 21  ? -2.74405  -4.56838  -11.27380 0.500 25.59971  ? 21  ARG A NE  1 
ATOM   128 N NE  B ARG A 1 21  ? -3.96599  -2.27657  -11.43726 0.500 27.42833  ? 21  ARG A NE  1 
ATOM   129 C CZ  A ARG A 1 21  ? -2.38906  -4.83561  -12.52126 0.500 28.15258  ? 21  ARG A CZ  1 
ATOM   130 C CZ  B ARG A 1 21  ? -3.93588  -1.94393  -12.72128 0.500 34.47847  ? 21  ARG A CZ  1 
ATOM   131 N NH1 A ARG A 1 21  ? -2.31630  -3.88271  -13.43580 0.500 25.22427  ? 21  ARG A NH1 1 
ATOM   132 N NH1 B ARG A 1 21  ? -3.09013  -2.51387  -13.56337 0.500 36.02557  ? 21  ARG A NH1 1 
ATOM   133 N NH2 A ARG A 1 21  ? -2.09281  -6.08819  -12.85606 0.500 27.84947  ? 21  ARG A NH2 1 
ATOM   134 N NH2 B ARG A 1 21  ? -4.77367  -1.01453  -13.17032 0.500 32.86410  ? 21  ARG A NH2 1 
ATOM   135 N N   . LEU A 1 22  ? -4.45117  -2.26045  -6.16619  1.000 21.82639  ? 22  LEU A N   1 
ATOM   136 C CA  . LEU A 1 22  ? -4.69957  -0.89616  -5.73754  1.000 19.19944  ? 22  LEU A CA  1 
ATOM   137 C C   . LEU A 1 22  ? -3.87278  0.04151   -6.60248  1.000 22.06790  ? 22  LEU A C   1 
ATOM   138 O O   . LEU A 1 22  ? -2.79542  -0.31526  -7.08837  1.000 22.46213  ? 22  LEU A O   1 
ATOM   139 C CB  . LEU A 1 22  ? -4.35444  -0.69563  -4.26273  1.000 21.16241  ? 22  LEU A CB  1 
ATOM   140 C CG  . LEU A 1 22  ? -4.89991  -1.69918  -3.24924  1.000 21.70977  ? 22  LEU A CG  1 
ATOM   141 C CD1 . LEU A 1 22  ? -4.57992  -1.24768  -1.83348  1.000 21.67833  ? 22  LEU A CD1 1 
ATOM   142 C CD2 . LEU A 1 22  ? -6.39930  -1.89477  -3.43674  1.000 23.14980  ? 22  LEU A CD2 1 
ATOM   143 N N   . SER A 1 23  ? -4.40725  1.23013   -6.82549  1.000 22.36503  ? 23  SER A N   1 
ATOM   144 C CA  . SER A 1 23  ? -3.70045  2.24296   -7.58782  1.000 21.92338  ? 23  SER A CA  1 
ATOM   145 C C   . SER A 1 23  ? -3.53014  3.49106   -6.74108  1.000 23.38855  ? 23  SER A C   1 
ATOM   146 O O   . SER A 1 23  ? -4.39930  3.85495   -5.94992  1.000 23.87825  ? 23  SER A O   1 
ATOM   147 C CB  . SER A 1 23  ? -4.42995  2.56889   -8.88651  1.000 29.03472  ? 23  SER A CB  1 
ATOM   148 O OG  . SER A 1 23  ? -5.74917  2.97270   -8.59205  1.000 29.14680  ? 23  SER A OG  1 
ATOM   149 N N   . CYS A 1 24  ? -2.38735  4.14060   -6.91882  1.000 24.03638  ? 24  CYS A N   1 
ATOM   150 C CA  . CYS A 1 24  ? -2.07041  5.40553   -6.28142  1.000 25.42542  ? 24  CYS A CA  1 
ATOM   151 C C   . CYS A 1 24  ? -1.72169  6.34869   -7.42540  1.000 24.09248  ? 24  CYS A C   1 
ATOM   152 O O   . CYS A 1 24  ? -0.67493  6.18264   -8.06377  1.000 30.44464  ? 24  CYS A O   1 
ATOM   153 C CB  . CYS A 1 24  ? -0.90267  5.23291   -5.32369  1.000 26.20238  ? 24  CYS A CB  1 
ATOM   154 S SG  . CYS A 1 24  ? -0.26182  6.73998   -4.61177  1.000 30.26792  ? 24  CYS A SG  1 
ATOM   155 N N   . GLU A 1 25  ? -2.61179  7.28535   -7.72753  1.000 26.42018  ? 25  GLU A N   1 
ATOM   156 C CA  . GLU A 1 25  ? -2.47582  8.12020   -8.91441  1.000 26.10873  ? 25  GLU A CA  1 
ATOM   157 C C   . GLU A 1 25  ? -2.15940  9.54945   -8.50251  1.000 32.81381  ? 25  GLU A C   1 
ATOM   158 O O   . GLU A 1 25  ? -2.82652  10.11477  -7.63513  1.000 31.45637  ? 25  GLU A O   1 
ATOM   159 C CB  . GLU A 1 25  ? -3.74603  8.05880   -9.76257  1.000 32.76533  ? 25  GLU A CB  1 
ATOM   160 C CG  . GLU A 1 25  ? -3.77473  6.82871   -10.64713 1.000 38.83631  ? 25  GLU A CG  1 
ATOM   161 C CD  . GLU A 1 25  ? -5.15699  6.48687   -11.14573 1.000 60.40631  ? 25  GLU A CD  1 
ATOM   162 O OE1 . GLU A 1 25  ? -6.14324  6.80109   -10.43863 1.000 57.86303  ? 25  GLU A OE1 1 
ATOM   163 O OE2 . GLU A 1 25  ? -5.25271  5.89707   -12.24799 1.000 60.29219  ? 25  GLU A OE2 1 
ATOM   164 N N   . ALA A 1 26  ? -1.13372  10.12576  -9.11766  1.000 34.94983  ? 26  ALA A N   1 
ATOM   165 C CA  . ALA A 1 26  ? -0.69956  11.46616  -8.75909  1.000 40.64602  ? 26  ALA A CA  1 
ATOM   166 C C   . ALA A 1 26  ? -1.41835  12.48946  -9.62503  1.000 39.17662  ? 26  ALA A C   1 
ATOM   167 O O   . ALA A 1 26  ? -1.64817  12.25432  -10.81367 1.000 37.81819  ? 26  ALA A O   1 
ATOM   168 C CB  . ALA A 1 26  ? 0.81281   11.60404  -8.92783  1.000 41.82701  ? 26  ALA A CB  1 
ATOM   169 N N   . THR A 1 27  ? -1.77591  13.62845  -9.02346  1.000 34.77131  ? 27  THR A N   1 
ATOM   170 C CA  . THR A 1 27  ? -2.38544  14.70222  -9.80567  1.000 39.37811  ? 27  THR A CA  1 
ATOM   171 C C   . THR A 1 27  ? -1.38892  15.37982  -10.73921 1.000 42.62870  ? 27  THR A C   1 
ATOM   172 O O   . THR A 1 27  ? -1.80635  16.17604  -11.59010 1.000 41.72921  ? 27  THR A O   1 
ATOM   173 C CB  . THR A 1 27  ? -3.00879  15.75331  -8.88488  1.000 44.80641  ? 27  THR A CB  1 
ATOM   174 O OG1 . THR A 1 27  ? -1.97116  16.38328  -8.12398  1.000 50.64974  ? 27  THR A OG1 1 
ATOM   175 C CG2 . THR A 1 27  ? -4.01976  15.10865  -7.93502  1.000 45.17742  ? 27  THR A CG2 1 
ATOM   176 N N   . GLY A 1 28  ? -0.09646  15.08908  -10.59082 1.000 47.91454  ? 28  GLY A N   1 
ATOM   177 C CA  . GLY A 1 28  ? 0.94935   15.58472  -11.46615 1.000 55.94333  ? 28  GLY A CA  1 
ATOM   178 C C   . GLY A 1 28  ? 2.13128   14.63197  -11.51577 1.000 65.81678  ? 28  GLY A C   1 
ATOM   179 O O   . GLY A 1 28  ? 2.00730   13.47056  -11.11706 1.000 63.77823  ? 28  GLY A O   1 
ATOM   180 N N   . ASN A 1 29  ? 3.28158   15.09546  -11.99704 1.000 70.08037  ? 29  ASN A N   1 
ATOM   181 C CA  . ASN A 1 29  ? 4.45499   14.23330  -12.05381 1.000 73.03309  ? 29  ASN A CA  1 
ATOM   182 C C   . ASN A 1 29  ? 5.04244   14.03665  -10.66041 1.000 72.05014  ? 29  ASN A C   1 
ATOM   183 O O   . ASN A 1 29  ? 5.06971   14.96282  -9.84473  1.000 70.16798  ? 29  ASN A O   1 
ATOM   184 C CB  . ASN A 1 29  ? 5.51706   14.82806  -12.98394 1.000 76.66154  ? 29  ASN A CB  1 
ATOM   185 C CG  . ASN A 1 29  ? 5.07530   14.86724  -14.43790 1.000 81.76034  ? 29  ASN A CG  1 
ATOM   186 O OD1 . ASN A 1 29  ? 4.28745   14.03029  -14.88893 0.000 86.00887  ? 29  ASN A OD1 1 
ATOM   187 N ND2 . ASN A 1 29  ? 5.59259   15.83997  -15.18325 0.000 86.11997  ? 29  ASN A ND2 1 
ATOM   188 N N   . PHE A 1 30  ? 5.50552   12.81979  -10.38329 1.000 72.26472  ? 30  PHE A N   1 
ATOM   189 C CA  . PHE A 1 30  ? 6.30724   12.58169  -9.18311  1.000 73.01750  ? 30  PHE A CA  1 
ATOM   190 C C   . PHE A 1 30  ? 7.64937   11.95285  -9.55532  1.000 71.31798  ? 30  PHE A C   1 
ATOM   191 O O   . PHE A 1 30  ? 8.49627   12.59362  -10.18114 1.000 72.02026  ? 30  PHE A O   1 
ATOM   192 C CB  . PHE A 1 30  ? 5.55983   11.70042  -8.17054  1.000 69.42077  ? 30  PHE A CB  1 
ATOM   193 C CG  . PHE A 1 30  ? 5.20268   10.32687  -8.68495  1.000 70.42723  ? 30  PHE A CG  1 
ATOM   194 C CD1 . PHE A 1 30  ? 6.11590   9.28400   -8.62952  1.000 70.71272  ? 30  PHE A CD1 1 
ATOM   195 C CD2 . PHE A 1 30  ? 3.93900   10.07181  -9.19662  1.000 68.66384  ? 30  PHE A CD2 1 
ATOM   196 C CE1 . PHE A 1 30  ? 5.78074   8.01807   -9.09610  1.000 71.49414  ? 30  PHE A CE1 1 
ATOM   197 C CE2 . PHE A 1 30  ? 3.59649   8.80853   -9.66122  1.000 63.19601  ? 30  PHE A CE2 1 
ATOM   198 C CZ  . PHE A 1 30  ? 4.51623   7.78126   -9.61409  1.000 58.51225  ? 30  PHE A CZ  1 
ATOM   199 N N   . GLY A 1 34  ? 10.24768  8.81241   -3.69007  1.000 42.13622  ? 34  GLY A N   1 
ATOM   200 C CA  . GLY A 1 34  ? 9.83892   7.50713   -3.17994  1.000 36.45905  ? 34  GLY A CA  1 
ATOM   201 C C   . GLY A 1 34  ? 8.38255   7.46465   -2.75134  1.000 35.89525  ? 34  GLY A C   1 
ATOM   202 O O   . GLY A 1 34  ? 7.87868   8.41729   -2.16163  1.000 33.68540  ? 34  GLY A O   1 
ATOM   203 N N   . ILE A 1 35  ? 7.69987   6.35295   -3.04174  1.000 29.89160  ? 35  ILE A N   1 
ATOM   204 C CA  . ILE A 1 35  ? 6.27641   6.19603   -2.77362  1.000 31.74880  ? 35  ILE A CA  1 
ATOM   205 C C   . ILE A 1 35  ? 6.07983   4.91539   -1.98405  1.000 25.72000  ? 35  ILE A C   1 
ATOM   206 O O   . ILE A 1 35  ? 6.76385   3.91403   -2.22757  1.000 26.46035  ? 35  ILE A O   1 
ATOM   207 C CB  . ILE A 1 35  ? 5.44810   6.14553   -4.07676  1.000 31.03851  ? 35  ILE A CB  1 
ATOM   208 C CG1 . ILE A 1 35  ? 5.50304   7.48182   -4.80770  1.000 37.90073  ? 35  ILE A CG1 1 
ATOM   209 C CG2 . ILE A 1 35  ? 3.99927   5.77529   -3.77691  1.000 34.33233  ? 35  ILE A CG2 1 
ATOM   210 C CD1 . ILE A 1 35  ? 4.45821   8.45501   -4.33775  1.000 44.09400  ? 35  ILE A CD1 1 
ATOM   211 N N   . GLY A 1 36  ? 5.16696   4.94141   -1.02552  1.000 24.59058  ? 36  GLY A N   1 
ATOM   212 C CA  . GLY A 1 36  ? 4.90980   3.78125   -0.20222  1.000 27.23924  ? 36  GLY A CA  1 
ATOM   213 C C   . GLY A 1 36  ? 3.42605   3.51622   -0.07690  1.000 26.99113  ? 36  GLY A C   1 
ATOM   214 O O   . GLY A 1 36  ? 2.60187   4.42086   -0.19365  1.000 24.99391  ? 36  GLY A O   1 
ATOM   215 N N   . TRP A 1 37  ? 3.10471   2.24986   0.16146   1.000 24.81751  ? 37  TRP A N   1 
ATOM   216 C CA  . TRP A 1 37  ? 1.76946   1.84338   0.56774   1.000 24.79084  ? 37  TRP A CA  1 
ATOM   217 C C   . TRP A 1 37  ? 1.75709   1.55468   2.06043   1.000 27.45419  ? 37  TRP A C   1 
ATOM   218 O O   . TRP A 1 37  ? 2.64352   0.86448   2.57265   1.000 26.14109  ? 37  TRP A O   1 
ATOM   219 C CB  . TRP A 1 37  ? 1.30855   0.60956   -0.21078  1.000 21.10830  ? 37  TRP A CB  1 
ATOM   220 C CG  . TRP A 1 37  ? 0.81188   0.95232   -1.56872  1.000 25.65816  ? 37  TRP A CG  1 
ATOM   221 C CD1 . TRP A 1 37  ? 1.49857   0.87114   -2.74961  1.000 25.75432  ? 37  TRP A CD1 1 
ATOM   222 C CD2 . TRP A 1 37  ? -0.48179  1.46550   -1.88784  1.000 23.15314  ? 37  TRP A CD2 1 
ATOM   223 N NE1 . TRP A 1 37  ? 0.70071   1.28735   -3.78111  1.000 26.73196  ? 37  TRP A NE1 1 
ATOM   224 C CE2 . TRP A 1 37  ? -0.52300  1.65654   -3.27839  1.000 25.27882  ? 37  TRP A CE2 1 
ATOM   225 C CE3 . TRP A 1 37  ? -1.61413  1.77023   -1.12804  1.000 25.39581  ? 37  TRP A CE3 1 
ATOM   226 C CZ2 . TRP A 1 37  ? -1.66098  2.13316   -3.92968  1.000 25.86851  ? 37  TRP A CZ2 1 
ATOM   227 C CZ3 . TRP A 1 37  ? -2.74106  2.25343   -1.77696  1.000 30.75443  ? 37  TRP A CZ3 1 
ATOM   228 C CH2 . TRP A 1 37  ? -2.74719  2.44036   -3.15756  1.000 27.01835  ? 37  TRP A CH2 1 
ATOM   229 N N   . PHE A 1 38  ? 0.74003   2.07446   2.74069   1.000 23.37600  ? 38  PHE A N   1 
ATOM   230 C CA  . PHE A 1 38  ? 0.55014   1.94539   4.17204   1.000 26.43176  ? 38  PHE A CA  1 
ATOM   231 C C   . PHE A 1 38  ? -0.83511  1.36362   4.39824   1.000 26.19024  ? 38  PHE A C   1 
ATOM   232 O O   . PHE A 1 38  ? -1.69560  1.43479   3.51998   1.000 28.39940  ? 38  PHE A O   1 
ATOM   233 C CB  . PHE A 1 38  ? 0.68593   3.31510   4.86261   1.000 27.33158  ? 38  PHE A CB  1 
ATOM   234 C CG  . PHE A 1 38  ? 1.99777   3.99394   4.60099   1.000 25.86071  ? 38  PHE A CG  1 
ATOM   235 C CD1 . PHE A 1 38  ? 2.21395   4.70945   3.42487   1.000 26.26127  ? 38  PHE A CD1 1 
ATOM   236 C CD2 . PHE A 1 38  ? 3.02483   3.91615   5.53211   1.000 32.08454  ? 38  PHE A CD2 1 
ATOM   237 C CE1 . PHE A 1 38  ? 3.43118   5.33080   3.18155   1.000 33.02457  ? 38  PHE A CE1 1 
ATOM   238 C CE2 . PHE A 1 38  ? 4.24892   4.53640   5.29955   1.000 32.46635  ? 38  PHE A CE2 1 
ATOM   239 C CZ  . PHE A 1 38  ? 4.45801   5.23454   4.12243   1.000 31.86997  ? 38  PHE A CZ  1 
ATOM   240 N N   . ARG A 1 39  ? -1.05116  0.75667   5.56261   1.000 23.54369  ? 39  ARG A N   1 
ATOM   241 C CA  . ARG A 1 39  ? -2.39429  0.27776   5.84804   1.000 26.75802  ? 39  ARG A CA  1 
ATOM   242 C C   . ARG A 1 39  ? -2.67511  0.41221   7.33234   1.000 31.31160  ? 39  ARG A C   1 
ATOM   243 O O   . ARG A 1 39  ? -1.75694  0.40569   8.15728   1.000 27.44811  ? 39  ARG A O   1 
ATOM   244 C CB  . ARG A 1 39  ? -2.58519  -1.17227  5.40216   1.000 25.22511  ? 39  ARG A CB  1 
ATOM   245 C CG  . ARG A 1 39  ? -1.81307  -2.18700  6.23798   1.000 25.37938  ? 39  ARG A CG  1 
ATOM   246 C CD  . ARG A 1 39  ? -1.89949  -3.58194  5.60835   1.000 24.98743  ? 39  ARG A CD  1 
ATOM   247 N NE  . ARG A 1 39  ? -1.22646  -4.60581  6.40784   1.000 25.34476  ? 39  ARG A NE  1 
ATOM   248 C CZ  . ARG A 1 39  ? -1.20369  -5.88931  6.07961   1.000 29.01164  ? 39  ARG A CZ  1 
ATOM   249 N NH1 . ARG A 1 39  ? -1.78015  -6.32588  4.96971   1.000 22.48087  ? 39  ARG A NH1 1 
ATOM   250 N NH2 . ARG A 1 39  ? -0.59581  -6.75622  6.88736   1.000 33.59988  ? 39  ARG A NH2 1 
ATOM   251 N N   . GLN A 1 40  ? -3.95592  0.52817   7.66950   1.000 27.08187  ? 40  GLN A N   1 
ATOM   252 C CA  . GLN A 1 40  ? -4.34131  0.64719   9.07032   1.000 29.29388  ? 40  GLN A CA  1 
ATOM   253 C C   . GLN A 1 40  ? -5.57784  -0.19688  9.32045   1.000 31.42043  ? 40  GLN A C   1 
ATOM   254 O O   . GLN A 1 40  ? -6.60825  -0.00230  8.66635   1.000 29.39234  ? 40  GLN A O   1 
ATOM   255 C CB  . GLN A 1 40  ? -4.59248  2.10503   9.45220   1.000 32.03209  ? 40  GLN A CB  1 
ATOM   256 C CG  . GLN A 1 40  ? -4.61692  2.31843   10.95805  1.000 33.26066  ? 40  GLN A CG  1 
ATOM   257 C CD  . GLN A 1 40  ? -4.70671  3.77693   11.31636  1.000 45.37180  ? 40  GLN A CD  1 
ATOM   258 O OE1 . GLN A 1 40  ? -5.15666  4.59799   10.51292  1.000 43.55026  ? 40  GLN A OE1 1 
ATOM   259 N NE2 . GLN A 1 40  ? -4.26816  4.11725   12.52261  1.000 49.26351  ? 40  GLN A NE2 1 
ATOM   260 N N   . ALA A 1 41  ? -5.45406  -1.15139  10.23896  1.000 35.72991  ? 41  ALA A N   1 
ATOM   261 C CA  . ALA A 1 41  ? -6.54705  -1.99665  10.68990  1.000 37.78754  ? 41  ALA A CA  1 
ATOM   262 C C   . ALA A 1 41  ? -7.15647  -1.40744  11.95051  1.000 40.03002  ? 41  ALA A C   1 
ATOM   263 O O   . ALA A 1 41  ? -6.50776  -0.62325  12.64834  1.000 36.23516  ? 41  ALA A O   1 
ATOM   264 C CB  . ALA A 1 41  ? -6.03390  -3.40850  10.95832  1.000 36.00080  ? 41  ALA A CB  1 
ATOM   265 N N   . PRO A 1 42  ? -8.40920  -1.74315  12.27080  1.000 38.26331  ? 42  PRO A N   1 
ATOM   266 C CA  . PRO A 1 42  ? -9.02370  -1.17272  13.48122  1.000 39.80980  ? 42  PRO A CA  1 
ATOM   267 C C   . PRO A 1 42  ? -8.21542  -1.50774  14.72709  1.000 38.73959  ? 42  PRO A C   1 
ATOM   268 O O   . PRO A 1 42  ? -7.79307  -2.64819  14.93097  1.000 42.85452  ? 42  PRO A O   1 
ATOM   269 C CB  . PRO A 1 42  ? -10.42127 -1.80701  13.51673  1.000 45.34486  ? 42  PRO A CB  1 
ATOM   270 C CG  . PRO A 1 42  ? -10.53407 -2.66364  12.27980  1.000 42.17686  ? 42  PRO A CG  1 
ATOM   271 C CD  . PRO A 1 42  ? -9.40477  -2.34505  11.37001  1.000 45.96775  ? 42  PRO A CD  1 
ATOM   272 N N   . GLY A 1 43  ? -7.97346  -0.48611  15.54704  1.000 41.58177  ? 43  GLY A N   1 
ATOM   273 C CA  . GLY A 1 43  ? -7.25270  -0.67993  16.78423  1.000 45.07241  ? 43  GLY A CA  1 
ATOM   274 C C   . GLY A 1 43  ? -5.76022  -0.86699  16.64857  1.000 45.41354  ? 43  GLY A C   1 
ATOM   275 O O   . GLY A 1 43  ? -5.09792  -1.14661  17.65078  1.000 46.63302  ? 43  GLY A O   1 
ATOM   276 N N   . LYS A 1 44  ? -5.20352  -0.72127  15.44805  1.000 39.34243  ? 44  LYS A N   1 
ATOM   277 C CA  . LYS A 1 44  ? -3.77302  -0.88308  15.24147  1.000 39.32735  ? 44  LYS A CA  1 
ATOM   278 C C   . LYS A 1 44  ? -3.17414  0.37294   14.62148  1.000 33.17840  ? 44  LYS A C   1 
ATOM   279 O O   . LYS A 1 44  ? -3.87522  1.21233   14.04929  1.000 37.53551  ? 44  LYS A O   1 
ATOM   280 C CB  . LYS A 1 44  ? -3.47091  -2.10226  14.35766  1.000 40.33716  ? 44  LYS A CB  1 
ATOM   281 C CG  . LYS A 1 44  ? -4.07698  -3.39441  14.90155  1.000 40.21234  ? 44  LYS A CG  1 
ATOM   282 C CD  . LYS A 1 44  ? -3.23439  -4.60940  14.57159  1.000 47.37017  ? 44  LYS A CD  1 
ATOM   283 C CE  . LYS A 1 44  ? -3.85733  -5.85134  15.17435  1.000 55.00735  ? 44  LYS A CE  1 
ATOM   284 N NZ  . LYS A 1 44  ? -4.34719  -5.56401  16.55462  1.000 61.65136  ? 44  LYS A NZ  1 
ATOM   285 N N   . GLU A 1 45  ? -1.86047  0.49274   14.76373  1.000 32.85145  ? 45  GLU A N   1 
ATOM   286 C CA  . GLU A 1 45  ? -1.13383  1.61298   14.19742  1.000 33.43285  ? 45  GLU A CA  1 
ATOM   287 C C   . GLU A 1 45  ? -0.98591  1.44131   12.69043  1.000 36.51875  ? 45  GLU A C   1 
ATOM   288 O O   . GLU A 1 45  ? -0.90282  0.32123   12.18038  1.000 31.43437  ? 45  GLU A O   1 
ATOM   289 C CB  . GLU A 1 45  ? 0.24309   1.73650   14.84959  1.000 37.14399  ? 45  GLU A CB  1 
ATOM   290 C CG  . GLU A 1 45  ? 0.19596   2.20624   16.29372  1.000 47.78999  ? 45  GLU A CG  1 
ATOM   291 C CD  . GLU A 1 45  ? 1.55596   2.19380   16.95678  1.000 56.83830  ? 45  GLU A CD  1 
ATOM   292 O OE1 . GLU A 1 45  ? 2.57529   2.26495   16.23450  1.000 52.18038  ? 45  GLU A OE1 1 
ATOM   293 O OE2 . GLU A 1 45  ? 1.60302   2.10072   18.20406  1.000 68.76481  ? 45  GLU A OE2 1 
ATOM   294 N N   . ARG A 1 46  ? -0.97405  2.57062   11.98066  1.000 32.96172  ? 46  ARG A N   1 
ATOM   295 C CA  . ARG A 1 46  ? -0.66836  2.56408   10.55541  1.000 31.81055  ? 46  ARG A CA  1 
ATOM   296 C C   . ARG A 1 46  ? 0.72468   1.99398   10.33005  1.000 33.54671  ? 46  ARG A C   1 
ATOM   297 O O   . ARG A 1 46  ? 1.66425   2.29906   11.06771  1.000 39.72822  ? 46  ARG A O   1 
ATOM   298 C CB  . ARG A 1 46  ? -0.76502  3.98829   9.99407   1.000 34.15373  ? 46  ARG A CB  1 
ATOM   299 C CG  . ARG A 1 46  ? -0.72753  4.11009   8.46650   1.000 36.81712  ? 46  ARG A CG  1 
ATOM   300 C CD  . ARG A 1 46  ? -1.28314  5.46744   8.03345   1.000 40.71938  ? 46  ARG A CD  1 
ATOM   301 N NE  . ARG A 1 46  ? -2.60133  5.68287   8.62439   1.000 51.01814  ? 46  ARG A NE  1 
ATOM   302 C CZ  . ARG A 1 46  ? -3.37197  6.74152   8.41207   1.000 45.62424  ? 46  ARG A CZ  1 
ATOM   303 N NH1 . ARG A 1 46  ? -3.00919  7.70845   7.58798   1.000 48.83663  ? 46  ARG A NH1 1 
ATOM   304 N NH2 . ARG A 1 46  ? -4.53600  6.83420   9.04938   1.000 49.04605  ? 46  ARG A NH2 1 
ATOM   305 N N   . GLU A 1 47  ? 0.86317   1.14257   9.32111   1.000 27.76631  ? 47  GLU A N   1 
ATOM   306 C CA  . GLU A 1 47  ? 2.13529   0.47775   9.08404   1.000 30.96562  ? 47  GLU A CA  1 
ATOM   307 C C   . GLU A 1 47  ? 2.49039   0.54054   7.60991   1.000 30.51982  ? 47  GLU A C   1 
ATOM   308 O O   . GLU A 1 47  ? 1.62828   0.35815   6.74800   1.000 27.84391  ? 47  GLU A O   1 
ATOM   309 C CB  . GLU A 1 47  ? 2.11268   -0.98546  9.54448   1.000 37.11374  ? 47  GLU A CB  1 
ATOM   310 C CG  . GLU A 1 47  ? 0.88075   -1.76458  9.09928   1.000 43.96753  ? 47  GLU A CG  1 
ATOM   311 C CD  . GLU A 1 47  ? 1.09028   -3.28045  9.10580   1.000 56.46320  ? 47  GLU A CD  1 
ATOM   312 O OE1 . GLU A 1 47  ? 2.25826   -3.72344  9.20592   1.000 60.62114  ? 47  GLU A OE1 1 
ATOM   313 O OE2 . GLU A 1 47  ? 0.08718   -4.02798  8.99650   1.000 36.82882  ? 47  GLU A OE2 1 
ATOM   314 N N   . GLY A 1 48  ? 3.76724   0.79142   7.32667   1.000 27.53709  ? 48  GLY A N   1 
ATOM   315 C CA  . GLY A 1 48  ? 4.24977   0.78380   5.95722   1.000 31.24572  ? 48  GLY A CA  1 
ATOM   316 C C   . GLY A 1 48  ? 4.47881   -0.63772  5.49764   1.000 35.64388  ? 48  GLY A C   1 
ATOM   317 O O   . GLY A 1 48  ? 5.19130   -1.38710  6.17315   1.000 39.75003  ? 48  GLY A O   1 
ATOM   318 N N   . ILE A 1 49  ? 3.87165   -1.03911  4.37913   1.000 25.28289  ? 49  ILE A N   1 
ATOM   319 C CA  . ILE A 1 49  ? 3.95406   -2.42384  3.93499   1.000 26.11615  ? 49  ILE A CA  1 
ATOM   320 C C   . ILE A 1 49  ? 4.71817   -2.59828  2.62934   1.000 26.61008  ? 49  ILE A C   1 
ATOM   321 O O   . ILE A 1 49  ? 5.14601   -3.72263  2.33471   1.000 26.26749  ? 49  ILE A O   1 
ATOM   322 C CB  . ILE A 1 49  ? 2.55732   -3.06507  3.81794   1.000 27.66843  ? 49  ILE A CB  1 
ATOM   323 C CG1 . ILE A 1 49  ? 1.66755   -2.22537  2.91004   1.000 33.18638  ? 49  ILE A CG1 1 
ATOM   324 C CG2 . ILE A 1 49  ? 1.92737   -3.27616  5.20970   1.000 31.74108  ? 49  ILE A CG2 1 
ATOM   325 C CD1 . ILE A 1 49  ? 0.81014   -3.05535  2.03247   1.000 36.22308  ? 49  ILE A CD1 1 
ATOM   326 N N   . ALA A 1 50  ? 4.91580   -1.54204  1.84460   1.000 22.71186  ? 50  ALA A N   1 
ATOM   327 C CA  . ALA A 1 50  ? 5.65204   -1.67339  0.59629   1.000 21.66882  ? 50  ALA A CA  1 
ATOM   328 C C   . ALA A 1 50  ? 6.07481   -0.28110  0.18398   1.000 23.58026  ? 50  ALA A C   1 
ATOM   329 O O   . ALA A 1 50  ? 5.31758   0.67133   0.36892   1.000 24.63281  ? 50  ALA A O   1 
ATOM   330 C CB  . ALA A 1 50  ? 4.80726   -2.32768  -0.51565  1.000 25.82548  ? 50  ALA A CB  1 
ATOM   331 N N   . CYS A 1 51  ? 7.29329   -0.15123  -0.33013  1.000 24.99414  ? 51  CYS A N   1 
ATOM   332 C CA  . CYS A 1 51  ? 7.70654   1.14214   -0.84546  1.000 26.17108  ? 51  CYS A CA  1 
ATOM   333 C C   . CYS A 1 51  ? 8.73824   0.92248   -1.93741  1.000 27.49952  ? 51  CYS A C   1 
ATOM   334 O O   . CYS A 1 51  ? 9.33706   -0.14845  -2.05760  1.000 27.01167  ? 51  CYS A O   1 
ATOM   335 C CB  . CYS A 1 51  ? 8.24157   2.06203   0.26501   1.000 27.45890  ? 51  CYS A CB  1 
ATOM   336 S SG  . CYS A 1 51  ? 9.55050   1.37993   1.33547   1.000 31.01546  ? 51  CYS A SG  1 
ATOM   337 N N   . ILE A 1 52  ? 8.91700   1.95317   -2.74882  1.000 28.69931  ? 52  ILE A N   1 
ATOM   338 C CA  . ILE A 1 52  ? 9.76637   1.89045   -3.92235  1.000 28.77212  ? 52  ILE A CA  1 
ATOM   339 C C   . ILE A 1 52  ? 10.48009  3.23202   -4.02545  1.000 38.65562  ? 52  ILE A C   1 
ATOM   340 O O   . ILE A 1 52  ? 9.86711   4.28612   -3.81971  1.000 34.96963  ? 52  ILE A O   1 
ATOM   341 C CB  . ILE A 1 52  ? 8.93854   1.54506   -5.18185  1.000 33.38004  ? 52  ILE A CB  1 
ATOM   342 C CG1 . ILE A 1 52  ? 9.82709   1.20119   -6.38034  1.000 38.48481  ? 52  ILE A CG1 1 
ATOM   343 C CG2 . ILE A 1 52  ? 7.93107   2.63493   -5.53914  1.000 31.94184  ? 52  ILE A CG2 1 
ATOM   344 C CD1 . ILE A 1 52  ? 9.03492   0.57556   -7.51114  1.000 40.57050  ? 52  ILE A CD1 1 
ATOM   345 N N   . THR A 1 53  ? 11.78798  3.19198   -4.24637  1.000 41.01334  ? 53  THR A N   1 
ATOM   346 C CA  . THR A 1 53  ? 12.53269  4.43698   -4.32823  1.000 43.08090  ? 53  THR A CA  1 
ATOM   347 C C   . THR A 1 53  ? 12.37701  5.04689   -5.71698  1.000 49.64501  ? 53  THR A C   1 
ATOM   348 O O   . THR A 1 53  ? 11.77976  4.45934   -6.62511  1.000 44.75952  ? 53  THR A O   1 
ATOM   349 C CB  . THR A 1 53  ? 14.00693  4.20747   -4.01871  1.000 44.12251  ? 53  THR A CB  1 
ATOM   350 O OG1 . THR A 1 53  ? 14.59201  3.43239   -5.07423  1.000 50.02253  ? 53  THR A OG1 1 
ATOM   351 C CG2 . THR A 1 53  ? 14.16517  3.47717   -2.68212  1.000 44.24248  ? 53  THR A CG2 1 
ATOM   352 N N   . THR A 1 54  ? 12.92817  6.25485   -5.87507  1.000 55.18744  ? 54  THR A N   1 
ATOM   353 C CA  . THR A 1 54  ? 12.86786  6.93357   -7.16339  1.000 57.09763  ? 54  THR A CA  1 
ATOM   354 C C   . THR A 1 54  ? 13.56124  6.14060   -8.26206  1.000 61.83348  ? 54  THR A C   1 
ATOM   355 O O   . THR A 1 54  ? 13.31077  6.39575   -9.44443  1.000 71.22118  ? 54  THR A O   1 
ATOM   356 C CB  . THR A 1 54  ? 13.49668  8.32178   -7.05608  1.000 56.31934  ? 54  THR A CB  1 
ATOM   357 O OG1 . THR A 1 54  ? 14.76744  8.20958   -6.40462  1.000 58.08129  ? 54  THR A OG1 1 
ATOM   358 C CG2 . THR A 1 54  ? 12.59299  9.26497   -6.25478  1.000 56.05374  ? 54  THR A CG2 1 
ATOM   359 N N   . ARG A 1 55  ? 14.41587  5.17974   -7.90265  1.000 59.81693  ? 55  ARG A N   1 
ATOM   360 C CA  . ARG A 1 55  ? 15.12390  4.37254   -8.88609  1.000 65.38673  ? 55  ARG A CA  1 
ATOM   361 C C   . ARG A 1 55  ? 14.50125  2.99778   -9.11361  1.000 66.48563  ? 55  ARG A C   1 
ATOM   362 O O   . ARG A 1 55  ? 14.91085  2.30039   -10.04707 1.000 63.43117  ? 55  ARG A O   1 
ATOM   363 C CB  . ARG A 1 55  ? 16.59235  4.20803   -8.47379  1.000 68.23227  ? 55  ARG A CB  1 
ATOM   364 C CG  . ARG A 1 55  ? 17.48552  5.38587   -8.84640  1.000 72.08287  ? 55  ARG A CG  1 
ATOM   365 C CD  . ARG A 1 55  ? 18.89806  5.16726   -8.32023  0.000 86.95696  ? 55  ARG A CD  1 
ATOM   366 N NE  . ARG A 1 55  ? 19.46295  6.36201   -7.70010  0.000 100.31906 ? 55  ARG A NE  1 
ATOM   367 C CZ  . ARG A 1 55  ? 20.49009  7.04747   -8.18670  0.000 99.77641  ? 55  ARG A CZ  1 
ATOM   368 N NH1 . ARG A 1 55  ? 21.09350  6.68710   -9.30800  0.000 95.79525  ? 55  ARG A NH1 1 
ATOM   369 N NH2 . ARG A 1 55  ? 20.91884  8.12605   -7.53437  0.000 96.52609  ? 55  ARG A NH2 1 
ATOM   370 N N   . GLY A 1 56  ? 13.52469  2.59104   -8.30186  1.000 54.65209  ? 56  GLY A N   1 
ATOM   371 C CA  . GLY A 1 56  ? 12.81831  1.33969   -8.51275  1.000 57.08010  ? 56  GLY A CA  1 
ATOM   372 C C   . GLY A 1 56  ? 13.17039  0.24095   -7.53634  1.000 49.91915  ? 56  GLY A C   1 
ATOM   373 O O   . GLY A 1 56  ? 12.66808  -0.88153  -7.68181  1.000 51.26338  ? 56  GLY A O   1 
ATOM   374 N N   . ARG A 1 57  ? 14.02247  0.52639   -6.55853  1.000 46.34521  ? 57  ARG A N   1 
ATOM   375 C CA  . ARG A 1 57  ? 14.34256  -0.42254  -5.50336  1.000 44.57548  ? 57  ARG A CA  1 
ATOM   376 C C   . ARG A 1 57  ? 13.20355  -0.51339  -4.49123  1.000 41.12896  ? 57  ARG A C   1 
ATOM   377 O O   . ARG A 1 57  ? 12.67903  0.50603   -4.03928  1.000 37.74726  ? 57  ARG A O   1 
ATOM   378 C CB  . ARG A 1 57  ? 15.62954  0.00907   -4.80841  1.000 55.44124  ? 57  ARG A CB  1 
ATOM   379 C CG  . ARG A 1 57  ? 15.99471  -0.86006  -3.64605  1.000 64.24836  ? 57  ARG A CG  1 
ATOM   380 C CD  . ARG A 1 57  ? 17.49675  -0.98072  -3.49879  1.000 76.60037  ? 57  ARG A CD  1 
ATOM   381 N NE  . ARG A 1 57  ? 17.82093  -2.02008  -2.53028  1.000 83.47099  ? 57  ARG A NE  1 
ATOM   382 C CZ  . ARG A 1 57  ? 18.99739  -2.15605  -1.93381  1.000 85.97846  ? 57  ARG A CZ  1 
ATOM   383 N NH1 . ARG A 1 57  ? 20.00300  -1.33110  -2.18618  1.000 75.65260  ? 57  ARG A NH1 1 
ATOM   384 N NH2 . ARG A 1 57  ? 19.16661  -3.14154  -1.05656  1.000 87.69710  ? 57  ARG A NH2 1 
ATOM   385 N N   . THR A 1 58  ? 12.82982  -1.73442  -4.11891  1.000 37.64184  ? 58  THR A N   1 
ATOM   386 C CA  . THR A 1 58  ? 11.64509  -1.93524  -3.29493  1.000 34.75586  ? 58  THR A CA  1 
ATOM   387 C C   . THR A 1 58  ? 11.99209  -2.47055  -1.91017  1.000 41.28204  ? 58  THR A C   1 
ATOM   388 O O   . THR A 1 58  ? 13.08563  -2.98194  -1.66298  1.000 42.04302  ? 58  THR A O   1 
ATOM   389 C CB  . THR A 1 58  ? 10.66008  -2.89479  -3.97370  1.000 32.89549  ? 58  THR A CB  1 
ATOM   390 O OG1 . THR A 1 58  ? 11.27635  -4.17724  -4.14540  1.000 34.57620  ? 58  THR A OG1 1 
ATOM   391 C CG2 . THR A 1 58  ? 10.22340  -2.36536  -5.33556  1.000 33.34766  ? 58  THR A CG2 1 
ATOM   392 N N   . HIS A 1 59  ? 11.03602  -2.32869  -0.99805  1.000 29.15217  ? 59  HIS A N   1 
ATOM   393 C CA  . HIS A 1 59  ? 11.06758  -3.02210  0.27900   1.000 29.25877  ? 59  HIS A CA  1 
ATOM   394 C C   . HIS A 1 59  ? 9.64347   -3.41194  0.62559   1.000 31.43961  ? 59  HIS A C   1 
ATOM   395 O O   . HIS A 1 59  ? 8.71228   -2.64605  0.35751   1.000 28.02821  ? 59  HIS A O   1 
ATOM   396 C CB  . HIS A 1 59  ? 11.64593  -2.16531  1.41671   1.000 31.83312  ? 59  HIS A CB  1 
ATOM   397 C CG  . HIS A 1 59  ? 11.53134  -2.80845  2.76810   1.000 35.70700  ? 59  HIS A CG  1 
ATOM   398 N ND1 . HIS A 1 59  ? 12.38648  -3.80347  3.19579   1.000 35.89811  ? 59  HIS A ND1 1 
ATOM   399 C CD2 . HIS A 1 59  ? 10.64144  -2.62301  3.77583   1.000 31.33110  ? 59  HIS A CD2 1 
ATOM   400 C CE1 . HIS A 1 59  ? 12.03291  -4.19356  4.40880   1.000 34.78306  ? 59  HIS A CE1 1 
ATOM   401 N NE2 . HIS A 1 59  ? 10.98117  -3.49108  4.78592   1.000 35.69810  ? 59  HIS A NE2 1 
ATOM   402 N N   . TYR A 1 60  ? 9.48250   -4.60526  1.19923   1.000 29.25176  ? 60  TYR A N   1 
ATOM   403 C CA  . TYR A 1 60  ? 8.19416   -5.11452  1.65276   1.000 26.02816  ? 60  TYR A CA  1 
ATOM   404 C C   . TYR A 1 60  ? 8.25299   -5.46176  3.13067   1.000 29.44238  ? 60  TYR A C   1 
ATOM   405 O O   . TYR A 1 60  ? 9.26367   -5.98273  3.61109   1.000 30.05842  ? 60  TYR A O   1 
ATOM   406 C CB  . TYR A 1 60  ? 7.79153   -6.36369  0.86675   1.000 28.14282  ? 60  TYR A CB  1 
ATOM   407 C CG  . TYR A 1 60  ? 7.66043   -6.11254  -0.60363  1.000 27.72105  ? 60  TYR A CG  1 
ATOM   408 C CD1 . TYR A 1 60  ? 6.47195   -5.62212  -1.13581  1.000 24.04543  ? 60  TYR A CD1 1 
ATOM   409 C CD2 . TYR A 1 60  ? 8.71663   -6.34986  -1.46764  1.000 24.81512  ? 60  TYR A CD2 1 
ATOM   410 C CE1 . TYR A 1 60  ? 6.34533   -5.37447  -2.47799  1.000 23.52489  ? 60  TYR A CE1 1 
ATOM   411 C CE2 . TYR A 1 60  ? 8.59240   -6.11076  -2.83639  1.000 25.71212  ? 60  TYR A CE2 1 
ATOM   412 C CZ  . TYR A 1 60  ? 7.39596   -5.62993  -3.33531  1.000 24.65508  ? 60  TYR A CZ  1 
ATOM   413 O OH  . TYR A 1 60  ? 7.26652   -5.37858  -4.68683  1.000 26.05958  ? 60  TYR A OH  1 
ATOM   414 N N   . ALA A 1 61  ? 7.16018   -5.19230  3.84566   1.000 26.02509  ? 61  ALA A N   1 
ATOM   415 C CA  . ALA A 1 61  ? 7.00531   -5.75034  5.18093   1.000 25.50660  ? 61  ALA A CA  1 
ATOM   416 C C   . ALA A 1 61  ? 6.95686   -7.26743  5.09520   1.000 30.41802  ? 61  ALA A C   1 
ATOM   417 O O   . ALA A 1 61  ? 6.48726   -7.83979  4.10581   1.000 29.33866  ? 61  ALA A O   1 
ATOM   418 C CB  . ALA A 1 61  ? 5.73718   -5.22082  5.84242   1.000 28.29079  ? 61  ALA A CB  1 
ATOM   419 N N   . GLU A 1 62  ? 7.44155   -7.92784  6.15273   1.000 30.68926  ? 62  GLU A N   1 
ATOM   420 C CA  . GLU A 1 62  ? 7.45707   -9.39351  6.17932   1.000 27.37665  ? 62  GLU A CA  1 
ATOM   421 C C   . GLU A 1 62  ? 6.05344   -9.98448  6.07128   1.000 31.12638  ? 62  GLU A C   1 
ATOM   422 O O   . GLU A 1 62  ? 5.88865   -11.10853 5.58326   1.000 33.48420  ? 62  GLU A O   1 
ATOM   423 C CB  . GLU A 1 62  ? 8.13701   -9.88825  7.46188   1.000 31.20413  ? 62  GLU A CB  1 
ATOM   424 C CG  . GLU A 1 62  ? 9.61945   -9.53912  7.58269   1.000 45.71214  ? 62  GLU A CG  1 
ATOM   425 C CD  . GLU A 1 62  ? 9.88525   -8.05587  7.87032   1.000 65.72661  ? 62  GLU A CD  1 
ATOM   426 O OE1 . GLU A 1 62  ? 8.91592   -7.27879  8.07678   1.000 51.21220  ? 62  GLU A OE1 1 
ATOM   427 O OE2 . GLU A 1 62  ? 11.07866  -7.66708  7.88792   1.000 70.23264  ? 62  GLU A OE2 1 
ATOM   428 N N   . SER A 1 63  ? 5.03770   -9.24671  6.51443   1.000 29.37103  ? 63  SER A N   1 
ATOM   429 C CA  . SER A 1 63  ? 3.66338   -9.73216  6.47611   1.000 30.31713  ? 63  SER A CA  1 
ATOM   430 C C   . SER A 1 63  ? 3.11814   -9.87064  5.05602   1.000 30.59804  ? 63  SER A C   1 
ATOM   431 O O   . SER A 1 63  ? 2.14076   -10.60064 4.85518   1.000 28.80613  ? 63  SER A O   1 
ATOM   432 C CB  . SER A 1 63  ? 2.77445   -8.79099  7.27077   1.000 32.55790  ? 63  SER A CB  1 
ATOM   433 O OG  . SER A 1 63  ? 2.91106   -7.46234  6.78776   1.000 33.07844  ? 63  SER A OG  1 
ATOM   434 N N   . VAL A 1 64  ? 3.71113   -9.19041  4.07465   1.000 26.83104  ? 64  VAL A N   1 
ATOM   435 C CA  . VAL A 1 64  ? 3.18387   -9.19741  2.71261   1.000 27.59965  ? 64  VAL A CA  1 
ATOM   436 C C   . VAL A 1 64  ? 4.19566   -9.66740  1.67985   1.000 28.67985  ? 64  VAL A C   1 
ATOM   437 O O   . VAL A 1 64  ? 3.81383   -9.88122  0.51852   1.000 27.77979  ? 64  VAL A O   1 
ATOM   438 C CB  . VAL A 1 64  ? 2.62908   -7.80970  2.30652   1.000 26.04530  ? 64  VAL A CB  1 
ATOM   439 C CG1 . VAL A 1 64  ? 1.63941   -7.28665  3.34868   1.000 26.32995  ? 64  VAL A CG1 1 
ATOM   440 C CG2 . VAL A 1 64  ? 3.76214   -6.80759  2.04827   1.000 26.32889  ? 64  VAL A CG2 1 
ATOM   441 N N   . GLU A 1 65  ? 5.46489   -9.84126  2.04507   1.000 30.89111  ? 65  GLU A N   1 
ATOM   442 C CA  . GLU A 1 65  ? 6.45835   -10.24254 1.05915   1.000 26.05143  ? 65  GLU A CA  1 
ATOM   443 C C   . GLU A 1 65  ? 6.05750   -11.54892 0.38712   1.000 29.84432  ? 65  GLU A C   1 
ATOM   444 O O   . GLU A 1 65  ? 5.55795   -12.47237 1.03386   1.000 34.29884  ? 65  GLU A O   1 
ATOM   445 C CB  . GLU A 1 65  ? 7.83505   -10.38909 1.71857   1.000 34.08982  ? 65  GLU A CB  1 
ATOM   446 C CG  . GLU A 1 65  ? 8.93132   -10.74276 0.72670   1.000 42.30078  ? 65  GLU A CG  1 
ATOM   447 C CD  . GLU A 1 65  ? 10.21506  -9.98096  0.98114   1.000 58.49047  ? 65  GLU A CD  1 
ATOM   448 O OE1 . GLU A 1 65  ? 10.50738  -9.67846  2.16144   1.000 62.27446  ? 65  GLU A OE1 1 
ATOM   449 O OE2 . GLU A 1 65  ? 10.92344  -9.67738  -0.00420  1.000 63.40619  ? 65  GLU A OE2 1 
ATOM   450 N N   . GLY A 1 66  ? 6.24821   -11.60725 -0.92950  1.000 28.86012  ? 66  GLY A N   1 
ATOM   451 C CA  . GLY A 1 66  ? 5.91427   -12.78025 -1.69752  1.000 33.25314  ? 66  GLY A CA  1 
ATOM   452 C C   . GLY A 1 66  ? 4.47488   -12.84153 -2.16480  1.000 33.64309  ? 66  GLY A C   1 
ATOM   453 O O   . GLY A 1 66  ? 4.17276   -13.59760 -3.09432  1.000 40.05367  ? 66  GLY A O   1 
ATOM   454 N N   . ARG A 1 67  ? 3.58618   -12.05722 -1.56118  1.000 27.03561  ? 67  ARG A N   1 
ATOM   455 C CA  . ARG A 1 67  ? 2.19460   -11.97362 -1.99176  1.000 24.34584  ? 67  ARG A CA  1 
ATOM   456 C C   . ARG A 1 67  ? 1.83566   -10.63417 -2.60736  1.000 28.45955  ? 67  ARG A C   1 
ATOM   457 O O   . ARG A 1 67  ? 0.99799   -10.58246 -3.50459  1.000 24.42674  ? 67  ARG A O   1 
ATOM   458 C CB  . ARG A 1 67  ? 1.25133   -12.23571 -0.81808  1.000 25.41379  ? 67  ARG A CB  1 
ATOM   459 C CG  . ARG A 1 67  ? 1.56442   -13.48723 -0.01661  1.000 25.55999  ? 67  ARG A CG  1 
ATOM   460 C CD  . ARG A 1 67  ? 0.55294   -13.70250 1.08564   1.000 30.20618  ? 67  ARG A CD  1 
ATOM   461 N NE  . ARG A 1 67  ? 0.60799   -12.67604 2.12315   1.000 26.69367  ? 67  ARG A NE  1 
ATOM   462 C CZ  . ARG A 1 67  ? -0.38995  -11.86120 2.44133   1.000 26.17414  ? 67  ARG A CZ  1 
ATOM   463 N NH1 . ARG A 1 67  ? -1.54963  -11.88643 1.78801   1.000 26.08344  ? 67  ARG A NH1 1 
ATOM   464 N NH2 . ARG A 1 67  ? -0.21975  -10.98893 3.43585   1.000 23.08140  ? 67  ARG A NH2 1 
ATOM   465 N N   . PHE A 1 68  ? 2.42158   -9.54068  -2.12725  1.000 23.76468  ? 68  PHE A N   1 
ATOM   466 C CA  . PHE A 1 68  ? 2.14847   -8.21097  -2.64817  1.000 20.75932  ? 68  PHE A CA  1 
ATOM   467 C C   . PHE A 1 68  ? 3.32478   -7.74269  -3.49590  1.000 27.45933  ? 68  PHE A C   1 
ATOM   468 O O   . PHE A 1 68  ? 4.48117   -8.06536  -3.21149  1.000 24.16956  ? 68  PHE A O   1 
ATOM   469 C CB  . PHE A 1 68  ? 1.92019   -7.17905  -1.53292  1.000 24.07489  ? 68  PHE A CB  1 
ATOM   470 C CG  . PHE A 1 68  ? 0.66873   -7.38131  -0.72085  1.000 23.23744  ? 68  PHE A CG  1 
ATOM   471 C CD1 . PHE A 1 68  ? -0.09424  -8.54550  -0.81290  1.000 24.08609  ? 68  PHE A CD1 1 
ATOM   472 C CD2 . PHE A 1 68  ? 0.25503   -6.39116  0.15841   1.000 23.65091  ? 68  PHE A CD2 1 
ATOM   473 C CE1 . PHE A 1 68  ? -1.23783  -8.71657  -0.03363  1.000 23.06609  ? 68  PHE A CE1 1 
ATOM   474 C CE2 . PHE A 1 68  ? -0.86347  -6.55731  0.94543   1.000 21.98259  ? 68  PHE A CE2 1 
ATOM   475 C CZ  . PHE A 1 68  ? -1.62929  -7.72258  0.84226   1.000 28.73072  ? 68  PHE A CZ  1 
ATOM   476 N N   . THR A 1 69  ? 3.02479   -6.96927  -4.53456  1.000 22.99718  ? 69  THR A N   1 
ATOM   477 C CA  . THR A 1 69  ? 4.04792   -6.37160  -5.38344  1.000 23.11186  ? 69  THR A CA  1 
ATOM   478 C C   . THR A 1 69  ? 3.73479   -4.89405  -5.57235  1.000 24.13736  ? 69  THR A C   1 
ATOM   479 O O   . THR A 1 69  ? 2.60092   -4.53233  -5.90426  1.000 23.50431  ? 69  THR A O   1 
ATOM   480 C CB  . THR A 1 69  ? 4.13390   -7.07193  -6.75657  1.000 27.89125  ? 69  THR A CB  1 
ATOM   481 O OG1 . THR A 1 69  ? 4.41756   -8.47097  -6.57072  1.000 28.67166  ? 69  THR A OG1 1 
ATOM   482 C CG2 . THR A 1 69  ? 5.21928   -6.45085  -7.61036  1.000 30.37804  ? 69  THR A CG2 1 
ATOM   483 N N   . ILE A 1 70  ? 4.74172   -4.03438  -5.37865  1.000 22.61186  ? 70  ILE A N   1 
ATOM   484 C CA  . ILE A 1 70  ? 4.60282   -2.61140  -5.66114  1.000 24.81697  ? 70  ILE A CA  1 
ATOM   485 C C   . ILE A 1 70  ? 5.33545   -2.31634  -6.96580  1.000 25.98286  ? 70  ILE A C   1 
ATOM   486 O O   . ILE A 1 70  ? 6.43188   -2.83654  -7.20298  1.000 25.21553  ? 70  ILE A O   1 
ATOM   487 C CB  . ILE A 1 70  ? 5.12634   -1.75040  -4.48769  1.000 23.61952  ? 70  ILE A CB  1 
ATOM   488 C CG1 . ILE A 1 70  ? 4.80299   -0.27418  -4.72635  1.000 25.84134  ? 70  ILE A CG1 1 
ATOM   489 C CG2 . ILE A 1 70  ? 6.61234   -2.01509  -4.22163  1.000 27.07699  ? 70  ILE A CG2 1 
ATOM   490 C CD1 . ILE A 1 70  ? 5.02569   0.61954   -3.48574  1.000 23.04008  ? 70  ILE A CD1 1 
ATOM   491 N N   . SER A 1 71  ? 4.69900   -1.53799  -7.84106  1.000 22.58522  ? 71  SER A N   1 
ATOM   492 C CA  . SER A 1 71  ? 5.21531   -1.22493  -9.16923  1.000 25.86541  ? 71  SER A CA  1 
ATOM   493 C C   . SER A 1 71  ? 4.92368   0.23696   -9.47234  1.000 33.76787  ? 71  SER A C   1 
ATOM   494 O O   . SER A 1 71  ? 3.86442   0.75031   -9.10583  1.000 27.69118  ? 71  SER A O   1 
ATOM   495 C CB  . SER A 1 71  ? 4.57422   -2.10739  -10.26105 1.000 30.91870  ? 71  SER A CB  1 
ATOM   496 O OG  . SER A 1 71  ? 4.92438   -3.46917  -10.09999 1.000 45.43157  ? 71  SER A OG  1 
ATOM   497 N N   . THR A 1 72  ? 5.85599   0.91206   -10.13621 1.000 31.75233  ? 72  THR A N   1 
ATOM   498 C CA  . THR A 1 72  ? 5.63488   2.28766   -10.55003 1.000 30.32882  ? 72  THR A CA  1 
ATOM   499 C C   . THR A 1 72  ? 5.36280   2.31508   -12.04268 1.000 40.01532  ? 72  THR A C   1 
ATOM   500 O O   . THR A 1 72  ? 5.95363   1.54825   -12.80397 1.000 45.24843  ? 72  THR A O   1 
ATOM   501 C CB  . THR A 1 72  ? 6.83397   3.17452   -10.20848 1.000 34.04282  ? 72  THR A CB  1 
ATOM   502 O OG1 . THR A 1 72  ? 6.97804   3.23986   -8.78549  1.000 38.44228  ? 72  THR A OG1 1 
ATOM   503 C CG2 . THR A 1 72  ? 6.62343   4.58212   -10.72889 1.000 43.38232  ? 72  THR A CG2 1 
ATOM   504 N N   . ASP A 1 73  ? 4.42249   3.16532   -12.44645 1.000 38.07478  ? 73  ASP A N   1 
ATOM   505 C CA  . ASP A 1 73  ? 4.11305   3.37854   -13.86139 1.000 43.69376  ? 73  ASP A CA  1 
ATOM   506 C C   . ASP A 1 73  ? 4.48616   4.81287   -14.25482 1.000 47.79754  ? 73  ASP A C   1 
ATOM   507 O O   . ASP A 1 73  ? 3.70468   5.73495   -14.03340 1.000 43.70453  ? 73  ASP A O   1 
ATOM   508 C CB  . ASP A 1 73  ? 2.62878   3.10534   -14.15166 1.000 42.98375  ? 73  ASP A CB  1 
ATOM   509 C CG  . ASP A 1 73  ? 2.29974   3.17256   -15.64295 1.000 52.56231  ? 73  ASP A CG  1 
ATOM   510 O OD1 . ASP A 1 73  ? 3.13449   3.68658   -16.42298 1.000 54.63473  ? 73  ASP A OD1 1 
ATOM   511 O OD2 . ASP A 1 73  ? 1.20530   2.69820   -16.02036 1.000 64.35538  ? 73  ASP A OD2 1 
ATOM   512 N N   . ASN A 1 77  ? 1.33825   8.19885   -14.35604 1.000 44.93969  ? 77  ASN A N   1 
ATOM   513 C CA  . ASN A 1 77  ? 1.79133   8.79533   -13.09453 1.000 45.30952  ? 77  ASN A CA  1 
ATOM   514 C C   . ASN A 1 77  ? 1.17119   8.06908   -11.90153 1.000 38.19826  ? 77  ASN A C   1 
ATOM   515 O O   . ASN A 1 77  ? 0.51263   8.69480   -11.05605 1.000 32.60472  ? 77  ASN A O   1 
ATOM   516 C CB  . ASN A 1 77  ? 1.42837   10.28371  -13.02621 1.000 47.92844  ? 77  ASN A CB  1 
ATOM   517 C CG  . ASN A 1 77  ? 2.54297   11.19263  -13.53175 1.000 69.98253  ? 77  ASN A CG  1 
ATOM   518 O OD1 . ASN A 1 77  ? 3.72724   10.94859  -13.28711 1.000 65.67492  ? 77  ASN A OD1 1 
ATOM   519 N ND2 . ASN A 1 77  ? 2.16185   12.25771  -14.23232 1.000 70.34804  ? 77  ASN A ND2 1 
ATOM   520 N N   . ALA A 1 78  ? 1.37955   6.75378   -11.83455 1.000 38.62170  ? 78  ALA A N   1 
ATOM   521 C CA  . ALA A 1 78  ? 0.69942   5.91897   -10.85523 1.000 30.54394  ? 78  ALA A CA  1 
ATOM   522 C C   . ALA A 1 78  ? 1.66256   4.90623   -10.25765 1.000 29.43229  ? 78  ALA A C   1 
ATOM   523 O O   . ALA A 1 78  ? 2.66712   4.53266   -10.87287 1.000 32.52091  ? 78  ALA A O   1 
ATOM   524 C CB  . ALA A 1 78  ? -0.49213  5.17990   -11.47873 1.000 32.76649  ? 78  ALA A CB  1 
ATOM   525 N N   . VAL A 1 79  ? 1.33567   4.46680   -9.04461  1.000 23.84654  ? 79  VAL A N   1 
ATOM   526 C CA  . VAL A 1 79  ? 2.02520   3.37671   -8.36562  1.000 24.24628  ? 79  VAL A CA  1 
ATOM   527 C C   . VAL A 1 79  ? 0.95302   2.35498   -8.00822  1.000 23.35846  ? 79  VAL A C   1 
ATOM   528 O O   . VAL A 1 79  ? -0.11900  2.73401   -7.52883  1.000 26.25839  ? 79  VAL A O   1 
ATOM   529 C CB  . VAL A 1 79  ? 2.77083   3.86827   -7.11080  1.000 24.65562  ? 79  VAL A CB  1 
ATOM   530 C CG1 . VAL A 1 79  ? 3.41170   2.72051   -6.38164  1.000 25.87434  ? 79  VAL A CG1 1 
ATOM   531 C CG2 . VAL A 1 79  ? 3.84362   4.87529   -7.51026  1.000 29.57970  ? 79  VAL A CG2 1 
ATOM   532 N N   . TYR A 1 80  ? 1.21483   1.07991   -8.28472  1.000 22.41023  ? 80  TYR A N   1 
ATOM   533 C CA  . TYR A 1 80  ? 0.23315   0.03509   -8.04462  1.000 22.51580  ? 80  TYR A CA  1 
ATOM   534 C C   . TYR A 1 80  ? 0.67049   -0.87880  -6.91445  1.000 25.68795  ? 80  TYR A C   1 
ATOM   535 O O   . TYR A 1 80  ? 1.86427   -1.05436  -6.66676  1.000 25.45415  ? 80  TYR A O   1 
ATOM   536 C CB  . TYR A 1 80  ? 0.02148   -0.79626  -9.30014  1.000 24.30407  ? 80  TYR A CB  1 
ATOM   537 C CG  . TYR A 1 80  ? -0.48485  0.05481   -10.43297 1.000 24.18640  ? 80  TYR A CG  1 
ATOM   538 C CD1 . TYR A 1 80  ? -1.78300  0.54856   -10.42038 1.000 32.26123  ? 80  TYR A CD1 1 
ATOM   539 C CD2 . TYR A 1 80  ? 0.34329   0.40718   -11.48905 1.000 38.41920  ? 80  TYR A CD2 1 
ATOM   540 C CE1 . TYR A 1 80  ? -2.25380  1.34366   -11.44593 1.000 33.05127  ? 80  TYR A CE1 1 
ATOM   541 C CE2 . TYR A 1 80  ? -0.11930  1.20874   -12.51804 1.000 39.63017  ? 80  TYR A CE2 1 
ATOM   542 C CZ  . TYR A 1 80  ? -1.41800  1.67188   -12.48669 1.000 40.93208  ? 80  TYR A CZ  1 
ATOM   543 O OH  . TYR A 1 80  ? -1.88871  2.46786   -13.49994 1.000 49.56045  ? 80  TYR A OH  1 
ATOM   544 N N   . LEU A 1 81  ? -0.30781  -1.49205  -6.25021  1.000 19.54189  ? 81  LEU A N   1 
ATOM   545 C CA  . LEU A 1 81  ? -0.03898  -2.55552  -5.28460  1.000 18.96464  ? 81  LEU A CA  1 
ATOM   546 C C   . LEU A 1 81  ? -0.83621  -3.76993  -5.74607  1.000 21.76393  ? 81  LEU A C   1 
ATOM   547 O O   . LEU A 1 81  ? -2.05941  -3.79529  -5.58362  1.000 22.40240  ? 81  LEU A O   1 
ATOM   548 C CB  . LEU A 1 81  ? -0.44176  -2.15582  -3.87425  1.000 19.69730  ? 81  LEU A CB  1 
ATOM   549 C CG  . LEU A 1 81  ? -0.04591  -3.14678  -2.76741  1.000 21.83587  ? 81  LEU A CG  1 
ATOM   550 C CD1 . LEU A 1 81  ? 1.47690   -3.16232  -2.61735  1.000 22.55216  ? 81  LEU A CD1 1 
ATOM   551 C CD2 . LEU A 1 81  ? -0.69481  -2.78788  -1.45669  1.000 21.74519  ? 81  LEU A CD2 1 
ATOM   552 N N   . GLN A 1 82  ? -0.16206  -4.74845  -6.34323  1.000 21.10347  ? 82  GLN A N   1 
ATOM   553 C CA  . GLN A 1 82  ? -0.82245  -6.00269  -6.69804  1.000 20.42112  ? 82  GLN A CA  1 
ATOM   554 C C   . GLN A 1 82  ? -0.87756  -6.85510  -5.45166  1.000 23.03638  ? 82  GLN A C   1 
ATOM   555 O O   . GLN A 1 82  ? 0.17624   -7.20507  -4.90171  1.000 23.26042  ? 82  GLN A O   1 
ATOM   556 C CB  . GLN A 1 82  ? -0.05983  -6.73409  -7.80306  1.000 21.86179  ? 82  GLN A CB  1 
ATOM   557 C CG  . GLN A 1 82  ? -0.70352  -8.06092  -8.19644  1.000 22.67407  ? 82  GLN A CG  1 
ATOM   558 C CD  . GLN A 1 82  ? -1.98903  -7.84439  -8.94040  1.000 25.90627  ? 82  GLN A CD  1 
ATOM   559 O OE1 . GLN A 1 82  ? -2.16060  -6.83770  -9.65504  1.000 28.70003  ? 82  GLN A OE1 1 
ATOM   560 N NE2 . GLN A 1 82  ? -2.90959  -8.78430  -8.78772  1.000 31.11150  ? 82  GLN A NE2 1 
ATOM   561 N N   . MET A 1 83  ? -2.09428  -7.17995  -4.99222  1.000 20.43203  ? 83  MET A N   1 
ATOM   562 C CA  . MET A 1 83  ? -2.29919  -7.96266  -3.77110  1.000 18.38157  ? 83  MET A CA  1 
ATOM   563 C C   . MET A 1 83  ? -2.81652  -9.34386  -4.14631  1.000 22.30420  ? 83  MET A C   1 
ATOM   564 O O   . MET A 1 83  ? -3.97698  -9.49097  -4.52785  1.000 25.45840  ? 83  MET A O   1 
ATOM   565 C CB  . MET A 1 83  ? -3.27713  -7.26560  -2.83372  1.000 22.43858  ? 83  MET A CB  1 
ATOM   566 C CG  . MET A 1 83  ? -2.85227  -5.85636  -2.48629  1.000 25.05718  ? 83  MET A CG  1 
ATOM   567 S SD  . MET A 1 83  ? -3.87185  -5.11636  -1.19694  1.000 38.14788  ? 83  MET A SD  1 
ATOM   568 C CE  . MET A 1 83  ? -5.40809  -5.08872  -1.98593  1.000 27.67543  ? 83  MET A CE  1 
ATOM   569 N N   . ASN A 1 84  ? -1.95226  -10.34885 -4.05577  1.000 21.34636  ? 84  ASN A N   1 
ATOM   570 C CA  . ASN A 1 84  ? -2.33815  -11.72044 -4.35705  1.000 20.65921  ? 84  ASN A CA  1 
ATOM   571 C C   . ASN A 1 84  ? -2.43530  -12.53278 -3.06749  1.000 27.24198  ? 84  ASN A C   1 
ATOM   572 O O   . ASN A 1 84  ? -1.87703  -12.16830 -2.03187  1.000 23.51401  ? 84  ASN A O   1 
ATOM   573 C CB  . ASN A 1 84  ? -1.33348  -12.36977 -5.32029  1.000 23.11922  ? 84  ASN A CB  1 
ATOM   574 C CG  . ASN A 1 84  ? -1.42994  -11.81142 -6.74130  1.000 22.02181  ? 84  ASN A CG  1 
ATOM   575 O OD1 . ASN A 1 84  ? -2.47837  -11.32021 -7.14777  1.000 27.26645  ? 84  ASN A OD1 1 
ATOM   576 N ND2 . ASN A 1 84  ? -0.34133  -11.90632 -7.49530  1.000 26.78757  ? 84  ASN A ND2 1 
ATOM   577 N N   . SER A 1 85  ? -3.18069  -13.63337 -3.13165  1.000 23.84315  ? 85  SER A N   1 
ATOM   578 C CA  . SER A 1 85  ? -3.27409  -14.57341 -2.01880  1.000 25.02981  ? 85  SER A CA  1 
ATOM   579 C C   . SER A 1 85  ? -3.69801  -13.86441 -0.73281  1.000 25.86265  ? 85  SER A C   1 
ATOM   580 O O   . SER A 1 85  ? -3.09963  -14.03218 0.33206   1.000 24.57266  ? 85  SER A O   1 
ATOM   581 C CB  . SER A 1 85  ? -1.94618  -15.31120 -1.82829  1.000 28.98632  ? 85  SER A CB  1 
ATOM   582 O OG  . SER A 1 85  ? -1.74953  -16.24665 -2.87776  1.000 32.17569  ? 85  SER A OG  1 
ATOM   583 N N   . LEU A 1 86  ? -4.75355  -13.06160 -0.86172  1.000 22.34615  ? 86  LEU A N   1 
ATOM   584 C CA  . LEU A 1 86  ? -5.21917  -12.23194 0.24431   1.000 23.18353  ? 86  LEU A CA  1 
ATOM   585 C C   . LEU A 1 86  ? -5.65332  -13.07806 1.44046   1.000 26.32011  ? 86  LEU A C   1 
ATOM   586 O O   . LEU A 1 86  ? -6.22931  -14.16130 1.28855   1.000 25.33389  ? 86  LEU A O   1 
ATOM   587 C CB  . LEU A 1 86  ? -6.36613  -11.33685 -0.22448  1.000 25.32746  ? 86  LEU A CB  1 
ATOM   588 C CG  . LEU A 1 86  ? -5.85737  -10.11481 -0.99538  1.000 23.04570  ? 86  LEU A CG  1 
ATOM   589 C CD1 . LEU A 1 86  ? -6.96230  -9.45552  -1.81062  1.000 25.94415  ? 86  LEU A CD1 1 
ATOM   590 C CD2 . LEU A 1 86  ? -5.22521  -9.12461  -0.00480  1.000 26.20851  ? 86  LEU A CD2 1 
ATOM   591 N N   . LYS A 1 87  ? -5.36541  -12.57517 2.64124   1.000 22.96651  ? 87  LYS A N   1 
ATOM   592 C CA  . LYS A 1 87  ? -5.69827  -13.21260 3.90869   1.000 25.91531  ? 87  LYS A CA  1 
ATOM   593 C C   . LYS A 1 87  ? -6.63557  -12.31988 4.70390   1.000 25.07058  ? 87  LYS A C   1 
ATOM   594 O O   . LYS A 1 87  ? -6.61568  -11.09174 4.54067   1.000 26.90964  ? 87  LYS A O   1 
ATOM   595 C CB  . LYS A 1 87  ? -4.45021  -13.46974 4.77046   1.000 27.42764  ? 87  LYS A CB  1 
ATOM   596 C CG  . LYS A 1 87  ? -3.30942  -14.18714 4.09528   1.000 32.78654  ? 87  LYS A CG  1 
ATOM   597 C CD  . LYS A 1 87  ? -2.16785  -14.32198 5.11168   1.000 35.85835  ? 87  LYS A CD  1 
ATOM   598 C CE  . LYS A 1 87  ? -1.00434  -15.13500 4.56458   1.000 47.38266  ? 87  LYS A CE  1 
ATOM   599 N NZ  . LYS A 1 87  ? 0.21864   -14.94780 5.40208   1.000 50.89807  ? 87  LYS A NZ  1 
ATOM   600 N N   . PRO A 1 88  ? -7.43417  -12.89296 5.60575   1.000 31.02928  ? 88  PRO A N   1 
ATOM   601 C CA  . PRO A 1 88  ? -8.25129  -12.04073 6.48211   1.000 28.84789  ? 88  PRO A CA  1 
ATOM   602 C C   . PRO A 1 88  ? -7.43597  -10.97128 7.19668   1.000 26.80617  ? 88  PRO A C   1 
ATOM   603 O O   . PRO A 1 88  ? -7.93039  -9.85586  7.40773   1.000 30.55545  ? 88  PRO A O   1 
ATOM   604 C CB  . PRO A 1 88  ? -8.87080  -13.04892 7.46088   1.000 32.23058  ? 88  PRO A CB  1 
ATOM   605 C CG  . PRO A 1 88  ? -8.92920  -14.32563 6.68653   1.000 30.99856  ? 88  PRO A CG  1 
ATOM   606 C CD  . PRO A 1 88  ? -7.69137  -14.32956 5.82769   1.000 32.00353  ? 88  PRO A CD  1 
ATOM   607 N N   . GLU A 1 89  ? -6.18071  -11.26624 7.54065   1.000 27.12712  ? 89  GLU A N   1 
ATOM   608 C CA  . GLU A 1 89  ? -5.39751  -10.28261 8.27781   1.000 29.48362  ? 89  GLU A CA  1 
ATOM   609 C C   . GLU A 1 89  ? -4.91384  -9.12913  7.40689   1.000 33.11286  ? 89  GLU A C   1 
ATOM   610 O O   . GLU A 1 89  ? -4.30973  -8.19351  7.94391   1.000 29.78342  ? 89  GLU A O   1 
ATOM   611 C CB  . GLU A 1 89  ? -4.21024  -10.95373 8.97486   1.000 33.53274  ? 89  GLU A CB  1 
ATOM   612 C CG  . GLU A 1 89  ? -3.55761  -12.10453 8.22402   1.000 46.20834  ? 89  GLU A CG  1 
ATOM   613 C CD  . GLU A 1 89  ? -4.13561  -13.46468 8.60695   1.000 47.51766  ? 89  GLU A CD  1 
ATOM   614 O OE1 . GLU A 1 89  ? -5.24833  -13.79554 8.14258   1.000 36.14062  ? 89  GLU A OE1 1 
ATOM   615 O OE2 . GLU A 1 89  ? -3.48067  -14.20279 9.38033   1.000 63.02284  ? 89  GLU A OE2 1 
ATOM   616 N N   . ASP A 1 90  ? -5.17637  -9.15955  6.09569   1.000 27.34665  ? 90  ASP A N   1 
ATOM   617 C CA  . ASP A 1 90  ? -4.91280  -8.02799  5.20737   1.000 25.04592  ? 90  ASP A CA  1 
ATOM   618 C C   . ASP A 1 90  ? -6.03037  -6.98264  5.22179   1.000 24.41237  ? 90  ASP A C   1 
ATOM   619 O O   . ASP A 1 90  ? -5.90116  -5.95075  4.54989   1.000 26.38995  ? 90  ASP A O   1 
ATOM   620 C CB  . ASP A 1 90  ? -4.71607  -8.52874  3.76770   1.000 24.71759  ? 90  ASP A CB  1 
ATOM   621 C CG  . ASP A 1 90  ? -3.48430  -9.39976  3.59921   1.000 24.59502  ? 90  ASP A CG  1 
ATOM   622 O OD1 . ASP A 1 90  ? -2.41908  -9.12295  4.20649   1.000 25.31423  ? 90  ASP A OD1 1 
ATOM   623 O OD2 . ASP A 1 90  ? -3.55960  -10.36221 2.82453   1.000 27.15631  ? 90  ASP A OD2 1 
ATOM   624 N N   . THR A 1 91  ? -7.12167  -7.22910  5.95087   1.000 24.58034  ? 91  THR A N   1 
ATOM   625 C CA  . THR A 1 91  ? -8.22606  -6.27958  6.03605   1.000 24.76861  ? 91  THR A CA  1 
ATOM   626 C C   . THR A 1 91  ? -7.75056  -4.97513  6.66813   1.000 28.41141  ? 91  THR A C   1 
ATOM   627 O O   . THR A 1 91  ? -7.20662  -4.98616  7.77827   1.000 28.81128  ? 91  THR A O   1 
ATOM   628 C CB  . THR A 1 91  ? -9.35788  -6.87920  6.86997   1.000 28.42588  ? 91  THR A CB  1 
ATOM   629 O OG1 . THR A 1 91  ? -9.88904  -8.03571  6.20720   1.000 27.69443  ? 91  THR A OG1 1 
ATOM   630 C CG2 . THR A 1 91  ? -10.46015 -5.85113  7.06359   1.000 37.11990  ? 91  THR A CG2 1 
ATOM   631 N N   . ALA A 1 92  ? -7.97069  -3.85549  5.98083   1.000 25.86921  ? 92  ALA A N   1 
ATOM   632 C CA  . ALA A 1 92  ? -7.46420  -2.55939  6.44396   1.000 27.66004  ? 92  ALA A CA  1 
ATOM   633 C C   . ALA A 1 92  ? -7.87014  -1.48504  5.44676   1.000 25.74801  ? 92  ALA A C   1 
ATOM   634 O O   . ALA A 1 92  ? -8.27188  -1.78230  4.31833   1.000 26.90340  ? 92  ALA A O   1 
ATOM   635 C CB  . ALA A 1 92  ? -5.94071  -2.56127  6.59890   1.000 27.71000  ? 92  ALA A CB  1 
ATOM   636 N N   . VAL A 1 93  ? -7.72310  -0.22866  5.86326   1.000 24.37644  ? 93  VAL A N   1 
ATOM   637 C CA  . VAL A 1 93  ? -7.73221  0.87094   4.90319   1.000 24.41847  ? 93  VAL A CA  1 
ATOM   638 C C   . VAL A 1 93  ? -6.30836  1.05934   4.41685   1.000 23.92648  ? 93  VAL A C   1 
ATOM   639 O O   . VAL A 1 93  ? -5.37335  1.12393   5.21906   1.000 26.90894  ? 93  VAL A O   1 
ATOM   640 C CB  . VAL A 1 93  ? -8.27211  2.16749   5.52119   1.000 27.34241  ? 93  VAL A CB  1 
ATOM   641 C CG1 . VAL A 1 93  ? -8.38869  3.25639   4.44186   1.000 29.67045  ? 93  VAL A CG1 1 
ATOM   642 C CG2 . VAL A 1 93  ? -9.62041  1.89226   6.18093   1.000 30.38378  ? 93  VAL A CG2 1 
ATOM   643 N N   . TYR A 1 94  ? -6.14048  1.15945   3.10156   1.000 22.19426  ? 94  TYR A N   1 
ATOM   644 C CA  . TYR A 1 94  ? -4.82474  1.23635   2.47725   1.000 24.11361  ? 94  TYR A CA  1 
ATOM   645 C C   . TYR A 1 94  ? -4.60098  2.64397   1.94016   1.000 27.86801  ? 94  TYR A C   1 
ATOM   646 O O   . TYR A 1 94  ? -5.47668  3.20379   1.26453   1.000 24.98602  ? 94  TYR A O   1 
ATOM   647 C CB  . TYR A 1 94  ? -4.69719  0.20923   1.34731   1.000 22.67334  ? 94  TYR A CB  1 
ATOM   648 C CG  . TYR A 1 94  ? -4.45068  -1.19391  1.85233   1.000 26.68786  ? 94  TYR A CG  1 
ATOM   649 C CD1 . TYR A 1 94  ? -5.46784  -1.92575  2.46981   1.000 23.48900  ? 94  TYR A CD1 1 
ATOM   650 C CD2 . TYR A 1 94  ? -3.20113  -1.79280  1.71469   1.000 26.89147  ? 94  TYR A CD2 1 
ATOM   651 C CE1 . TYR A 1 94  ? -5.23741  -3.22297  2.94339   1.000 24.21057  ? 94  TYR A CE1 1 
ATOM   652 C CE2 . TYR A 1 94  ? -2.96094  -3.08678  2.18276   1.000 23.01809  ? 94  TYR A CE2 1 
ATOM   653 C CZ  . TYR A 1 94  ? -3.98281  -3.79159  2.78892   1.000 23.26657  ? 94  TYR A CZ  1 
ATOM   654 O OH  . TYR A 1 94  ? -3.74991  -5.06518  3.25463   1.000 24.57311  ? 94  TYR A OH  1 
ATOM   655 N N   . TYR A 1 95  ? -3.42169  3.21241   2.23529   1.000 23.27515  ? 95  TYR A N   1 
ATOM   656 C CA  . TYR A 1 95  ? -3.08155  4.58162   1.86786   1.000 26.74992  ? 95  TYR A CA  1 
ATOM   657 C C   . TYR A 1 95  ? -1.76350  4.58546   1.11243   1.000 28.30810  ? 95  TYR A C   1 
ATOM   658 O O   . TYR A 1 95  ? -0.89564  3.74880   1.37268   1.000 28.02601  ? 95  TYR A O   1 
ATOM   659 C CB  . TYR A 1 95  ? -2.91374  5.47718   3.10275   1.000 28.83700  ? 95  TYR A CB  1 
ATOM   660 C CG  . TYR A 1 95  ? -4.08162  5.53477   4.04913   1.000 26.45342  ? 95  TYR A CG  1 
ATOM   661 C CD1 . TYR A 1 95  ? -4.19743  4.63910   5.09868   1.000 31.49349  ? 95  TYR A CD1 1 
ATOM   662 C CD2 . TYR A 1 95  ? -5.05812  6.52018   3.91173   1.000 33.89314  ? 95  TYR A CD2 1 
ATOM   663 C CE1 . TYR A 1 95  ? -5.26156  4.70850   5.97106   1.000 33.49262  ? 95  TYR A CE1 1 
ATOM   664 C CE2 . TYR A 1 95  ? -6.12803  6.59188   4.77521   1.000 37.57585  ? 95  TYR A CE2 1 
ATOM   665 C CZ  . TYR A 1 95  ? -6.22145  5.68975   5.80796   1.000 34.85791  ? 95  TYR A CZ  1 
ATOM   666 O OH  . TYR A 1 95  ? -7.28928  5.75522   6.67691   1.000 42.41989  ? 95  TYR A OH  1 
ATOM   667 N N   . CYS A 1 96  ? -1.58939  5.54486   0.20071   1.000 26.48614  ? 96  CYS A N   1 
ATOM   668 C CA  . CYS A 1 96  ? -0.27490  5.76564   -0.38286  1.000 25.05829  ? 96  CYS A CA  1 
ATOM   669 C C   . CYS A 1 96  ? 0.21309   7.16890   -0.03501  1.000 26.89891  ? 96  CYS A C   1 
ATOM   670 O O   . CYS A 1 96  ? -0.58217  8.09804   0.13495   1.000 31.90691  ? 96  CYS A O   1 
ATOM   671 C CB  . CYS A 1 96  ? -0.26672  5.55885   -1.89329  1.000 30.08909  ? 96  CYS A CB  1 
ATOM   672 S SG  . CYS A 1 96  ? -1.21491  6.74545   -2.82059  1.000 32.86725  ? 96  CYS A SG  1 
ATOM   673 N N   . ALA A 1 97  ? 1.52876   7.30611   0.10144   1.000 27.45669  ? 97  ALA A N   1 
ATOM   674 C CA  . ALA A 1 97  ? 2.12644   8.57744   0.49797   1.000 27.90104  ? 97  ALA A CA  1 
ATOM   675 C C   . ALA A 1 97  ? 3.58337   8.57022   0.06686   1.000 30.66873  ? 97  ALA A C   1 
ATOM   676 O O   . ALA A 1 97  ? 4.17243   7.50794   -0.15811  1.000 27.30014  ? 97  ALA A O   1 
ATOM   677 C CB  . ALA A 1 97  ? 2.01308   8.80861   2.01658   1.000 30.01792  ? 97  ALA A CB  1 
ATOM   678 N N   . LYS A 1 98  ? 4.16195   9.76651   -0.05971  1.000 29.29235  ? 98  LYS A N   1 
ATOM   679 C CA  . LYS A 1 98  ? 5.60775   9.83496   -0.22237  1.000 33.18204  ? 98  LYS A CA  1 
ATOM   680 C C   . LYS A 1 98  ? 6.25966   9.12541   0.95348   1.000 29.04115  ? 98  LYS A C   1 
ATOM   681 O O   . LYS A 1 98  ? 5.80579   9.22781   2.09546   1.000 32.51432  ? 98  LYS A O   1 
ATOM   682 C CB  . LYS A 1 98  ? 6.10228   11.28496  -0.30121  1.000 34.51954  ? 98  LYS A CB  1 
ATOM   683 C CG  . LYS A 1 98  ? 5.58861   12.08038  -1.49868  1.000 37.11599  ? 98  LYS A CG  1 
ATOM   684 C CD  . LYS A 1 98  ? 5.75901   11.34345  -2.83717  1.000 49.74160  ? 98  LYS A CD  1 
ATOM   685 C CE  . LYS A 1 98  ? 7.16918   11.46608  -3.43291  1.000 57.25977  ? 98  LYS A CE  1 
ATOM   686 N NZ  . LYS A 1 98  ? 7.22177   11.00069  -4.86519  1.000 65.17343  ? 98  LYS A NZ  1 
ATOM   687 N N   . ALA A 1 99  ? 7.31826   8.37914   0.66543   1.000 29.27480  ? 99  ALA A N   1 
ATOM   688 C CA  . ALA A 1 99  ? 7.90181   7.52308   1.67865   1.000 29.56295  ? 99  ALA A CA  1 
ATOM   689 C C   . ALA A 1 99  ? 9.38726   7.40884   1.41185   1.000 30.56165  ? 99  ALA A C   1 
ATOM   690 O O   . ALA A 1 99  ? 9.86990   7.71705   0.31635   1.000 38.72895  ? 99  ALA A O   1 
ATOM   691 C CB  . ALA A 1 99  ? 7.25595   6.12910   1.70151   1.000 29.42247  ? 99  ALA A CB  1 
ATOM   692 N N   . ILE A 1 100 ? 10.10301  6.95927   2.43479   1.000 33.49578  ? 100 ILE A N   1 
ATOM   693 C CA  . ILE A 1 100 ? 11.51946  6.65545   2.33758   1.000 37.05824  ? 100 ILE A CA  1 
ATOM   694 C C   . ILE A 1 100 ? 11.75401  5.27285   2.91703   1.000 35.74030  ? 100 ILE A C   1 
ATOM   695 O O   . ILE A 1 100 ? 11.07679  4.85748   3.86597   1.000 35.83978  ? 100 ILE A O   1 
ATOM   696 C CB  . ILE A 1 100 ? 12.37055  7.70941   3.06680   1.000 43.44116  ? 100 ILE A CB  1 
ATOM   697 C CG1 . ILE A 1 100 ? 11.82652  7.90446   4.47728   1.000 41.28401  ? 100 ILE A CG1 1 
ATOM   698 C CG2 . ILE A 1 100 ? 12.35105  8.99673   2.26671   1.000 45.31584  ? 100 ILE A CG2 1 
ATOM   699 C CD1 . ILE A 1 100 ? 12.84760  8.26421   5.51195   1.000 53.17210  ? 100 ILE A CD1 1 
ATOM   700 N N   . ARG A 1 101 ? 12.68402  4.54509   2.31819   1.000 37.10397  ? 101 ARG A N   1 
ATOM   701 C CA  . ARG A 1 101 ? 13.11463  3.26913   2.86028   1.000 35.67917  ? 101 ARG A CA  1 
ATOM   702 C C   . ARG A 1 101 ? 14.25517  3.53755   3.83415   1.000 38.64999  ? 101 ARG A C   1 
ATOM   703 O O   . ARG A 1 101 ? 15.38225  3.82090   3.42030   1.000 52.05509  ? 101 ARG A O   1 
ATOM   704 C CB  . ARG A 1 101 ? 13.53635  2.32478   1.74661   1.000 44.08834  ? 101 ARG A CB  1 
ATOM   705 C CG  . ARG A 1 101 ? 13.77209  0.94936   2.24926   1.000 54.24692  ? 101 ARG A CG  1 
ATOM   706 C CD  . ARG A 1 101 ? 14.18107  0.09415   1.11832   1.000 59.26647  ? 101 ARG A CD  1 
ATOM   707 N NE  . ARG A 1 101 ? 15.43223  0.55349   0.54745   1.000 71.10354  ? 101 ARG A NE  1 
ATOM   708 C CZ  . ARG A 1 101 ? 16.27485  -0.24634  -0.08008  1.000 79.79562  ? 101 ARG A CZ  1 
ATOM   709 N NH1 . ARG A 1 101 ? 16.03975  -1.54613  -0.18285  1.000 74.28148  ? 101 ARG A NH1 1 
ATOM   710 N NH2 . ARG A 1 101 ? 17.37894  0.26715   -0.61300  1.000 83.51330  ? 101 ARG A NH2 1 
ATOM   711 N N   . LEU A 1 102 ? 13.95364  3.44725   5.12408   1.000 40.61737  ? 102 LEU A N   1 
ATOM   712 C CA  . LEU A 1 102 ? 14.85947  3.82948   6.19920   1.000 49.64269  ? 102 LEU A CA  1 
ATOM   713 C C   . LEU A 1 102 ? 15.45870  2.57634   6.82636   1.000 55.94436  ? 102 LEU A C   1 
ATOM   714 O O   . LEU A 1 102 ? 14.73649  1.77433   7.43027   1.000 54.75564  ? 102 LEU A O   1 
ATOM   715 C CB  . LEU A 1 102 ? 14.11102  4.64799   7.24916   1.000 46.80954  ? 102 LEU A CB  1 
ATOM   716 C CG  . LEU A 1 102 ? 14.92948  5.35693   8.32198   1.000 59.10038  ? 102 LEU A CG  1 
ATOM   717 C CD1 . LEU A 1 102 ? 15.21771  6.78556   7.88780   1.000 59.67627  ? 102 LEU A CD1 1 
ATOM   718 C CD2 . LEU A 1 102 ? 14.18725  5.32064   9.65051   1.000 53.24855  ? 102 LEU A CD2 1 
ATOM   719 N N   . THR A 1 103 ? 16.77500  2.42095   6.69729   1.000 64.08435  ? 103 THR A N   1 
ATOM   720 C CA  . THR A 1 103 ? 17.49194  1.25832   7.20784   1.000 65.73667  ? 103 THR A CA  1 
ATOM   721 C C   . THR A 1 103 ? 18.19180  1.61625   8.51281   1.000 71.32806  ? 103 THR A C   1 
ATOM   722 O O   . THR A 1 103 ? 18.87024  2.64642   8.59305   1.000 68.85196  ? 103 THR A O   1 
ATOM   723 C CB  . THR A 1 103 ? 18.52130  0.76533   6.18829   1.000 65.04160  ? 103 THR A CB  1 
ATOM   724 O OG1 . THR A 1 103 ? 17.86043  0.39458   4.97240   1.000 60.28406  ? 103 THR A OG1 1 
ATOM   725 C CG2 . THR A 1 103 ? 19.29323  -0.42901  6.73434   1.000 68.03478  ? 103 THR A CG2 1 
ATOM   726 N N   . THR A 1 104 ? 18.02250  0.77560   9.52944   1.000 74.38251  ? 104 THR A N   1 
ATOM   727 C CA  . THR A 1 104 ? 18.74636  0.94961   10.78788  1.000 75.41087  ? 104 THR A CA  1 
ATOM   728 C C   . THR A 1 104 ? 19.24238  -0.39170  11.33361  1.000 72.22681  ? 104 THR A C   1 
ATOM   729 O O   . THR A 1 104 ? 18.68649  -0.93121  12.29431  1.000 72.31979  ? 104 THR A O   1 
ATOM   730 C CB  . THR A 1 104 ? 17.87754  1.64156   11.86172  1.000 70.43251  ? 104 THR A CB  1 
ATOM   731 O OG1 . THR A 1 104 ? 16.70571  0.85802   12.11682  1.000 71.94678  ? 104 THR A OG1 1 
ATOM   732 C CG2 . THR A 1 104 ? 17.47009  3.04890   11.41618  1.000 63.09911  ? 104 THR A CG2 1 
ATOM   733 N N   . THR A 1 107 ? 15.18663  -2.17419  8.55064   1.000 60.44774  ? 107 THR A N   1 
ATOM   734 C CA  . THR A 1 107 ? 14.70620  -1.48518  7.35411   1.000 50.74583  ? 107 THR A CA  1 
ATOM   735 C C   . THR A 1 107 ? 13.17452  -1.38906  7.33307   1.000 47.21606  ? 107 THR A C   1 
ATOM   736 O O   . THR A 1 107 ? 12.47206  -2.39816  7.43872   1.000 42.33908  ? 107 THR A O   1 
ATOM   737 C CB  . THR A 1 107 ? 15.19849  -2.18788  6.07707   1.000 55.90279  ? 107 THR A CB  1 
ATOM   738 O OG1 . THR A 1 107 ? 16.63012  -2.21408  6.07539   1.000 66.00366  ? 107 THR A OG1 1 
ATOM   739 C CG2 . THR A 1 107 ? 14.70945  -1.45588  4.82633   1.000 50.12601  ? 107 THR A CG2 1 
ATOM   740 N N   . GLN A 1 108 ? 12.66329  -0.16393  7.20682   1.000 46.19677  ? 108 GLN A N   1 
ATOM   741 C CA  . GLN A 1 108 ? 11.23169  0.10137   7.24800   1.000 40.54932  ? 108 GLN A CA  1 
ATOM   742 C C   . GLN A 1 108 ? 10.84217  1.03309   6.11132   1.000 37.61607  ? 108 GLN A C   1 
ATOM   743 O O   . GLN A 1 108 ? 11.64860  1.83687   5.63869   1.000 38.91032  ? 108 GLN A O   1 
ATOM   744 C CB  . GLN A 1 108 ? 10.79452  0.75731   8.57005   1.000 45.59121  ? 108 GLN A CB  1 
ATOM   745 C CG  . GLN A 1 108 ? 11.21096  0.03976   9.83545   1.000 56.51214  ? 108 GLN A CG  1 
ATOM   746 C CD  . GLN A 1 108 ? 10.78357  0.79311   11.08548  1.000 70.84339  ? 108 GLN A CD  1 
ATOM   747 O OE1 . GLN A 1 108 ? 9.74229   1.45710   11.10307  1.000 75.27648  ? 108 GLN A OE1 1 
ATOM   748 N NE2 . GLN A 1 108 ? 11.59052  0.69746   12.13697  1.000 77.20410  ? 108 GLN A NE2 1 
ATOM   749 N N   . CYS A 1 109 ? 9.58923   0.92938   5.68091   1.000 37.53833  ? 109 CYS A N   1 
ATOM   750 C CA  . CYS A 1 109 ? 8.98507   1.96276   4.85467   1.000 31.58699  ? 109 CYS A CA  1 
ATOM   751 C C   . CYS A 1 109 ? 8.36410   2.99335   5.78503   1.000 29.95447  ? 109 CYS A C   1 
ATOM   752 O O   . CYS A 1 109 ? 7.49114   2.65978   6.59129   1.000 38.00245  ? 109 CYS A O   1 
ATOM   753 C CB  . CYS A 1 109 ? 7.92213   1.38945   3.91351   1.000 29.14346  ? 109 CYS A CB  1 
ATOM   754 S SG  . CYS A 1 109 ? 8.53965   0.21760   2.67132   1.000 32.35389  ? 109 CYS A SG  1 
ATOM   755 N N   . VAL A 1 110 ? 8.81325   4.23605   5.67081   1.000 31.88257  ? 110 VAL A N   1 
ATOM   756 C CA  . VAL A 1 110 ? 8.43601   5.30567   6.58336   1.000 34.85269  ? 110 VAL A CA  1 
ATOM   757 C C   . VAL A 1 110 ? 7.81846   6.43620   5.76954   1.000 29.92208  ? 110 VAL A C   1 
ATOM   758 O O   . VAL A 1 110 ? 8.35208   6.81591   4.72291   1.000 31.90506  ? 110 VAL A O   1 
ATOM   759 C CB  . VAL A 1 110 ? 9.65894   5.79641   7.38489   1.000 35.67510  ? 110 VAL A CB  1 
ATOM   760 C CG1 . VAL A 1 110 ? 9.25908   6.85556   8.40260   1.000 41.72523  ? 110 VAL A CG1 1 
ATOM   761 C CG2 . VAL A 1 110 ? 10.33260  4.61291   8.06102   1.000 40.22530  ? 110 VAL A CG2 1 
ATOM   762 N N   . ALA A 1 111 ? 6.68375   6.95442   6.24021   1.000 33.33457  ? 111 ALA A N   1 
ATOM   763 C CA  . ALA A 1 111 ? 6.07586   8.10489   5.58884   1.000 30.45465  ? 111 ALA A CA  1 
ATOM   764 C C   . ALA A 1 111 ? 7.00874   9.30278   5.66792   1.000 37.21120  ? 111 ALA A C   1 
ATOM   765 O O   . ALA A 1 111 ? 7.64720   9.53974   6.69748   1.000 38.84605  ? 111 ALA A O   1 
ATOM   766 C CB  . ALA A 1 111 ? 4.73746   8.44124   6.24601   1.000 37.97235  ? 111 ALA A CB  1 
ATOM   767 N N   . PHE A 1 112 ? 7.07208   10.05316  4.58516   1.000 36.89421  ? 112 PHE A N   1 
ATOM   768 C CA  . PHE A 1 112 ? 7.88823   11.25438  4.58115   1.000 43.92443  ? 112 PHE A CA  1 
ATOM   769 C C   . PHE A 1 112 ? 7.36725   12.23209  5.63418   1.000 48.34709  ? 112 PHE A C   1 
ATOM   770 O O   . PHE A 1 112 ? 6.14770   12.35265  5.81604   1.000 41.90719  ? 112 PHE A O   1 
ATOM   771 C CB  . PHE A 1 112 ? 7.86105   11.90798  3.20165   1.000 44.25128  ? 112 PHE A CB  1 
ATOM   772 C CG  . PHE A 1 112 ? 9.17449   12.48086  2.77920   1.000 51.12549  ? 112 PHE A CG  1 
ATOM   773 C CD1 . PHE A 1 112 ? 9.58871   13.71389  3.24295   1.000 54.62492  ? 112 PHE A CD1 1 
ATOM   774 C CD2 . PHE A 1 112 ? 10.00004  11.78156  1.91342   1.000 53.51126  ? 112 PHE A CD2 1 
ATOM   775 C CE1 . PHE A 1 112 ? 10.80700  14.24293  2.85784   1.000 59.95217  ? 112 PHE A CE1 1 
ATOM   776 C CE2 . PHE A 1 112 ? 11.21575  12.30487  1.51783   1.000 61.90338  ? 112 PHE A CE2 1 
ATOM   777 C CZ  . PHE A 1 112 ? 11.62302  13.53531  1.99207   1.000 61.78591  ? 112 PHE A CZ  1 
ATOM   778 N N   . PRO A 1 113 ? 8.23750   12.91488  6.37669   1.000 48.19898  ? 113 PRO A N   1 
ATOM   779 C CA  . PRO A 1 113 ? 7.76790   13.91872  7.34112   1.000 45.93623  ? 113 PRO A CA  1 
ATOM   780 C C   . PRO A 1 113 ? 6.85362   14.94416  6.68323   1.000 47.44750  ? 113 PRO A C   1 
ATOM   781 O O   . PRO A 1 113 ? 7.06529   15.35220  5.53851   1.000 55.73974  ? 113 PRO A O   1 
ATOM   782 C CB  . PRO A 1 113 ? 9.06600   14.56482  7.83752   1.000 49.96296  ? 113 PRO A CB  1 
ATOM   783 C CG  . PRO A 1 113 ? 10.10028  13.50411  7.68219   1.000 50.48157  ? 113 PRO A CG  1 
ATOM   784 C CD  . PRO A 1 113 ? 9.66091   12.61931  6.53482   1.000 44.20390  ? 113 PRO A CD  1 
ATOM   785 N N   . GLY A 1 114 ? 5.82915   15.36573  7.41962   1.000 51.02352  ? 114 GLY A N   1 
ATOM   786 C CA  . GLY A 1 114 ? 4.90662   16.35320  6.89394   1.000 53.15470  ? 114 GLY A CA  1 
ATOM   787 C C   . GLY A 1 114 ? 3.95058   15.84624  5.84056   1.000 58.00833  ? 114 GLY A C   1 
ATOM   788 O O   . GLY A 1 114 ? 3.27676   16.65476  5.19391   1.000 59.22801  ? 114 GLY A O   1 
ATOM   789 N N   . VAL A 1 115 ? 3.87396   14.52868  5.63944   1.000 53.55072  ? 115 VAL A N   1 
ATOM   790 C CA  . VAL A 1 115 ? 2.94155   13.97455  4.66875   1.000 53.40969  ? 115 VAL A CA  1 
ATOM   791 C C   . VAL A 1 115 ? 1.50796   14.24126  5.11675   1.000 48.40329  ? 115 VAL A C   1 
ATOM   792 O O   . VAL A 1 115 ? 1.17567   14.15337  6.30608   1.000 53.64909  ? 115 VAL A O   1 
ATOM   793 C CB  . VAL A 1 115 ? 3.21933   12.47062  4.48655   1.000 51.34379  ? 115 VAL A CB  1 
ATOM   794 C CG1 . VAL A 1 115 ? 1.95760   11.71270  4.06642   1.000 58.18441  ? 115 VAL A CG1 1 
ATOM   795 C CG2 . VAL A 1 115 ? 4.35424   12.25445  3.47196   1.000 49.17527  ? 115 VAL A CG2 1 
ATOM   796 N N   . SER A 1 116 ? 0.65003   14.58068  4.16060   1.000 50.92713  ? 116 SER A N   1 
ATOM   797 C CA  . SER A 1 116 ? -0.77724  14.73356  4.40975   1.000 53.16551  ? 116 SER A CA  1 
ATOM   798 C C   . SER A 1 116 ? -1.50257  13.50732  3.86350   1.000 56.02695  ? 116 SER A C   1 
ATOM   799 O O   . SER A 1 116 ? -1.46937  13.24436  2.65367   1.000 49.18306  ? 116 SER A O   1 
ATOM   800 C CB  . SER A 1 116 ? -1.31121  16.01386  3.76927   1.000 53.40712  ? 116 SER A CB  1 
ATOM   801 O OG  . SER A 1 116 ? -2.62521  16.27963  4.22406   1.000 63.26493  ? 116 SER A OG  1 
ATOM   802 N N   . TRP A 1 117 ? -2.15145  12.75922  4.75025   1.000 52.29203  ? 117 TRP A N   1 
ATOM   803 C CA  . TRP A 1 117 ? -2.79564  11.52145  4.34016   1.000 45.50463  ? 117 TRP A CA  1 
ATOM   804 C C   . TRP A 1 117 ? -4.09593  11.80015  3.60590   1.000 45.06667  ? 117 TRP A C   1 
ATOM   805 O O   . TRP A 1 117 ? -4.88749  12.65322  4.01102   1.000 55.96280  ? 117 TRP A O   1 
ATOM   806 C CB  . TRP A 1 117 ? -3.05715  10.63765  5.55440   1.000 38.77483  ? 117 TRP A CB  1 
ATOM   807 C CG  . TRP A 1 117 ? -1.79923  10.23474  6.22330   1.000 45.77418  ? 117 TRP A CG  1 
ATOM   808 C CD1 . TRP A 1 117 ? -1.22403  10.82521  7.30247   1.000 48.96984  ? 117 TRP A CD1 1 
ATOM   809 C CD2 . TRP A 1 117 ? -0.93461  9.16422   5.83806   1.000 46.45965  ? 117 TRP A CD2 1 
ATOM   810 N NE1 . TRP A 1 117 ? -0.05975  10.17943  7.62922   1.000 50.72384  ? 117 TRP A NE1 1 
ATOM   811 C CE2 . TRP A 1 117 ? 0.14059   9.15340   6.74243   1.000 43.82992  ? 117 TRP A CE2 1 
ATOM   812 C CE3 . TRP A 1 117 ? -0.97381  8.20189   4.82532   1.000 44.14104  ? 117 TRP A CE3 1 
ATOM   813 C CZ2 . TRP A 1 117 ? 1.17114   8.22359   6.66227   1.000 42.25245  ? 117 TRP A CZ2 1 
ATOM   814 C CZ3 . TRP A 1 117 ? 0.04938   7.28004   4.74807   1.000 34.51088  ? 117 TRP A CZ3 1 
ATOM   815 C CH2 . TRP A 1 117 ? 1.10678   7.29540   5.65886   1.000 36.37417  ? 117 TRP A CH2 1 
ATOM   816 N N   . GLY A 1 118 ? -4.31259  11.07576  2.51198   1.000 44.04353  ? 118 GLY A N   1 
ATOM   817 C CA  . GLY A 1 118 ? -5.55619  11.15525  1.76846   1.000 39.53754  ? 118 GLY A CA  1 
ATOM   818 C C   . GLY A 1 118 ? -6.64131  10.29205  2.37852   1.000 40.76973  ? 118 GLY A C   1 
ATOM   819 O O   . GLY A 1 118 ? -6.62123  9.97679   3.57213   1.000 40.38097  ? 118 GLY A O   1 
ATOM   820 N N   . ARG A 1 119 ? -7.60063  9.88922   1.54727   1.000 36.62543  ? 119 ARG A N   1 
ATOM   821 C CA  . ARG A 1 119 ? -8.73284  9.11013   2.02798   1.000 37.39436  ? 119 ARG A CA  1 
ATOM   822 C C   . ARG A 1 119 ? -8.49031  7.60547   2.01167   1.000 37.75597  ? 119 ARG A C   1 
ATOM   823 O O   . ARG A 1 119 ? -9.09883  6.88169   2.80921   1.000 38.30207  ? 119 ARG A O   1 
ATOM   824 C CB  . ARG A 1 119 ? -9.97253  9.42216   1.19738   1.000 38.43537  ? 119 ARG A CB  1 
ATOM   825 C CG  . ARG A 1 119 ? -11.19045 8.77077   1.75981   1.000 32.69747  ? 119 ARG A CG  1 
ATOM   826 C CD  . ARG A 1 119 ? -12.38410 9.32469   1.11534   1.000 49.19048  ? 119 ARG A CD  1 
ATOM   827 N NE  . ARG A 1 119 ? -12.66665 10.67477  1.57210   1.000 51.00424  ? 119 ARG A NE  1 
ATOM   828 C CZ  . ARG A 1 119 ? -13.44304 10.96152  2.60772   1.000 46.77473  ? 119 ARG A CZ  1 
ATOM   829 N NH1 . ARG A 1 119 ? -13.98252 10.00798  3.35302   1.000 43.39085  ? 119 ARG A NH1 1 
ATOM   830 N NH2 . ARG A 1 119 ? -13.68829 12.23639  2.89745   1.000 46.81405  ? 119 ARG A NH2 1 
ATOM   831 N N   . GLY A 1 120 ? -7.63648  7.11758   1.11638   1.000 32.56426  ? 120 GLY A N   1 
ATOM   832 C CA  . GLY A 1 120 ? -7.32651  5.70780   1.07673   1.000 31.26584  ? 120 GLY A CA  1 
ATOM   833 C C   . GLY A 1 120 ? -8.41473  4.90165   0.39050   1.000 28.49076  ? 120 GLY A C   1 
ATOM   834 O O   . GLY A 1 120 ? -9.38500  5.44016   -0.15978  1.000 29.66721  ? 120 GLY A O   1 
ATOM   835 N N   . THR A 1 121 ? -8.24443  3.57895   0.42057   1.000 24.56592  ? 121 THR A N   1 
ATOM   836 C CA  . THR A 1 121 ? -9.23543  2.68172   -0.16059  1.000 23.65341  ? 121 THR A CA  1 
ATOM   837 C C   . THR A 1 121 ? -9.37298  1.46200   0.74504   1.000 27.65477  ? 121 THR A C   1 
ATOM   838 O O   . THR A 1 121 ? -8.37258  0.93797   1.25698   1.000 26.95478  ? 121 THR A O   1 
ATOM   839 C CB  . THR A 1 121 ? -8.86092  2.30716   -1.61056  1.000 25.61228  ? 121 THR A CB  1 
ATOM   840 O OG1 . THR A 1 121 ? -9.94827  1.60928   -2.24640  1.000 24.29944  ? 121 THR A OG1 1 
ATOM   841 C CG2 . THR A 1 121 ? -7.57438  1.46250   -1.67238  1.000 22.67605  ? 121 THR A CG2 1 
ATOM   842 N N   A GLN A 1 122 ? -10.60725 1.02563   0.97052   0.480 24.63955  ? 122 GLN A N   1 
ATOM   843 N N   B GLN A 1 122 ? -10.62275 1.03232   0.96008   0.520 24.63138  ? 122 GLN A N   1 
ATOM   844 C CA  A GLN A 1 122 ? -10.85637 0.00227   1.97678   0.480 25.29270  ? 122 GLN A CA  1 
ATOM   845 C CA  B GLN A 1 122 ? -10.92409 -0.01928  1.92663   0.520 25.35461  ? 122 GLN A CA  1 
ATOM   846 C C   A GLN A 1 122 ? -10.75688 -1.38788  1.35205   0.480 25.17501  ? 122 GLN A C   1 
ATOM   847 C C   B GLN A 1 122 ? -10.72241 -1.39763  1.30677   0.520 25.15801  ? 122 GLN A C   1 
ATOM   848 O O   A GLN A 1 122 ? -11.30901 -1.63390  0.27286   0.480 24.54256  ? 122 GLN A O   1 
ATOM   849 O O   B GLN A 1 122 ? -11.20186 -1.65726  0.20050   0.520 24.50546  ? 122 GLN A O   1 
ATOM   850 C CB  A GLN A 1 122 ? -12.22625 0.21401   2.61961   0.480 27.48663  ? 122 GLN A CB  1 
ATOM   851 C CB  B GLN A 1 122 ? -12.36414 0.11059   2.42096   0.520 27.25530  ? 122 GLN A CB  1 
ATOM   852 C CG  A GLN A 1 122 ? -12.35039 1.53638   3.37537   0.480 27.12028  ? 122 GLN A CG  1 
ATOM   853 C CG  B GLN A 1 122 ? -12.83205 -1.06240  3.28614   0.520 31.33916  ? 122 GLN A CG  1 
ATOM   854 C CD  A GLN A 1 122 ? -13.76492 1.78803   3.86024   0.480 28.05411  ? 122 GLN A CD  1 
ATOM   855 C CD  B GLN A 1 122 ? -12.38526 -0.95054  4.73555   0.520 31.55453  ? 122 GLN A CD  1 
ATOM   856 O OE1 A GLN A 1 122 ? -14.43093 0.88248   4.35168   0.480 34.11654  ? 122 GLN A OE1 1 
ATOM   857 O OE1 B GLN A 1 122 ? -12.84932 -0.08326  5.46712   0.520 40.31114  ? 122 GLN A OE1 1 
ATOM   858 N NE2 A GLN A 1 122 ? -14.23672 3.01120   3.69919   0.480 31.01674  ? 122 GLN A NE2 1 
ATOM   859 N NE2 B GLN A 1 122 ? -11.49545 -1.83715  5.15920   0.520 30.58094  ? 122 GLN A NE2 1 
ATOM   860 N N   . VAL A 1 123 ? -10.06894 -2.29384  2.02371   1.000 24.86966  ? 123 VAL A N   1 
ATOM   861 C CA  . VAL A 1 123 ? -9.88160  -3.65498  1.61514   1.000 23.64708  ? 123 VAL A CA  1 
ATOM   862 C C   . VAL A 1 123 ? -10.41944 -4.55411  2.71632   1.000 25.00962  ? 123 VAL A C   1 
ATOM   863 O O   . VAL A 1 123 ? -9.97841  -4.45242  3.86090   1.000 28.08447  ? 123 VAL A O   1 
ATOM   864 C CB  . VAL A 1 123 ? -8.40126  -3.96437  1.39505   1.000 23.12296  ? 123 VAL A CB  1 
ATOM   865 C CG1 . VAL A 1 123 ? -8.15020  -5.44197  1.24095   1.000 25.44923  ? 123 VAL A CG1 1 
ATOM   866 C CG2 . VAL A 1 123 ? -7.90177  -3.25716  0.17472   1.000 21.58158  ? 123 VAL A CG2 1 
ATOM   867 N N   . THR A 1 124 ? -11.35489 -5.43143  2.39662   1.000 24.22696  ? 124 THR A N   1 
ATOM   868 C CA  . THR A 1 124 ? -11.88443 -6.36715  3.38892   1.000 27.27104  ? 124 THR A CA  1 
ATOM   869 C C   . THR A 1 124 ? -11.76063 -7.77448  2.83596   1.000 23.79602  ? 124 THR A C   1 
ATOM   870 O O   . THR A 1 124 ? -12.21629 -8.03445  1.71896   1.000 26.66981  ? 124 THR A O   1 
ATOM   871 C CB  . THR A 1 124 ? -13.35909 -6.10113  3.74312   1.000 30.45905  ? 124 THR A CB  1 
ATOM   872 O OG1 . THR A 1 124 ? -13.50612 -4.77451  4.24848   1.000 31.73029  ? 124 THR A OG1 1 
ATOM   873 C CG2 . THR A 1 124 ? -13.82398 -7.07717  4.81926   1.000 34.69276  ? 124 THR A CG2 1 
ATOM   874 N N   . VAL A 1 125 ? -11.12350 -8.66777  3.59428   1.000 26.10725  ? 125 VAL A N   1 
ATOM   875 C CA  . VAL A 1 125 ? -10.98730 -10.07224 3.21309   1.000 28.11095  ? 125 VAL A CA  1 
ATOM   876 C C   . VAL A 1 125 ? -11.79898 -10.90344 4.19723   1.000 27.61825  ? 125 VAL A C   1 
ATOM   877 O O   . VAL A 1 125 ? -11.47745 -10.95333 5.39136   1.000 31.53121  ? 125 VAL A O   1 
ATOM   878 C CB  . VAL A 1 125 ? -9.52042  -10.53093 3.18842   1.000 27.60573  ? 125 VAL A CB  1 
ATOM   879 C CG1 . VAL A 1 125 ? -9.40834  -11.94409 2.60180   1.000 27.53143  ? 125 VAL A CG1 1 
ATOM   880 C CG2 . VAL A 1 125 ? -8.64762  -9.55689  2.39438   1.000 25.35964  ? 125 VAL A CG2 1 
ATOM   881 N N   . SER A 1 126 ? -12.84141 -11.56121 3.69936   1.000 32.81865  ? 126 SER A N   1 
ATOM   882 C CA  . SER A 1 126 ? -13.69978 -12.37468 4.55429   1.000 38.25988  ? 126 SER A CA  1 
ATOM   883 C C   . SER A 1 126 ? -14.47796 -13.35943 3.69504   1.000 44.34611  ? 126 SER A C   1 
ATOM   884 O O   . SER A 1 126 ? -14.72382 -13.11246 2.51093   1.000 41.83194  ? 126 SER A O   1 
ATOM   885 C CB  . SER A 1 126 ? -14.67418 -11.51254 5.35586   1.000 46.78415  ? 126 SER A CB  1 
ATOM   886 O OG  . SER A 1 126 ? -15.69051 -11.01208 4.50776   1.000 52.75121  ? 126 SER A OG  1 
ATOM   887 N N   . SER A 1 127 ? -14.88537 -14.46454 4.31230   1.000 53.25071  ? 127 SER A N   1 
ATOM   888 C CA  . SER A 1 127 ? -15.63462 -15.50196 3.60504   1.000 56.30746  ? 127 SER A CA  1 
ATOM   889 C C   . SER A 1 127 ? -17.11439 -15.44990 3.96256   1.000 57.10742  ? 127 SER A C   1 
ATOM   890 O O   . SER A 1 127 ? -17.92508 -14.92192 3.20542   1.000 63.14545  ? 127 SER A O   1 
ATOM   891 C CB  . SER A 1 127 ? -15.06073 -16.88235 3.92183   1.000 49.77244  ? 127 SER A CB  1 
ATOM   892 O OG  . SER A 1 127 ? -14.96443 -17.07784 5.32235   1.000 57.80428  ? 127 SER A OG  1 
HETATM 893 O O   . HOH B 2 .   ? -9.92849  1.71365   -9.08126  1.000 36.29126  ? 201 HOH A O   1 
HETATM 894 O O   . HOH B 2 .   ? -5.04961  3.45453   -12.48903 1.000 52.07498  ? 202 HOH A O   1 
HETATM 895 O O   . HOH B 2 .   ? -8.45328  6.05649   -9.95000  1.000 47.12464  ? 203 HOH A O   1 
HETATM 896 O O   . HOH B 2 .   ? -6.47719  -0.97932  -9.79061  1.000 40.88993  ? 204 HOH A O   1 
HETATM 897 O O   . HOH B 2 .   ? -11.32062 -18.89653 -0.45899  1.000 37.13074  ? 205 HOH A O   1 
HETATM 898 O O   . HOH B 2 .   ? 1.91877   -6.22209  8.76373   1.000 46.40254  ? 206 HOH A O   1 
HETATM 899 O O   . HOH B 2 .   ? -3.83066  -5.87027  19.02824  1.000 45.74825  ? 207 HOH A O   1 
HETATM 900 O O   . HOH B 2 .   ? 8.29140   -4.00693  -8.56443  1.000 41.77570  ? 208 HOH A O   1 
HETATM 901 O O   . HOH B 2 .   ? 9.27908   -5.82756  -6.25082  1.000 34.11220  ? 209 HOH A O   1 
HETATM 902 O O   . HOH B 2 .   ? -6.25642  -1.47115  19.95465  1.000 45.15767  ? 210 HOH A O   1 
HETATM 903 O O   . HOH B 2 .   ? -5.83348  5.59009   -8.15793  1.000 33.01990  ? 211 HOH A O   1 
HETATM 904 O O   . HOH B 2 .   ? -2.96497  9.05326   1.41842   1.000 36.70260  ? 212 HOH A O   1 
HETATM 905 O O   . HOH B 2 .   ? -7.66407  1.64430   -9.84480  1.000 45.36235  ? 213 HOH A O   1 
HETATM 906 O O   . HOH B 2 .   ? -15.86834 11.28890  4.75694   1.000 40.39131  ? 214 HOH A O   1 
HETATM 907 O O   . HOH B 2 .   ? -0.57996  4.89061   13.35574  1.000 44.93150  ? 215 HOH A O   1 
HETATM 908 O O   . HOH B 2 .   ? -9.40750  7.44009   -2.24403  1.000 26.15474  ? 216 HOH A O   1 
HETATM 909 O O   . HOH B 2 .   ? 2.04158   -9.75581  -6.15636  1.000 27.70004  ? 217 HOH A O   1 
HETATM 910 O O   . HOH B 2 .   ? -10.94975 4.87115   3.07072   1.000 40.99474  ? 218 HOH A O   1 
HETATM 911 O O   . HOH B 2 .   ? -1.07104  -9.46947  6.58241   1.000 32.05771  ? 219 HOH A O   1 
HETATM 912 O O   . HOH B 2 .   ? -8.83630  -3.98185  -7.52791  1.000 32.28409  ? 220 HOH A O   1 
HETATM 913 O O   . HOH B 2 .   ? -6.12930  10.31623  -1.28310  1.000 39.17757  ? 221 HOH A O   1 
HETATM 914 O O   . HOH B 2 .   ? -15.45883 14.27639  3.52155   1.000 31.95422  ? 222 HOH A O   1 
HETATM 915 O O   . HOH B 2 .   ? 6.84029   -9.40251  -2.56525  1.000 36.76052  ? 223 HOH A O   1 
HETATM 916 O O   . HOH B 2 .   ? -15.00775 -10.27051 -4.56293  1.000 49.25490  ? 224 HOH A O   1 
HETATM 917 O O   . HOH B 2 .   ? -7.63280  4.20646   9.00168   1.000 42.71767  ? 225 HOH A O   1 
HETATM 918 O O   . HOH B 2 .   ? -8.82845  -8.18141  -8.76194  1.000 33.24800  ? 226 HOH A O   1 
HETATM 919 O O   . HOH B 2 .   ? -4.18674  -5.36764  7.82075   1.000 35.43936  ? 227 HOH A O   1 
HETATM 920 O O   . HOH B 2 .   ? 11.72976  -6.33834  0.94021   1.000 35.84395  ? 228 HOH A O   1 
HETATM 921 O O   . HOH B 2 .   ? -5.82438  -8.37908  -9.25570  1.000 28.82564  ? 229 HOH A O   1 
HETATM 922 O O   . HOH B 2 .   ? 9.29565   -3.70792  7.11029   1.000 45.59124  ? 230 HOH A O   1 
HETATM 923 O O   . HOH B 2 .   ? 8.07265   -1.32439  6.65769   1.000 46.94844  ? 231 HOH A O   1 
HETATM 924 O O   . HOH B 2 .   ? -13.64047 -13.06144 -3.81116  1.000 37.80074  ? 232 HOH A O   1 
HETATM 925 O O   . HOH B 2 .   ? 2.30625   -4.28520  -9.14823  1.000 27.72371  ? 233 HOH A O   1 
HETATM 926 O O   . HOH B 2 .   ? 3.40313   -12.97540 2.91974   1.000 44.74358  ? 234 HOH A O   1 
HETATM 927 O O   . HOH B 2 .   ? 5.40328   6.15474   8.74438   1.000 45.13944  ? 235 HOH A O   1 
HETATM 928 O O   . HOH B 2 .   ? 7.09265   -5.26261  -10.94318 1.000 54.12550  ? 236 HOH A O   1 
HETATM 929 O O   . HOH B 2 .   ? 0.58715   -1.99085  13.21524  1.000 47.45901  ? 237 HOH A O   1 
HETATM 930 O O   . HOH B 2 .   ? -2.62277  -1.70305  10.91327  1.000 37.95785  ? 238 HOH A O   1 
HETATM 931 O O   . HOH B 2 .   ? -0.68993  12.89653  -13.74365 1.000 54.97490  ? 239 HOH A O   1 
HETATM 932 O O   . HOH B 2 .   ? -4.20150  15.11152  6.45085   1.000 52.93732  ? 240 HOH A O   1 
HETATM 933 O O   . HOH B 2 .   ? 8.17570   -0.78402  -10.88631 1.000 40.50809  ? 241 HOH A O   1 
HETATM 934 O O   . HOH B 2 .   ? -7.14632  -6.88908  10.11834  1.000 47.29309  ? 242 HOH A O   1 
HETATM 935 O O   . HOH B 2 .   ? -10.50482 -1.99794  8.01472   1.000 37.54236  ? 243 HOH A O   1 
HETATM 936 O O   . HOH B 2 .   ? 2.17056   12.04116  0.39026   1.000 39.69464  ? 244 HOH A O   1 
HETATM 937 O O   . HOH B 2 .   ? -6.61984  2.36991   14.80290  1.000 54.65522  ? 245 HOH A O   1 
HETATM 938 O O   . HOH B 2 .   ? -1.50667  13.30735  -1.11252  1.000 47.05208  ? 246 HOH A O   1 
HETATM 939 O O   . HOH B 2 .   ? 5.76287   2.25433   9.26697   1.000 51.78699  ? 247 HOH A O   1 
HETATM 940 O O   . HOH B 2 .   ? 0.10428   -11.80997 7.32263   1.000 40.53518  ? 248 HOH A O   1 
HETATM 941 O O   . HOH B 2 .   ? -13.85649 6.54597   3.12329   1.000 41.30441  ? 249 HOH A O   1 
HETATM 942 O O   . HOH B 2 .   ? 0.57761   -8.06721  9.91660   1.000 47.48068  ? 250 HOH A O   1 
HETATM 943 O O   . HOH B 2 .   ? -8.35092  9.98844   -2.10215  1.000 39.94436  ? 251 HOH A O   1 
HETATM 944 O O   . HOH B 2 .   ? 3.74496   4.60297   8.89923   1.000 51.52849  ? 252 HOH A O   1 
HETATM 945 O O   . HOH B 2 .   ? -12.36684 -3.65984  9.08155   1.000 49.17109  ? 253 HOH A O   1 
# 
